data_1F32
# 
_entry.id   1F32 
# 
_audit_conform.dict_name       mmcif_pdbx.dic 
_audit_conform.dict_version    5.398 
_audit_conform.dict_location   http://mmcif.pdb.org/dictionaries/ascii/mmcif_pdbx.dic 
# 
loop_
_database_2.database_id 
_database_2.database_code 
_database_2.pdbx_database_accession 
_database_2.pdbx_DOI 
PDB   1F32         pdb_00001f32 10.2210/pdb1f32/pdb 
RCSB  RCSB011183   ?            ?                   
WWPDB D_1000011183 ?            ?                   
# 
loop_
_pdbx_audit_revision_history.ordinal 
_pdbx_audit_revision_history.data_content_type 
_pdbx_audit_revision_history.major_revision 
_pdbx_audit_revision_history.minor_revision 
_pdbx_audit_revision_history.revision_date 
1 'Structure model' 1 0 2001-02-01 
2 'Structure model' 1 1 2008-04-27 
3 'Structure model' 1 2 2011-07-13 
4 'Structure model' 1 3 2018-04-04 
5 'Structure model' 1 4 2024-11-13 
# 
_pdbx_audit_revision_details.ordinal             1 
_pdbx_audit_revision_details.revision_ordinal    1 
_pdbx_audit_revision_details.data_content_type   'Structure model' 
_pdbx_audit_revision_details.provider            repository 
_pdbx_audit_revision_details.type                'Initial release' 
_pdbx_audit_revision_details.description         ? 
_pdbx_audit_revision_details.details             ? 
# 
loop_
_pdbx_audit_revision_group.ordinal 
_pdbx_audit_revision_group.revision_ordinal 
_pdbx_audit_revision_group.data_content_type 
_pdbx_audit_revision_group.group 
1 2 'Structure model' 'Version format compliance' 
2 3 'Structure model' 'Version format compliance' 
3 4 'Structure model' 'Data collection'           
4 5 'Structure model' 'Data collection'           
5 5 'Structure model' 'Database references'       
6 5 'Structure model' 'Structure summary'         
# 
loop_
_pdbx_audit_revision_category.ordinal 
_pdbx_audit_revision_category.revision_ordinal 
_pdbx_audit_revision_category.data_content_type 
_pdbx_audit_revision_category.category 
1 4 'Structure model' diffrn_source             
2 5 'Structure model' chem_comp_atom            
3 5 'Structure model' chem_comp_bond            
4 5 'Structure model' database_2                
5 5 'Structure model' pdbx_entry_details        
6 5 'Structure model' pdbx_modification_feature 
# 
loop_
_pdbx_audit_revision_item.ordinal 
_pdbx_audit_revision_item.revision_ordinal 
_pdbx_audit_revision_item.data_content_type 
_pdbx_audit_revision_item.item 
1 4 'Structure model' '_diffrn_source.type'                 
2 5 'Structure model' '_database_2.pdbx_DOI'                
3 5 'Structure model' '_database_2.pdbx_database_accession' 
# 
_pdbx_database_status.status_code                     REL 
_pdbx_database_status.entry_id                        1F32 
_pdbx_database_status.recvd_initial_deposition_date   2000-05-31 
_pdbx_database_status.deposit_site                    RCSB 
_pdbx_database_status.process_site                    RCSB 
_pdbx_database_status.status_code_sf                  REL 
_pdbx_database_status.SG_entry                        . 
_pdbx_database_status.pdb_format_compatible           Y 
_pdbx_database_status.status_code_mr                  ? 
_pdbx_database_status.status_code_cs                  ? 
_pdbx_database_status.methods_development_category    ? 
_pdbx_database_status.status_code_nmr_data            ? 
# 
_pdbx_database_related.db_name        PDB 
_pdbx_database_related.db_id          1F34 
_pdbx_database_related.details        'scaris pepsin inhibitor-3 bound to porcine pepsin' 
_pdbx_database_related.content_type   unspecified 
# 
loop_
_audit_author.name 
_audit_author.pdbx_ordinal 
'Ng, K.K.'       1 
'Petersen, J.F.' 2 
'Cherney, M.M.'  3 
'Garen, C.'      4 
'James, M.N.'    5 
# 
_citation.id                        primary 
_citation.title                     'Structural basis for the inhibition of porcine pepsin by Ascaris pepsin inhibitor-3.' 
_citation.journal_abbrev            Nat.Struct.Biol. 
_citation.journal_volume            7 
_citation.page_first                653 
_citation.page_last                 657 
_citation.year                      2000 
_citation.journal_id_ASTM           NSBIEW 
_citation.country                   US 
_citation.journal_id_ISSN           1072-8368 
_citation.journal_id_CSD            2024 
_citation.book_publisher            ? 
_citation.pdbx_database_id_PubMed   10932249 
_citation.pdbx_database_id_DOI      10.1038/77950 
# 
loop_
_citation_author.citation_id 
_citation_author.name 
_citation_author.ordinal 
_citation_author.identifier_ORCID 
primary 'Ng, K.K.'        1  ? 
primary 'Petersen, J.F.'  2  ? 
primary 'Cherney, M.M.'   3  ? 
primary 'Garen, C.'       4  ? 
primary 'Zalatoris, J.J.' 5  ? 
primary 'Rao-Naik, C.'    6  ? 
primary 'Dunn, B.M.'      7  ? 
primary 'Martzen, M.R.'   8  ? 
primary 'Peanasky, R.J.'  9  ? 
primary 'James, M.N.'     10 ? 
# 
loop_
_entity.id 
_entity.type 
_entity.src_method 
_entity.pdbx_description 
_entity.formula_weight 
_entity.pdbx_number_of_molecules 
_entity.pdbx_ec 
_entity.pdbx_mutation 
_entity.pdbx_fragment 
_entity.details 
1 polymer man 'MAJOR PEPSIN INHIBITOR PI-3' 16411.689 1   ? ? ? ? 
2 water   nat water                         18.015    136 ? ? ? ? 
# 
_entity_poly.entity_id                      1 
_entity_poly.type                           'polypeptide(L)' 
_entity_poly.nstd_linkage                   no 
_entity_poly.nstd_monomer                   no 
_entity_poly.pdbx_seq_one_letter_code       
;QFLFSMSTGPFICTVKDNQVFVANLPWTMLEGDDIQVGKEFAARVEDCTNVKHDMAPTCTKPPPFCGPQDMKMFNFVGCS
VLGNKLFIDQKYVRDLTAKDHAEVQTFREKIAAFEEQQENQPPSSGMPHGAVPAGGLSPPPPPSFCTVQ
;
_entity_poly.pdbx_seq_one_letter_code_can   
;QFLFSMSTGPFICTVKDNQVFVANLPWTMLEGDDIQVGKEFAARVEDCTNVKHDMAPTCTKPPPFCGPQDMKMFNFVGCS
VLGNKLFIDQKYVRDLTAKDHAEVQTFREKIAAFEEQQENQPPSSGMPHGAVPAGGLSPPPPPSFCTVQ
;
_entity_poly.pdbx_strand_id                 A 
_entity_poly.pdbx_target_identifier         ? 
# 
_pdbx_entity_nonpoly.entity_id   2 
_pdbx_entity_nonpoly.name        water 
_pdbx_entity_nonpoly.comp_id     HOH 
# 
loop_
_entity_poly_seq.entity_id 
_entity_poly_seq.num 
_entity_poly_seq.mon_id 
_entity_poly_seq.hetero 
1 1   GLN n 
1 2   PHE n 
1 3   LEU n 
1 4   PHE n 
1 5   SER n 
1 6   MET n 
1 7   SER n 
1 8   THR n 
1 9   GLY n 
1 10  PRO n 
1 11  PHE n 
1 12  ILE n 
1 13  CYS n 
1 14  THR n 
1 15  VAL n 
1 16  LYS n 
1 17  ASP n 
1 18  ASN n 
1 19  GLN n 
1 20  VAL n 
1 21  PHE n 
1 22  VAL n 
1 23  ALA n 
1 24  ASN n 
1 25  LEU n 
1 26  PRO n 
1 27  TRP n 
1 28  THR n 
1 29  MET n 
1 30  LEU n 
1 31  GLU n 
1 32  GLY n 
1 33  ASP n 
1 34  ASP n 
1 35  ILE n 
1 36  GLN n 
1 37  VAL n 
1 38  GLY n 
1 39  LYS n 
1 40  GLU n 
1 41  PHE n 
1 42  ALA n 
1 43  ALA n 
1 44  ARG n 
1 45  VAL n 
1 46  GLU n 
1 47  ASP n 
1 48  CYS n 
1 49  THR n 
1 50  ASN n 
1 51  VAL n 
1 52  LYS n 
1 53  HIS n 
1 54  ASP n 
1 55  MET n 
1 56  ALA n 
1 57  PRO n 
1 58  THR n 
1 59  CYS n 
1 60  THR n 
1 61  LYS n 
1 62  PRO n 
1 63  PRO n 
1 64  PRO n 
1 65  PHE n 
1 66  CYS n 
1 67  GLY n 
1 68  PRO n 
1 69  GLN n 
1 70  ASP n 
1 71  MET n 
1 72  LYS n 
1 73  MET n 
1 74  PHE n 
1 75  ASN n 
1 76  PHE n 
1 77  VAL n 
1 78  GLY n 
1 79  CYS n 
1 80  SER n 
1 81  VAL n 
1 82  LEU n 
1 83  GLY n 
1 84  ASN n 
1 85  LYS n 
1 86  LEU n 
1 87  PHE n 
1 88  ILE n 
1 89  ASP n 
1 90  GLN n 
1 91  LYS n 
1 92  TYR n 
1 93  VAL n 
1 94  ARG n 
1 95  ASP n 
1 96  LEU n 
1 97  THR n 
1 98  ALA n 
1 99  LYS n 
1 100 ASP n 
1 101 HIS n 
1 102 ALA n 
1 103 GLU n 
1 104 VAL n 
1 105 GLN n 
1 106 THR n 
1 107 PHE n 
1 108 ARG n 
1 109 GLU n 
1 110 LYS n 
1 111 ILE n 
1 112 ALA n 
1 113 ALA n 
1 114 PHE n 
1 115 GLU n 
1 116 GLU n 
1 117 GLN n 
1 118 GLN n 
1 119 GLU n 
1 120 ASN n 
1 121 GLN n 
1 122 PRO n 
1 123 PRO n 
1 124 SER n 
1 125 SER n 
1 126 GLY n 
1 127 MET n 
1 128 PRO n 
1 129 HIS n 
1 130 GLY n 
1 131 ALA n 
1 132 VAL n 
1 133 PRO n 
1 134 ALA n 
1 135 GLY n 
1 136 GLY n 
1 137 LEU n 
1 138 SER n 
1 139 PRO n 
1 140 PRO n 
1 141 PRO n 
1 142 PRO n 
1 143 PRO n 
1 144 SER n 
1 145 PHE n 
1 146 CYS n 
1 147 THR n 
1 148 VAL n 
1 149 GLN n 
# 
_entity_src_gen.entity_id                          1 
_entity_src_gen.pdbx_src_id                        1 
_entity_src_gen.pdbx_alt_source_flag               sample 
_entity_src_gen.pdbx_seq_type                      ? 
_entity_src_gen.pdbx_beg_seq_num                   ? 
_entity_src_gen.pdbx_end_seq_num                   ? 
_entity_src_gen.gene_src_common_name               'pig roundworm' 
_entity_src_gen.gene_src_genus                     Ascaris 
_entity_src_gen.pdbx_gene_src_gene                 ? 
_entity_src_gen.gene_src_species                   ? 
_entity_src_gen.gene_src_strain                    ? 
_entity_src_gen.gene_src_tissue                    ? 
_entity_src_gen.gene_src_tissue_fraction           ? 
_entity_src_gen.gene_src_details                   ? 
_entity_src_gen.pdbx_gene_src_fragment             ? 
_entity_src_gen.pdbx_gene_src_scientific_name      'Ascaris suum' 
_entity_src_gen.pdbx_gene_src_ncbi_taxonomy_id     6253 
_entity_src_gen.pdbx_gene_src_variant              ? 
_entity_src_gen.pdbx_gene_src_cell_line            ? 
_entity_src_gen.pdbx_gene_src_atcc                 ? 
_entity_src_gen.pdbx_gene_src_organ                ? 
_entity_src_gen.pdbx_gene_src_organelle            ? 
_entity_src_gen.pdbx_gene_src_cell                 ? 
_entity_src_gen.pdbx_gene_src_cellular_location    ? 
_entity_src_gen.host_org_common_name               ? 
_entity_src_gen.pdbx_host_org_scientific_name      'Escherichia coli' 
_entity_src_gen.pdbx_host_org_ncbi_taxonomy_id     562 
_entity_src_gen.host_org_genus                     Escherichia 
_entity_src_gen.pdbx_host_org_gene                 ? 
_entity_src_gen.pdbx_host_org_organ                ? 
_entity_src_gen.host_org_species                   ? 
_entity_src_gen.pdbx_host_org_tissue               ? 
_entity_src_gen.pdbx_host_org_tissue_fraction      ? 
_entity_src_gen.pdbx_host_org_strain               ? 
_entity_src_gen.pdbx_host_org_variant              ? 
_entity_src_gen.pdbx_host_org_cell_line            ? 
_entity_src_gen.pdbx_host_org_atcc                 ? 
_entity_src_gen.pdbx_host_org_culture_collection   ? 
_entity_src_gen.pdbx_host_org_cell                 ? 
_entity_src_gen.pdbx_host_org_organelle            ? 
_entity_src_gen.pdbx_host_org_cellular_location    ? 
_entity_src_gen.pdbx_host_org_vector_type          ? 
_entity_src_gen.pdbx_host_org_vector               ? 
_entity_src_gen.host_org_details                   ? 
_entity_src_gen.expression_system_id               ? 
_entity_src_gen.plasmid_name                       PET-3D 
_entity_src_gen.plasmid_details                    ? 
_entity_src_gen.pdbx_description                   ? 
# 
loop_
_chem_comp.id 
_chem_comp.type 
_chem_comp.mon_nstd_flag 
_chem_comp.name 
_chem_comp.pdbx_synonyms 
_chem_comp.formula 
_chem_comp.formula_weight 
ALA 'L-peptide linking' y ALANINE         ? 'C3 H7 N O2'     89.093  
ARG 'L-peptide linking' y ARGININE        ? 'C6 H15 N4 O2 1' 175.209 
ASN 'L-peptide linking' y ASPARAGINE      ? 'C4 H8 N2 O3'    132.118 
ASP 'L-peptide linking' y 'ASPARTIC ACID' ? 'C4 H7 N O4'     133.103 
CYS 'L-peptide linking' y CYSTEINE        ? 'C3 H7 N O2 S'   121.158 
GLN 'L-peptide linking' y GLUTAMINE       ? 'C5 H10 N2 O3'   146.144 
GLU 'L-peptide linking' y 'GLUTAMIC ACID' ? 'C5 H9 N O4'     147.129 
GLY 'peptide linking'   y GLYCINE         ? 'C2 H5 N O2'     75.067  
HIS 'L-peptide linking' y HISTIDINE       ? 'C6 H10 N3 O2 1' 156.162 
HOH non-polymer         . WATER           ? 'H2 O'           18.015  
ILE 'L-peptide linking' y ISOLEUCINE      ? 'C6 H13 N O2'    131.173 
LEU 'L-peptide linking' y LEUCINE         ? 'C6 H13 N O2'    131.173 
LYS 'L-peptide linking' y LYSINE          ? 'C6 H15 N2 O2 1' 147.195 
MET 'L-peptide linking' y METHIONINE      ? 'C5 H11 N O2 S'  149.211 
PHE 'L-peptide linking' y PHENYLALANINE   ? 'C9 H11 N O2'    165.189 
PRO 'L-peptide linking' y PROLINE         ? 'C5 H9 N O2'     115.130 
SER 'L-peptide linking' y SERINE          ? 'C3 H7 N O3'     105.093 
THR 'L-peptide linking' y THREONINE       ? 'C4 H9 N O3'     119.119 
TRP 'L-peptide linking' y TRYPTOPHAN      ? 'C11 H12 N2 O2'  204.225 
TYR 'L-peptide linking' y TYROSINE        ? 'C9 H11 N O3'    181.189 
VAL 'L-peptide linking' y VALINE          ? 'C5 H11 N O2'    117.146 
# 
loop_
_pdbx_poly_seq_scheme.asym_id 
_pdbx_poly_seq_scheme.entity_id 
_pdbx_poly_seq_scheme.seq_id 
_pdbx_poly_seq_scheme.mon_id 
_pdbx_poly_seq_scheme.ndb_seq_num 
_pdbx_poly_seq_scheme.pdb_seq_num 
_pdbx_poly_seq_scheme.auth_seq_num 
_pdbx_poly_seq_scheme.pdb_mon_id 
_pdbx_poly_seq_scheme.auth_mon_id 
_pdbx_poly_seq_scheme.pdb_strand_id 
_pdbx_poly_seq_scheme.pdb_ins_code 
_pdbx_poly_seq_scheme.hetero 
A 1 1   GLN 1   1   ?   ?   ?   A . n 
A 1 2   PHE 2   2   2   PHE PHE A . n 
A 1 3   LEU 3   3   3   LEU LEU A . n 
A 1 4   PHE 4   4   4   PHE PHE A . n 
A 1 5   SER 5   5   5   SER SER A . n 
A 1 6   MET 6   6   6   MET MET A . n 
A 1 7   SER 7   7   7   SER SER A . n 
A 1 8   THR 8   8   8   THR THR A . n 
A 1 9   GLY 9   9   9   GLY GLY A . n 
A 1 10  PRO 10  10  10  PRO PRO A . n 
A 1 11  PHE 11  11  11  PHE PHE A . n 
A 1 12  ILE 12  12  12  ILE ILE A . n 
A 1 13  CYS 13  13  13  CYS CYS A . n 
A 1 14  THR 14  14  14  THR THR A . n 
A 1 15  VAL 15  15  15  VAL VAL A . n 
A 1 16  LYS 16  16  16  LYS LYS A . n 
A 1 17  ASP 17  17  17  ASP ASP A . n 
A 1 18  ASN 18  18  18  ASN ASN A . n 
A 1 19  GLN 19  19  19  GLN GLN A . n 
A 1 20  VAL 20  20  20  VAL VAL A . n 
A 1 21  PHE 21  21  21  PHE PHE A . n 
A 1 22  VAL 22  22  22  VAL VAL A . n 
A 1 23  ALA 23  23  23  ALA ALA A . n 
A 1 24  ASN 24  24  24  ASN ASN A . n 
A 1 25  LEU 25  25  25  LEU LEU A . n 
A 1 26  PRO 26  26  26  PRO PRO A . n 
A 1 27  TRP 27  27  27  TRP TRP A . n 
A 1 28  THR 28  28  28  THR THR A . n 
A 1 29  MET 29  29  29  MET MET A . n 
A 1 30  LEU 30  30  30  LEU LEU A . n 
A 1 31  GLU 31  31  31  GLU GLU A . n 
A 1 32  GLY 32  32  32  GLY GLY A . n 
A 1 33  ASP 33  33  33  ASP ASP A . n 
A 1 34  ASP 34  34  34  ASP ASP A . n 
A 1 35  ILE 35  35  35  ILE ILE A . n 
A 1 36  GLN 36  36  36  GLN GLN A . n 
A 1 37  VAL 37  37  37  VAL VAL A . n 
A 1 38  GLY 38  38  38  GLY GLY A . n 
A 1 39  LYS 39  39  39  LYS LYS A . n 
A 1 40  GLU 40  40  40  GLU GLU A . n 
A 1 41  PHE 41  41  41  PHE PHE A . n 
A 1 42  ALA 42  42  42  ALA ALA A . n 
A 1 43  ALA 43  43  43  ALA ALA A . n 
A 1 44  ARG 44  44  44  ARG ARG A . n 
A 1 45  VAL 45  45  45  VAL VAL A . n 
A 1 46  GLU 46  46  46  GLU GLU A . n 
A 1 47  ASP 47  47  47  ASP ASP A . n 
A 1 48  CYS 48  48  48  CYS CYS A . n 
A 1 49  THR 49  49  49  THR THR A . n 
A 1 50  ASN 50  50  50  ASN ASN A . n 
A 1 51  VAL 51  51  51  VAL VAL A . n 
A 1 52  LYS 52  52  52  LYS LYS A . n 
A 1 53  HIS 53  53  53  HIS HIS A . n 
A 1 54  ASP 54  54  54  ASP ASP A . n 
A 1 55  MET 55  55  55  MET MET A . n 
A 1 56  ALA 56  56  56  ALA ALA A . n 
A 1 57  PRO 57  57  57  PRO PRO A . n 
A 1 58  THR 58  58  58  THR THR A . n 
A 1 59  CYS 59  59  59  CYS CYS A . n 
A 1 60  THR 60  60  60  THR THR A . n 
A 1 61  LYS 61  61  61  LYS LYS A . n 
A 1 62  PRO 62  62  62  PRO PRO A . n 
A 1 63  PRO 63  63  63  PRO PRO A . n 
A 1 64  PRO 64  64  64  PRO PRO A . n 
A 1 65  PHE 65  65  65  PHE PHE A . n 
A 1 66  CYS 66  66  66  CYS CYS A . n 
A 1 67  GLY 67  67  67  GLY GLY A . n 
A 1 68  PRO 68  68  68  PRO PRO A . n 
A 1 69  GLN 69  69  69  GLN GLN A . n 
A 1 70  ASP 70  70  70  ASP ASP A . n 
A 1 71  MET 71  71  71  MET MET A . n 
A 1 72  LYS 72  72  72  LYS LYS A . n 
A 1 73  MET 73  73  73  MET MET A . n 
A 1 74  PHE 74  74  74  PHE PHE A . n 
A 1 75  ASN 75  75  75  ASN ASN A . n 
A 1 76  PHE 76  76  76  PHE PHE A . n 
A 1 77  VAL 77  77  77  VAL VAL A . n 
A 1 78  GLY 78  78  78  GLY GLY A . n 
A 1 79  CYS 79  79  79  CYS CYS A . n 
A 1 80  SER 80  80  80  SER SER A . n 
A 1 81  VAL 81  81  81  VAL VAL A . n 
A 1 82  LEU 82  82  82  LEU LEU A . n 
A 1 83  GLY 83  83  83  GLY GLY A . n 
A 1 84  ASN 84  84  84  ASN ASN A . n 
A 1 85  LYS 85  85  85  LYS LYS A . n 
A 1 86  LEU 86  86  86  LEU LEU A . n 
A 1 87  PHE 87  87  87  PHE PHE A . n 
A 1 88  ILE 88  88  88  ILE ILE A . n 
A 1 89  ASP 89  89  89  ASP ASP A . n 
A 1 90  GLN 90  90  90  GLN GLN A . n 
A 1 91  LYS 91  91  91  LYS LYS A . n 
A 1 92  TYR 92  92  92  TYR TYR A . n 
A 1 93  VAL 93  93  93  VAL VAL A . n 
A 1 94  ARG 94  94  94  ARG ARG A . n 
A 1 95  ASP 95  95  95  ASP ASP A . n 
A 1 96  LEU 96  96  96  LEU LEU A . n 
A 1 97  THR 97  97  97  THR THR A . n 
A 1 98  ALA 98  98  98  ALA ALA A . n 
A 1 99  LYS 99  99  99  LYS LYS A . n 
A 1 100 ASP 100 100 100 ASP ASP A . n 
A 1 101 HIS 101 101 101 HIS HIS A . n 
A 1 102 ALA 102 102 102 ALA ALA A . n 
A 1 103 GLU 103 103 103 GLU GLU A . n 
A 1 104 VAL 104 104 104 VAL VAL A . n 
A 1 105 GLN 105 105 105 GLN GLN A . n 
A 1 106 THR 106 106 106 THR THR A . n 
A 1 107 PHE 107 107 107 PHE PHE A . n 
A 1 108 ARG 108 108 108 ARG ARG A . n 
A 1 109 GLU 109 109 109 GLU GLU A . n 
A 1 110 LYS 110 110 110 LYS LYS A . n 
A 1 111 ILE 111 111 111 ILE ILE A . n 
A 1 112 ALA 112 112 112 ALA ALA A . n 
A 1 113 ALA 113 113 113 ALA ALA A . n 
A 1 114 PHE 114 114 114 PHE PHE A . n 
A 1 115 GLU 115 115 115 GLU GLU A . n 
A 1 116 GLU 116 116 116 GLU GLU A . n 
A 1 117 GLN 117 117 117 GLN GLN A . n 
A 1 118 GLN 118 118 ?   ?   ?   A . n 
A 1 119 GLU 119 119 ?   ?   ?   A . n 
A 1 120 ASN 120 120 ?   ?   ?   A . n 
A 1 121 GLN 121 121 ?   ?   ?   A . n 
A 1 122 PRO 122 122 ?   ?   ?   A . n 
A 1 123 PRO 123 123 ?   ?   ?   A . n 
A 1 124 SER 124 124 ?   ?   ?   A . n 
A 1 125 SER 125 125 ?   ?   ?   A . n 
A 1 126 GLY 126 126 ?   ?   ?   A . n 
A 1 127 MET 127 127 ?   ?   ?   A . n 
A 1 128 PRO 128 128 ?   ?   ?   A . n 
A 1 129 HIS 129 129 ?   ?   ?   A . n 
A 1 130 GLY 130 130 ?   ?   ?   A . n 
A 1 131 ALA 131 131 ?   ?   ?   A . n 
A 1 132 VAL 132 132 ?   ?   ?   A . n 
A 1 133 PRO 133 133 ?   ?   ?   A . n 
A 1 134 ALA 134 134 ?   ?   ?   A . n 
A 1 135 GLY 135 135 ?   ?   ?   A . n 
A 1 136 GLY 136 136 ?   ?   ?   A . n 
A 1 137 LEU 137 137 ?   ?   ?   A . n 
A 1 138 SER 138 138 138 SER SER A . n 
A 1 139 PRO 139 139 139 PRO PRO A . n 
A 1 140 PRO 140 140 140 PRO PRO A . n 
A 1 141 PRO 141 141 141 PRO PRO A . n 
A 1 142 PRO 142 142 142 PRO PRO A . n 
A 1 143 PRO 143 143 143 PRO PRO A . n 
A 1 144 SER 144 144 144 SER SER A . n 
A 1 145 PHE 145 145 145 PHE PHE A . n 
A 1 146 CYS 146 146 146 CYS CYS A . n 
A 1 147 THR 147 147 147 THR THR A . n 
A 1 148 VAL 148 148 148 VAL VAL A . n 
A 1 149 GLN 149 149 ?   ?   ?   A . n 
# 
loop_
_pdbx_nonpoly_scheme.asym_id 
_pdbx_nonpoly_scheme.entity_id 
_pdbx_nonpoly_scheme.mon_id 
_pdbx_nonpoly_scheme.ndb_seq_num 
_pdbx_nonpoly_scheme.pdb_seq_num 
_pdbx_nonpoly_scheme.auth_seq_num 
_pdbx_nonpoly_scheme.pdb_mon_id 
_pdbx_nonpoly_scheme.auth_mon_id 
_pdbx_nonpoly_scheme.pdb_strand_id 
_pdbx_nonpoly_scheme.pdb_ins_code 
B 2 HOH 1   149 1   HOH HOH A . 
B 2 HOH 2   150 2   HOH HOH A . 
B 2 HOH 3   151 3   HOH HOH A . 
B 2 HOH 4   152 4   HOH HOH A . 
B 2 HOH 5   153 5   HOH HOH A . 
B 2 HOH 6   154 6   HOH HOH A . 
B 2 HOH 7   155 7   HOH HOH A . 
B 2 HOH 8   156 8   HOH HOH A . 
B 2 HOH 9   157 9   HOH HOH A . 
B 2 HOH 10  158 10  HOH HOH A . 
B 2 HOH 11  159 11  HOH HOH A . 
B 2 HOH 12  160 12  HOH HOH A . 
B 2 HOH 13  161 13  HOH HOH A . 
B 2 HOH 14  162 14  HOH HOH A . 
B 2 HOH 15  163 15  HOH HOH A . 
B 2 HOH 16  164 16  HOH HOH A . 
B 2 HOH 17  165 17  HOH HOH A . 
B 2 HOH 18  166 18  HOH HOH A . 
B 2 HOH 19  167 19  HOH HOH A . 
B 2 HOH 20  168 20  HOH HOH A . 
B 2 HOH 21  169 21  HOH HOH A . 
B 2 HOH 22  170 22  HOH HOH A . 
B 2 HOH 23  171 23  HOH HOH A . 
B 2 HOH 24  172 24  HOH HOH A . 
B 2 HOH 25  173 25  HOH HOH A . 
B 2 HOH 26  174 26  HOH HOH A . 
B 2 HOH 27  175 27  HOH HOH A . 
B 2 HOH 28  176 28  HOH HOH A . 
B 2 HOH 29  177 29  HOH HOH A . 
B 2 HOH 30  178 30  HOH HOH A . 
B 2 HOH 31  179 31  HOH HOH A . 
B 2 HOH 32  180 32  HOH HOH A . 
B 2 HOH 33  181 33  HOH HOH A . 
B 2 HOH 34  182 34  HOH HOH A . 
B 2 HOH 35  183 35  HOH HOH A . 
B 2 HOH 36  184 36  HOH HOH A . 
B 2 HOH 37  185 37  HOH HOH A . 
B 2 HOH 38  186 38  HOH HOH A . 
B 2 HOH 39  187 39  HOH HOH A . 
B 2 HOH 40  188 40  HOH HOH A . 
B 2 HOH 41  189 41  HOH HOH A . 
B 2 HOH 42  190 42  HOH HOH A . 
B 2 HOH 43  191 43  HOH HOH A . 
B 2 HOH 44  192 44  HOH HOH A . 
B 2 HOH 45  193 45  HOH HOH A . 
B 2 HOH 46  194 46  HOH HOH A . 
B 2 HOH 47  195 47  HOH HOH A . 
B 2 HOH 48  196 48  HOH HOH A . 
B 2 HOH 49  197 49  HOH HOH A . 
B 2 HOH 50  198 50  HOH HOH A . 
B 2 HOH 51  199 51  HOH HOH A . 
B 2 HOH 52  200 52  HOH HOH A . 
B 2 HOH 53  201 53  HOH HOH A . 
B 2 HOH 54  202 54  HOH HOH A . 
B 2 HOH 55  203 55  HOH HOH A . 
B 2 HOH 56  204 56  HOH HOH A . 
B 2 HOH 57  205 57  HOH HOH A . 
B 2 HOH 58  206 58  HOH HOH A . 
B 2 HOH 59  207 59  HOH HOH A . 
B 2 HOH 60  208 60  HOH HOH A . 
B 2 HOH 61  209 61  HOH HOH A . 
B 2 HOH 62  210 62  HOH HOH A . 
B 2 HOH 63  211 63  HOH HOH A . 
B 2 HOH 64  212 64  HOH HOH A . 
B 2 HOH 65  213 65  HOH HOH A . 
B 2 HOH 66  214 66  HOH HOH A . 
B 2 HOH 67  215 67  HOH HOH A . 
B 2 HOH 68  216 68  HOH HOH A . 
B 2 HOH 69  217 69  HOH HOH A . 
B 2 HOH 70  218 70  HOH HOH A . 
B 2 HOH 71  219 71  HOH HOH A . 
B 2 HOH 72  220 72  HOH HOH A . 
B 2 HOH 73  221 73  HOH HOH A . 
B 2 HOH 74  222 74  HOH HOH A . 
B 2 HOH 75  223 75  HOH HOH A . 
B 2 HOH 76  224 76  HOH HOH A . 
B 2 HOH 77  225 77  HOH HOH A . 
B 2 HOH 78  226 78  HOH HOH A . 
B 2 HOH 79  227 79  HOH HOH A . 
B 2 HOH 80  228 80  HOH HOH A . 
B 2 HOH 81  229 81  HOH HOH A . 
B 2 HOH 82  230 82  HOH HOH A . 
B 2 HOH 83  231 83  HOH HOH A . 
B 2 HOH 84  232 84  HOH HOH A . 
B 2 HOH 85  233 85  HOH HOH A . 
B 2 HOH 86  234 86  HOH HOH A . 
B 2 HOH 87  235 87  HOH HOH A . 
B 2 HOH 88  236 88  HOH HOH A . 
B 2 HOH 89  237 89  HOH HOH A . 
B 2 HOH 90  238 90  HOH HOH A . 
B 2 HOH 91  239 91  HOH HOH A . 
B 2 HOH 92  240 92  HOH HOH A . 
B 2 HOH 93  241 93  HOH HOH A . 
B 2 HOH 94  242 94  HOH HOH A . 
B 2 HOH 95  243 95  HOH HOH A . 
B 2 HOH 96  244 96  HOH HOH A . 
B 2 HOH 97  245 97  HOH HOH A . 
B 2 HOH 98  246 98  HOH HOH A . 
B 2 HOH 99  247 99  HOH HOH A . 
B 2 HOH 100 248 100 HOH HOH A . 
B 2 HOH 101 249 101 HOH HOH A . 
B 2 HOH 102 250 102 HOH HOH A . 
B 2 HOH 103 251 103 HOH HOH A . 
B 2 HOH 104 252 104 HOH HOH A . 
B 2 HOH 105 253 105 HOH HOH A . 
B 2 HOH 106 254 106 HOH HOH A . 
B 2 HOH 107 255 107 HOH HOH A . 
B 2 HOH 108 256 108 HOH HOH A . 
B 2 HOH 109 257 109 HOH HOH A . 
B 2 HOH 110 258 110 HOH HOH A . 
B 2 HOH 111 259 111 HOH HOH A . 
B 2 HOH 112 260 112 HOH HOH A . 
B 2 HOH 113 261 113 HOH HOH A . 
B 2 HOH 114 262 114 HOH HOH A . 
B 2 HOH 115 263 115 HOH HOH A . 
B 2 HOH 116 264 116 HOH HOH A . 
B 2 HOH 117 265 117 HOH HOH A . 
B 2 HOH 118 266 118 HOH HOH A . 
B 2 HOH 119 267 119 HOH HOH A . 
B 2 HOH 120 268 120 HOH HOH A . 
B 2 HOH 121 269 121 HOH HOH A . 
B 2 HOH 122 270 122 HOH HOH A . 
B 2 HOH 123 271 123 HOH HOH A . 
B 2 HOH 124 272 124 HOH HOH A . 
B 2 HOH 125 273 125 HOH HOH A . 
B 2 HOH 126 274 126 HOH HOH A . 
B 2 HOH 127 275 127 HOH HOH A . 
B 2 HOH 128 276 128 HOH HOH A . 
B 2 HOH 129 277 129 HOH HOH A . 
B 2 HOH 130 278 130 HOH HOH A . 
B 2 HOH 131 279 131 HOH HOH A . 
B 2 HOH 132 280 132 HOH HOH A . 
B 2 HOH 133 281 133 HOH HOH A . 
B 2 HOH 134 282 134 HOH HOH A . 
B 2 HOH 135 283 135 HOH HOH A . 
B 2 HOH 136 284 136 HOH HOH A . 
# 
loop_
_software.name 
_software.classification 
_software.version 
_software.citation_id 
_software.pdbx_ordinal 
DENZO     'data reduction' .   ? 1 
SCALEPACK 'data scaling'   .   ? 2 
SOLVE     phasing          .   ? 3 
CNS       refinement       1.0 ? 4 
# 
_cell.entry_id           1F32 
_cell.length_a           30.455 
_cell.length_b           72.717 
_cell.length_c           31.137 
_cell.angle_alpha        90.00 
_cell.angle_beta         101.03 
_cell.angle_gamma        90.00 
_cell.Z_PDB              2 
_cell.pdbx_unique_axis   ? 
# 
_symmetry.entry_id                         1F32 
_symmetry.space_group_name_H-M             'P 1 21 1' 
_symmetry.pdbx_full_space_group_name_H-M   ? 
_symmetry.cell_setting                     ? 
_symmetry.Int_Tables_number                4 
# 
_exptl.entry_id          1F32 
_exptl.method            'X-RAY DIFFRACTION' 
_exptl.crystals_number   1 
# 
_exptl_crystal.id                    1 
_exptl_crystal.density_meas          ? 
_exptl_crystal.density_percent_sol   40.29 
_exptl_crystal.density_Matthews      2.06 
_exptl_crystal.description           ? 
# 
_exptl_crystal_grow.crystal_id      1 
_exptl_crystal_grow.method          'VAPOR DIFFUSION, HANGING DROP' 
_exptl_crystal_grow.pH              7.0 
_exptl_crystal_grow.temp            298 
_exptl_crystal_grow.temp_details    ? 
_exptl_crystal_grow.pdbx_details    
'PEG 4000, potassium fluoride, spermidine-HCl, pH 7.0, VAPOR DIFFUSION, HANGING DROP, temperature 298K' 
_exptl_crystal_grow.pdbx_pH_range   ? 
# 
_diffrn.id                     1 
_diffrn.ambient_temp           100 
_diffrn.ambient_temp_details   ? 
_diffrn.crystal_id             1 
# 
_diffrn_detector.diffrn_id              1 
_diffrn_detector.detector               'IMAGE PLATE' 
_diffrn_detector.type                   'MAC Science DIP-2030B' 
_diffrn_detector.pdbx_collection_date   1997-10-03 
_diffrn_detector.details                ? 
# 
_diffrn_radiation.diffrn_id                        1 
_diffrn_radiation.wavelength_id                    1 
_diffrn_radiation.monochromator                    ? 
_diffrn_radiation.pdbx_monochromatic_or_laue_m_l   M 
_diffrn_radiation.pdbx_diffrn_protocol             'SINGLE WAVELENGTH' 
_diffrn_radiation.pdbx_scattering_type             x-ray 
# 
_diffrn_radiation_wavelength.id           1 
_diffrn_radiation_wavelength.wavelength   1.5418 
_diffrn_radiation_wavelength.wt           1.0 
# 
_diffrn_source.diffrn_id                   1 
_diffrn_source.source                      'ROTATING ANODE' 
_diffrn_source.type                        'RIGAKU RU200' 
_diffrn_source.pdbx_wavelength             1.5418 
_diffrn_source.pdbx_synchrotron_site       ? 
_diffrn_source.pdbx_synchrotron_beamline   ? 
_diffrn_source.pdbx_wavelength_list        ? 
# 
_reflns.entry_id                     1F32 
_reflns.observed_criterion_sigma_I   0.0 
_reflns.observed_criterion_sigma_F   0.0 
_reflns.d_resolution_low             20.0 
_reflns.d_resolution_high            1.75 
_reflns.number_obs                   13394 
_reflns.number_all                   13394 
_reflns.percent_possible_obs         99.6 
_reflns.pdbx_Rmerge_I_obs            0.058 
_reflns.pdbx_Rsym_value              ? 
_reflns.pdbx_netI_over_sigmaI        20.7 
_reflns.B_iso_Wilson_estimate        22.3 
_reflns.pdbx_redundancy              3.0 
_reflns.R_free_details               ? 
_reflns.limit_h_max                  ? 
_reflns.limit_h_min                  ? 
_reflns.limit_k_max                  ? 
_reflns.limit_k_min                  ? 
_reflns.limit_l_max                  ? 
_reflns.limit_l_min                  ? 
_reflns.observed_criterion_F_max     ? 
_reflns.observed_criterion_F_min     ? 
_reflns.pdbx_diffrn_id               1 
_reflns.pdbx_ordinal                 1 
# 
_reflns_shell.d_res_high             1.75 
_reflns_shell.d_res_low              1.78 
_reflns_shell.percent_possible_obs   ? 
_reflns_shell.percent_possible_all   97.6 
_reflns_shell.Rmerge_I_obs           0.263 
_reflns_shell.meanI_over_sigI_obs    ? 
_reflns_shell.pdbx_Rsym_value        ? 
_reflns_shell.pdbx_redundancy        2.5 
_reflns_shell.number_unique_all      644 
_reflns_shell.pdbx_diffrn_id         ? 
_reflns_shell.pdbx_ordinal           1 
# 
_refine.entry_id                                 1F32 
_refine.ls_number_reflns_obs                     13394 
_refine.ls_number_reflns_all                     13394 
_refine.pdbx_ls_sigma_I                          ? 
_refine.pdbx_ls_sigma_F                          0.0 
_refine.pdbx_data_cutoff_high_absF               578945.70 
_refine.pdbx_data_cutoff_low_absF                0.00 
_refine.ls_d_res_low                             19.58 
_refine.ls_d_res_high                            1.75 
_refine.ls_percent_reflns_obs                    99.5 
_refine.ls_R_factor_obs                          ? 
_refine.ls_R_factor_all                          ? 
_refine.ls_R_factor_R_work                       0.211 
_refine.ls_R_factor_R_free                       0.255 
_refine.ls_R_factor_R_free_error                 0.007 
_refine.ls_R_factor_R_free_error_details         ? 
_refine.ls_percent_reflns_R_free                 10.2 
_refine.ls_number_reflns_R_free                  1362 
_refine.ls_number_parameters                     ? 
_refine.ls_number_restraints                     ? 
_refine.occupancy_min                            ? 
_refine.occupancy_max                            ? 
_refine.B_iso_mean                               24.9 
_refine.aniso_B[1][1]                            5.76 
_refine.aniso_B[2][2]                            -2.71 
_refine.aniso_B[3][3]                            -3.05 
_refine.aniso_B[1][2]                            0.00 
_refine.aniso_B[1][3]                            0.99 
_refine.aniso_B[2][3]                            0.00 
_refine.solvent_model_details                    'FLAT MODEL' 
_refine.solvent_model_param_ksol                 0.431 
_refine.solvent_model_param_bsol                 64.74 
_refine.pdbx_ls_cross_valid_method               THROUGHOUT 
_refine.details                                  ? 
_refine.pdbx_starting_model                      ? 
_refine.pdbx_method_to_determine_struct          ? 
_refine.pdbx_isotropic_thermal_model             RESTRAINED 
_refine.pdbx_stereochemistry_target_values       'Engh & Huber' 
_refine.pdbx_stereochem_target_val_spec_case     ? 
_refine.pdbx_R_Free_selection_details            RANDOM 
_refine.pdbx_overall_ESU_R_Free                  ? 
_refine.overall_SU_B                             ? 
_refine.ls_redundancy_reflns_obs                 ? 
_refine.B_iso_min                                ? 
_refine.B_iso_max                                ? 
_refine.overall_SU_ML                            ? 
_refine.pdbx_overall_ESU_R                       ? 
_refine.pdbx_data_cutoff_high_rms_absF           ? 
_refine.correlation_coeff_Fo_to_Fc               ? 
_refine.correlation_coeff_Fo_to_Fc_free          ? 
_refine.overall_SU_R_Cruickshank_DPI             ? 
_refine.overall_SU_R_free                        ? 
_refine.pdbx_refine_id                           'X-RAY DIFFRACTION' 
_refine.pdbx_diffrn_id                           1 
_refine.pdbx_TLS_residual_ADP_flag               ? 
_refine.pdbx_solvent_vdw_probe_radii             ? 
_refine.pdbx_solvent_ion_probe_radii             ? 
_refine.pdbx_solvent_shrinkage_radii             ? 
_refine.pdbx_overall_phase_error                 ? 
_refine.pdbx_overall_SU_R_free_Cruickshank_DPI   ? 
_refine.pdbx_overall_SU_R_Blow_DPI               ? 
_refine.pdbx_overall_SU_R_free_Blow_DPI          ? 
# 
_refine_analyze.entry_id                        1F32 
_refine_analyze.Luzzati_coordinate_error_obs    0.21 
_refine_analyze.Luzzati_sigma_a_obs             0.21 
_refine_analyze.Luzzati_d_res_low_obs           5.00 
_refine_analyze.Luzzati_coordinate_error_free   0.26 
_refine_analyze.Luzzati_sigma_a_free            0.23 
_refine_analyze.Luzzati_d_res_low_free          ? 
_refine_analyze.number_disordered_residues      ? 
_refine_analyze.occupancy_sum_hydrogen          ? 
_refine_analyze.occupancy_sum_non_hydrogen      ? 
_refine_analyze.pdbx_Luzzati_d_res_high_obs     ? 
_refine_analyze.pdbx_refine_id                  'X-RAY DIFFRACTION' 
# 
_refine_hist.pdbx_refine_id                   'X-RAY DIFFRACTION' 
_refine_hist.cycle_id                         LAST 
_refine_hist.pdbx_number_atoms_protein        995 
_refine_hist.pdbx_number_atoms_nucleic_acid   0 
_refine_hist.pdbx_number_atoms_ligand         0 
_refine_hist.number_atoms_solvent             136 
_refine_hist.number_atoms_total               1131 
_refine_hist.d_res_high                       1.75 
_refine_hist.d_res_low                        19.58 
# 
loop_
_refine_ls_restr.type 
_refine_ls_restr.dev_ideal 
_refine_ls_restr.dev_ideal_target 
_refine_ls_restr.weight 
_refine_ls_restr.number 
_refine_ls_restr.pdbx_refine_id 
_refine_ls_restr.pdbx_restraint_function 
c_bond_d           0.010 ?    ? ? 'X-RAY DIFFRACTION' ? 
c_angle_deg        1.4   ?    ? ? 'X-RAY DIFFRACTION' ? 
c_dihedral_angle_d 23.9  ?    ? ? 'X-RAY DIFFRACTION' ? 
c_improper_angle_d 1.02  ?    ? ? 'X-RAY DIFFRACTION' ? 
c_mcbond_it        1.49  1.50 ? ? 'X-RAY DIFFRACTION' ? 
c_mcangle_it       2.21  2.00 ? ? 'X-RAY DIFFRACTION' ? 
c_scbond_it        2.38  2.00 ? ? 'X-RAY DIFFRACTION' ? 
c_scangle_it       3.38  2.50 ? ? 'X-RAY DIFFRACTION' ? 
# 
_refine_ls_shell.pdbx_total_number_of_bins_used   6 
_refine_ls_shell.d_res_high                       1.75 
_refine_ls_shell.d_res_low                        1.86 
_refine_ls_shell.number_reflns_R_work             1985 
_refine_ls_shell.R_factor_R_work                  0.291 
_refine_ls_shell.percent_reflns_obs               98.1 
_refine_ls_shell.R_factor_R_free                  0.327 
_refine_ls_shell.R_factor_R_free_error            0.023 
_refine_ls_shell.percent_reflns_R_free            9.2 
_refine_ls_shell.number_reflns_R_free             200 
_refine_ls_shell.redundancy_reflns_obs            ? 
_refine_ls_shell.number_reflns_all                ? 
_refine_ls_shell.number_reflns_obs                ? 
_refine_ls_shell.pdbx_refine_id                   'X-RAY DIFFRACTION' 
_refine_ls_shell.R_factor_all                     ? 
# 
loop_
_pdbx_xplor_file.serial_no 
_pdbx_xplor_file.param_file 
_pdbx_xplor_file.topol_file 
_pdbx_xplor_file.pdbx_refine_id 
1 PROTEIN_REP.PARAM PROTEIN_PI3.TOP 'X-RAY DIFFRACTION' 
2 WATER_REP.PARAM   WATER.TOP       'X-RAY DIFFRACTION' 
# 
_struct.entry_id                  1F32 
_struct.title                     'CRYSTAL STRUCTURE OF ASCARIS PEPSIN INHIBITOR-3' 
_struct.pdbx_model_details        ? 
_struct.pdbx_CASP_flag            ? 
_struct.pdbx_model_type_details   ? 
# 
_struct_keywords.entry_id        1F32 
_struct_keywords.pdbx_keywords   'HYDROLASE INHIBITOR' 
_struct_keywords.text            'proteinase inhibitor, HYDROLASE INHIBITOR' 
# 
loop_
_struct_asym.id 
_struct_asym.pdbx_blank_PDB_chainid_flag 
_struct_asym.pdbx_modified 
_struct_asym.entity_id 
_struct_asym.details 
A N N 1 ? 
B N N 2 ? 
# 
_struct_ref.id                         1 
_struct_ref.db_code                    API3_ASCSU 
_struct_ref.db_name                    UNP 
_struct_ref.entity_id                  1 
_struct_ref.pdbx_db_accession          P19400 
_struct_ref.pdbx_align_begin           21 
_struct_ref.pdbx_seq_one_letter_code   
;QFLFSMSTGPFICTVKDNQVFVANLPWTMLEGDDIQVGKEFAARVEDCTNVKHDMAPTCTKPPPFCGPQDMKMFNFVGCS
VLGNKLFIDQKYVRDLTAKDHAEVQTFREKIAAFEEQQENQPPSSGMPHGAVPAGGLSPPPPPSFCTVQ
;
_struct_ref.pdbx_db_isoform            ? 
# 
_struct_ref_seq.align_id                      1 
_struct_ref_seq.ref_id                        1 
_struct_ref_seq.pdbx_PDB_id_code              1F32 
_struct_ref_seq.pdbx_strand_id                A 
_struct_ref_seq.seq_align_beg                 1 
_struct_ref_seq.pdbx_seq_align_beg_ins_code   ? 
_struct_ref_seq.seq_align_end                 149 
_struct_ref_seq.pdbx_seq_align_end_ins_code   ? 
_struct_ref_seq.pdbx_db_accession             P19400 
_struct_ref_seq.db_align_beg                  21 
_struct_ref_seq.pdbx_db_align_beg_ins_code    ? 
_struct_ref_seq.db_align_end                  169 
_struct_ref_seq.pdbx_db_align_end_ins_code    ? 
_struct_ref_seq.pdbx_auth_seq_align_beg       1 
_struct_ref_seq.pdbx_auth_seq_align_end       149 
# 
_pdbx_struct_assembly.id                   1 
_pdbx_struct_assembly.details              author_defined_assembly 
_pdbx_struct_assembly.method_details       ? 
_pdbx_struct_assembly.oligomeric_details   monomeric 
_pdbx_struct_assembly.oligomeric_count     1 
# 
_pdbx_struct_assembly_gen.assembly_id       1 
_pdbx_struct_assembly_gen.oper_expression   1 
_pdbx_struct_assembly_gen.asym_id_list      A,B 
# 
_pdbx_struct_oper_list.id                   1 
_pdbx_struct_oper_list.type                 'identity operation' 
_pdbx_struct_oper_list.name                 1_555 
_pdbx_struct_oper_list.symmetry_operation   x,y,z 
_pdbx_struct_oper_list.matrix[1][1]         1.0000000000 
_pdbx_struct_oper_list.matrix[1][2]         0.0000000000 
_pdbx_struct_oper_list.matrix[1][3]         0.0000000000 
_pdbx_struct_oper_list.vector[1]            0.0000000000 
_pdbx_struct_oper_list.matrix[2][1]         0.0000000000 
_pdbx_struct_oper_list.matrix[2][2]         1.0000000000 
_pdbx_struct_oper_list.matrix[2][3]         0.0000000000 
_pdbx_struct_oper_list.vector[2]            0.0000000000 
_pdbx_struct_oper_list.matrix[3][1]         0.0000000000 
_pdbx_struct_oper_list.matrix[3][2]         0.0000000000 
_pdbx_struct_oper_list.matrix[3][3]         1.0000000000 
_pdbx_struct_oper_list.vector[3]            0.0000000000 
# 
loop_
_struct_conf.conf_type_id 
_struct_conf.id 
_struct_conf.pdbx_PDB_helix_id 
_struct_conf.beg_label_comp_id 
_struct_conf.beg_label_asym_id 
_struct_conf.beg_label_seq_id 
_struct_conf.pdbx_beg_PDB_ins_code 
_struct_conf.end_label_comp_id 
_struct_conf.end_label_asym_id 
_struct_conf.end_label_seq_id 
_struct_conf.pdbx_end_PDB_ins_code 
_struct_conf.beg_auth_comp_id 
_struct_conf.beg_auth_asym_id 
_struct_conf.beg_auth_seq_id 
_struct_conf.end_auth_comp_id 
_struct_conf.end_auth_asym_id 
_struct_conf.end_auth_seq_id 
_struct_conf.pdbx_PDB_helix_class 
_struct_conf.details 
_struct_conf.pdbx_PDB_helix_length 
HELX_P HELX_P1 1 GLU A 31  ? ASP A 33  ? GLU A 31  ASP A 33  5 ? 3  
HELX_P HELX_P2 2 ASP A 34  ? VAL A 51  ? ASP A 34  VAL A 51  1 ? 18 
HELX_P HELX_P3 3 ALA A 56  ? LYS A 61  ? ALA A 56  LYS A 61  1 ? 6  
HELX_P HELX_P4 4 PRO A 63  ? GLY A 67  ? PRO A 63  GLY A 67  5 ? 5  
HELX_P HELX_P5 5 THR A 97  ? GLN A 117 ? THR A 97  GLN A 117 1 ? 21 
HELX_P HELX_P6 6 PRO A 143 ? THR A 147 ? PRO A 143 THR A 147 5 ? 5  
# 
_struct_conf_type.id          HELX_P 
_struct_conf_type.criteria    ? 
_struct_conf_type.reference   ? 
# 
loop_
_struct_conn.id 
_struct_conn.conn_type_id 
_struct_conn.pdbx_leaving_atom_flag 
_struct_conn.pdbx_PDB_id 
_struct_conn.ptnr1_label_asym_id 
_struct_conn.ptnr1_label_comp_id 
_struct_conn.ptnr1_label_seq_id 
_struct_conn.ptnr1_label_atom_id 
_struct_conn.pdbx_ptnr1_label_alt_id 
_struct_conn.pdbx_ptnr1_PDB_ins_code 
_struct_conn.pdbx_ptnr1_standard_comp_id 
_struct_conn.ptnr1_symmetry 
_struct_conn.ptnr2_label_asym_id 
_struct_conn.ptnr2_label_comp_id 
_struct_conn.ptnr2_label_seq_id 
_struct_conn.ptnr2_label_atom_id 
_struct_conn.pdbx_ptnr2_label_alt_id 
_struct_conn.pdbx_ptnr2_PDB_ins_code 
_struct_conn.ptnr1_auth_asym_id 
_struct_conn.ptnr1_auth_comp_id 
_struct_conn.ptnr1_auth_seq_id 
_struct_conn.ptnr2_auth_asym_id 
_struct_conn.ptnr2_auth_comp_id 
_struct_conn.ptnr2_auth_seq_id 
_struct_conn.ptnr2_symmetry 
_struct_conn.pdbx_ptnr3_label_atom_id 
_struct_conn.pdbx_ptnr3_label_seq_id 
_struct_conn.pdbx_ptnr3_label_comp_id 
_struct_conn.pdbx_ptnr3_label_asym_id 
_struct_conn.pdbx_ptnr3_label_alt_id 
_struct_conn.pdbx_ptnr3_PDB_ins_code 
_struct_conn.details 
_struct_conn.pdbx_dist_value 
_struct_conn.pdbx_value_order 
_struct_conn.pdbx_role 
disulf1 disulf ? ? A CYS 13 SG ? ? ? 1_555 A CYS 66  SG ? ? A CYS 13 A CYS 66  1_555 ? ? ? ? ? ? ? 2.030 ? ? 
disulf2 disulf ? ? A CYS 48 SG ? ? ? 1_555 A CYS 59  SG ? ? A CYS 48 A CYS 59  1_555 ? ? ? ? ? ? ? 2.031 ? ? 
disulf3 disulf ? ? A CYS 79 SG ? ? ? 1_555 A CYS 146 SG ? ? A CYS 79 A CYS 146 1_555 ? ? ? ? ? ? ? 2.030 ? ? 
# 
_struct_conn_type.id          disulf 
_struct_conn_type.criteria    ? 
_struct_conn_type.reference   ? 
# 
loop_
_pdbx_modification_feature.ordinal 
_pdbx_modification_feature.label_comp_id 
_pdbx_modification_feature.label_asym_id 
_pdbx_modification_feature.label_seq_id 
_pdbx_modification_feature.label_alt_id 
_pdbx_modification_feature.modified_residue_label_comp_id 
_pdbx_modification_feature.modified_residue_label_asym_id 
_pdbx_modification_feature.modified_residue_label_seq_id 
_pdbx_modification_feature.modified_residue_label_alt_id 
_pdbx_modification_feature.auth_comp_id 
_pdbx_modification_feature.auth_asym_id 
_pdbx_modification_feature.auth_seq_id 
_pdbx_modification_feature.PDB_ins_code 
_pdbx_modification_feature.symmetry 
_pdbx_modification_feature.modified_residue_auth_comp_id 
_pdbx_modification_feature.modified_residue_auth_asym_id 
_pdbx_modification_feature.modified_residue_auth_seq_id 
_pdbx_modification_feature.modified_residue_PDB_ins_code 
_pdbx_modification_feature.modified_residue_symmetry 
_pdbx_modification_feature.comp_id_linking_atom 
_pdbx_modification_feature.modified_residue_id_linking_atom 
_pdbx_modification_feature.modified_residue_id 
_pdbx_modification_feature.ref_pcm_id 
_pdbx_modification_feature.ref_comp_id 
_pdbx_modification_feature.type 
_pdbx_modification_feature.category 
1 CYS A 13 ? CYS A 66  ? CYS A 13 ? 1_555 CYS A 66  ? 1_555 SG SG . . . None 'Disulfide bridge' 
2 CYS A 48 ? CYS A 59  ? CYS A 48 ? 1_555 CYS A 59  ? 1_555 SG SG . . . None 'Disulfide bridge' 
3 CYS A 79 ? CYS A 146 ? CYS A 79 ? 1_555 CYS A 146 ? 1_555 SG SG . . . None 'Disulfide bridge' 
# 
_struct_mon_prot_cis.pdbx_id                1 
_struct_mon_prot_cis.label_comp_id          GLY 
_struct_mon_prot_cis.label_seq_id           9 
_struct_mon_prot_cis.label_asym_id          A 
_struct_mon_prot_cis.label_alt_id           . 
_struct_mon_prot_cis.pdbx_PDB_ins_code      ? 
_struct_mon_prot_cis.auth_comp_id           GLY 
_struct_mon_prot_cis.auth_seq_id            9 
_struct_mon_prot_cis.auth_asym_id           A 
_struct_mon_prot_cis.pdbx_label_comp_id_2   PRO 
_struct_mon_prot_cis.pdbx_label_seq_id_2    10 
_struct_mon_prot_cis.pdbx_label_asym_id_2   A 
_struct_mon_prot_cis.pdbx_PDB_ins_code_2    ? 
_struct_mon_prot_cis.pdbx_auth_comp_id_2    PRO 
_struct_mon_prot_cis.pdbx_auth_seq_id_2     10 
_struct_mon_prot_cis.pdbx_auth_asym_id_2    A 
_struct_mon_prot_cis.pdbx_PDB_model_num     1 
_struct_mon_prot_cis.pdbx_omega_angle       0.07 
# 
loop_
_struct_sheet.id 
_struct_sheet.type 
_struct_sheet.number_strands 
_struct_sheet.details 
A ? 5 ? 
B ? 3 ? 
# 
loop_
_struct_sheet_order.sheet_id 
_struct_sheet_order.range_id_1 
_struct_sheet_order.range_id_2 
_struct_sheet_order.offset 
_struct_sheet_order.sense 
A 1 2 ? anti-parallel 
A 2 3 ? anti-parallel 
A 3 4 ? anti-parallel 
A 4 5 ? anti-parallel 
B 1 2 ? anti-parallel 
B 2 3 ? anti-parallel 
# 
loop_
_struct_sheet_range.sheet_id 
_struct_sheet_range.id 
_struct_sheet_range.beg_label_comp_id 
_struct_sheet_range.beg_label_asym_id 
_struct_sheet_range.beg_label_seq_id 
_struct_sheet_range.pdbx_beg_PDB_ins_code 
_struct_sheet_range.end_label_comp_id 
_struct_sheet_range.end_label_asym_id 
_struct_sheet_range.end_label_seq_id 
_struct_sheet_range.pdbx_end_PDB_ins_code 
_struct_sheet_range.beg_auth_comp_id 
_struct_sheet_range.beg_auth_asym_id 
_struct_sheet_range.beg_auth_seq_id 
_struct_sheet_range.end_auth_comp_id 
_struct_sheet_range.end_auth_asym_id 
_struct_sheet_range.end_auth_seq_id 
A 1 SER A 5  ? THR A 8  ? SER A 5  THR A 8  
A 2 LYS A 72 ? PHE A 76 ? LYS A 72 PHE A 76 
A 3 CYS A 79 ? LEU A 82 ? CYS A 79 LEU A 82 
A 4 LYS A 85 ? ILE A 88 ? LYS A 85 ILE A 88 
A 5 LYS A 91 ? ASP A 95 ? LYS A 91 ASP A 95 
B 1 CYS A 13 ? LYS A 16 ? CYS A 13 LYS A 16 
B 2 GLN A 19 ? VAL A 22 ? GLN A 19 VAL A 22 
B 3 LEU A 25 ? MET A 29 ? LEU A 25 MET A 29 
# 
loop_
_pdbx_struct_sheet_hbond.sheet_id 
_pdbx_struct_sheet_hbond.range_id_1 
_pdbx_struct_sheet_hbond.range_id_2 
_pdbx_struct_sheet_hbond.range_1_label_atom_id 
_pdbx_struct_sheet_hbond.range_1_label_comp_id 
_pdbx_struct_sheet_hbond.range_1_label_asym_id 
_pdbx_struct_sheet_hbond.range_1_label_seq_id 
_pdbx_struct_sheet_hbond.range_1_PDB_ins_code 
_pdbx_struct_sheet_hbond.range_1_auth_atom_id 
_pdbx_struct_sheet_hbond.range_1_auth_comp_id 
_pdbx_struct_sheet_hbond.range_1_auth_asym_id 
_pdbx_struct_sheet_hbond.range_1_auth_seq_id 
_pdbx_struct_sheet_hbond.range_2_label_atom_id 
_pdbx_struct_sheet_hbond.range_2_label_comp_id 
_pdbx_struct_sheet_hbond.range_2_label_asym_id 
_pdbx_struct_sheet_hbond.range_2_label_seq_id 
_pdbx_struct_sheet_hbond.range_2_PDB_ins_code 
_pdbx_struct_sheet_hbond.range_2_auth_atom_id 
_pdbx_struct_sheet_hbond.range_2_auth_comp_id 
_pdbx_struct_sheet_hbond.range_2_auth_asym_id 
_pdbx_struct_sheet_hbond.range_2_auth_seq_id 
A 1 2 O SER A 7  ? O SER A 7  N MET A 73 ? N MET A 73 
A 2 3 N PHE A 76 ? N PHE A 76 O CYS A 79 ? O CYS A 79 
A 3 4 N LEU A 82 ? N LEU A 82 O LYS A 85 ? O LYS A 85 
A 4 5 N ILE A 88 ? N ILE A 88 O LYS A 91 ? O LYS A 91 
B 1 2 N LYS A 16 ? N LYS A 16 O GLN A 19 ? O GLN A 19 
B 2 3 N VAL A 22 ? N VAL A 22 O LEU A 25 ? O LEU A 25 
# 
_pdbx_entry_details.entry_id                   1F32 
_pdbx_entry_details.compound_details           ? 
_pdbx_entry_details.source_details             ? 
_pdbx_entry_details.nonpolymer_details         ? 
_pdbx_entry_details.sequence_details           ? 
_pdbx_entry_details.has_ligand_of_interest     ? 
_pdbx_entry_details.has_protein_modification   Y 
# 
_pdbx_validate_torsion.id              1 
_pdbx_validate_torsion.PDB_model_num   1 
_pdbx_validate_torsion.auth_comp_id    ASN 
_pdbx_validate_torsion.auth_asym_id    A 
_pdbx_validate_torsion.auth_seq_id     18 
_pdbx_validate_torsion.PDB_ins_code    ? 
_pdbx_validate_torsion.label_alt_id    ? 
_pdbx_validate_torsion.phi             75.37 
_pdbx_validate_torsion.psi             -9.75 
# 
loop_
_pdbx_unobs_or_zero_occ_residues.id 
_pdbx_unobs_or_zero_occ_residues.PDB_model_num 
_pdbx_unobs_or_zero_occ_residues.polymer_flag 
_pdbx_unobs_or_zero_occ_residues.occupancy_flag 
_pdbx_unobs_or_zero_occ_residues.auth_asym_id 
_pdbx_unobs_or_zero_occ_residues.auth_comp_id 
_pdbx_unobs_or_zero_occ_residues.auth_seq_id 
_pdbx_unobs_or_zero_occ_residues.PDB_ins_code 
_pdbx_unobs_or_zero_occ_residues.label_asym_id 
_pdbx_unobs_or_zero_occ_residues.label_comp_id 
_pdbx_unobs_or_zero_occ_residues.label_seq_id 
1  1 Y 1 A GLN 1   ? A GLN 1   
2  1 Y 1 A GLN 118 ? A GLN 118 
3  1 Y 1 A GLU 119 ? A GLU 119 
4  1 Y 1 A ASN 120 ? A ASN 120 
5  1 Y 1 A GLN 121 ? A GLN 121 
6  1 Y 1 A PRO 122 ? A PRO 122 
7  1 Y 1 A PRO 123 ? A PRO 123 
8  1 Y 1 A SER 124 ? A SER 124 
9  1 Y 1 A SER 125 ? A SER 125 
10 1 Y 1 A GLY 126 ? A GLY 126 
11 1 Y 1 A MET 127 ? A MET 127 
12 1 Y 1 A PRO 128 ? A PRO 128 
13 1 Y 1 A HIS 129 ? A HIS 129 
14 1 Y 1 A GLY 130 ? A GLY 130 
15 1 Y 1 A ALA 131 ? A ALA 131 
16 1 Y 1 A VAL 132 ? A VAL 132 
17 1 Y 1 A PRO 133 ? A PRO 133 
18 1 Y 1 A ALA 134 ? A ALA 134 
19 1 Y 1 A GLY 135 ? A GLY 135 
20 1 Y 1 A GLY 136 ? A GLY 136 
21 1 Y 1 A LEU 137 ? A LEU 137 
22 1 Y 1 A GLN 149 ? A GLN 149 
# 
loop_
_chem_comp_atom.comp_id 
_chem_comp_atom.atom_id 
_chem_comp_atom.type_symbol 
_chem_comp_atom.pdbx_aromatic_flag 
_chem_comp_atom.pdbx_stereo_config 
_chem_comp_atom.pdbx_ordinal 
ALA N    N N N 1   
ALA CA   C N S 2   
ALA C    C N N 3   
ALA O    O N N 4   
ALA CB   C N N 5   
ALA OXT  O N N 6   
ALA H    H N N 7   
ALA H2   H N N 8   
ALA HA   H N N 9   
ALA HB1  H N N 10  
ALA HB2  H N N 11  
ALA HB3  H N N 12  
ALA HXT  H N N 13  
ARG N    N N N 14  
ARG CA   C N S 15  
ARG C    C N N 16  
ARG O    O N N 17  
ARG CB   C N N 18  
ARG CG   C N N 19  
ARG CD   C N N 20  
ARG NE   N N N 21  
ARG CZ   C N N 22  
ARG NH1  N N N 23  
ARG NH2  N N N 24  
ARG OXT  O N N 25  
ARG H    H N N 26  
ARG H2   H N N 27  
ARG HA   H N N 28  
ARG HB2  H N N 29  
ARG HB3  H N N 30  
ARG HG2  H N N 31  
ARG HG3  H N N 32  
ARG HD2  H N N 33  
ARG HD3  H N N 34  
ARG HE   H N N 35  
ARG HH11 H N N 36  
ARG HH12 H N N 37  
ARG HH21 H N N 38  
ARG HH22 H N N 39  
ARG HXT  H N N 40  
ASN N    N N N 41  
ASN CA   C N S 42  
ASN C    C N N 43  
ASN O    O N N 44  
ASN CB   C N N 45  
ASN CG   C N N 46  
ASN OD1  O N N 47  
ASN ND2  N N N 48  
ASN OXT  O N N 49  
ASN H    H N N 50  
ASN H2   H N N 51  
ASN HA   H N N 52  
ASN HB2  H N N 53  
ASN HB3  H N N 54  
ASN HD21 H N N 55  
ASN HD22 H N N 56  
ASN HXT  H N N 57  
ASP N    N N N 58  
ASP CA   C N S 59  
ASP C    C N N 60  
ASP O    O N N 61  
ASP CB   C N N 62  
ASP CG   C N N 63  
ASP OD1  O N N 64  
ASP OD2  O N N 65  
ASP OXT  O N N 66  
ASP H    H N N 67  
ASP H2   H N N 68  
ASP HA   H N N 69  
ASP HB2  H N N 70  
ASP HB3  H N N 71  
ASP HD2  H N N 72  
ASP HXT  H N N 73  
CYS N    N N N 74  
CYS CA   C N R 75  
CYS C    C N N 76  
CYS O    O N N 77  
CYS CB   C N N 78  
CYS SG   S N N 79  
CYS OXT  O N N 80  
CYS H    H N N 81  
CYS H2   H N N 82  
CYS HA   H N N 83  
CYS HB2  H N N 84  
CYS HB3  H N N 85  
CYS HG   H N N 86  
CYS HXT  H N N 87  
GLN N    N N N 88  
GLN CA   C N S 89  
GLN C    C N N 90  
GLN O    O N N 91  
GLN CB   C N N 92  
GLN CG   C N N 93  
GLN CD   C N N 94  
GLN OE1  O N N 95  
GLN NE2  N N N 96  
GLN OXT  O N N 97  
GLN H    H N N 98  
GLN H2   H N N 99  
GLN HA   H N N 100 
GLN HB2  H N N 101 
GLN HB3  H N N 102 
GLN HG2  H N N 103 
GLN HG3  H N N 104 
GLN HE21 H N N 105 
GLN HE22 H N N 106 
GLN HXT  H N N 107 
GLU N    N N N 108 
GLU CA   C N S 109 
GLU C    C N N 110 
GLU O    O N N 111 
GLU CB   C N N 112 
GLU CG   C N N 113 
GLU CD   C N N 114 
GLU OE1  O N N 115 
GLU OE2  O N N 116 
GLU OXT  O N N 117 
GLU H    H N N 118 
GLU H2   H N N 119 
GLU HA   H N N 120 
GLU HB2  H N N 121 
GLU HB3  H N N 122 
GLU HG2  H N N 123 
GLU HG3  H N N 124 
GLU HE2  H N N 125 
GLU HXT  H N N 126 
GLY N    N N N 127 
GLY CA   C N N 128 
GLY C    C N N 129 
GLY O    O N N 130 
GLY OXT  O N N 131 
GLY H    H N N 132 
GLY H2   H N N 133 
GLY HA2  H N N 134 
GLY HA3  H N N 135 
GLY HXT  H N N 136 
HIS N    N N N 137 
HIS CA   C N S 138 
HIS C    C N N 139 
HIS O    O N N 140 
HIS CB   C N N 141 
HIS CG   C Y N 142 
HIS ND1  N Y N 143 
HIS CD2  C Y N 144 
HIS CE1  C Y N 145 
HIS NE2  N Y N 146 
HIS OXT  O N N 147 
HIS H    H N N 148 
HIS H2   H N N 149 
HIS HA   H N N 150 
HIS HB2  H N N 151 
HIS HB3  H N N 152 
HIS HD1  H N N 153 
HIS HD2  H N N 154 
HIS HE1  H N N 155 
HIS HE2  H N N 156 
HIS HXT  H N N 157 
HOH O    O N N 158 
HOH H1   H N N 159 
HOH H2   H N N 160 
ILE N    N N N 161 
ILE CA   C N S 162 
ILE C    C N N 163 
ILE O    O N N 164 
ILE CB   C N S 165 
ILE CG1  C N N 166 
ILE CG2  C N N 167 
ILE CD1  C N N 168 
ILE OXT  O N N 169 
ILE H    H N N 170 
ILE H2   H N N 171 
ILE HA   H N N 172 
ILE HB   H N N 173 
ILE HG12 H N N 174 
ILE HG13 H N N 175 
ILE HG21 H N N 176 
ILE HG22 H N N 177 
ILE HG23 H N N 178 
ILE HD11 H N N 179 
ILE HD12 H N N 180 
ILE HD13 H N N 181 
ILE HXT  H N N 182 
LEU N    N N N 183 
LEU CA   C N S 184 
LEU C    C N N 185 
LEU O    O N N 186 
LEU CB   C N N 187 
LEU CG   C N N 188 
LEU CD1  C N N 189 
LEU CD2  C N N 190 
LEU OXT  O N N 191 
LEU H    H N N 192 
LEU H2   H N N 193 
LEU HA   H N N 194 
LEU HB2  H N N 195 
LEU HB3  H N N 196 
LEU HG   H N N 197 
LEU HD11 H N N 198 
LEU HD12 H N N 199 
LEU HD13 H N N 200 
LEU HD21 H N N 201 
LEU HD22 H N N 202 
LEU HD23 H N N 203 
LEU HXT  H N N 204 
LYS N    N N N 205 
LYS CA   C N S 206 
LYS C    C N N 207 
LYS O    O N N 208 
LYS CB   C N N 209 
LYS CG   C N N 210 
LYS CD   C N N 211 
LYS CE   C N N 212 
LYS NZ   N N N 213 
LYS OXT  O N N 214 
LYS H    H N N 215 
LYS H2   H N N 216 
LYS HA   H N N 217 
LYS HB2  H N N 218 
LYS HB3  H N N 219 
LYS HG2  H N N 220 
LYS HG3  H N N 221 
LYS HD2  H N N 222 
LYS HD3  H N N 223 
LYS HE2  H N N 224 
LYS HE3  H N N 225 
LYS HZ1  H N N 226 
LYS HZ2  H N N 227 
LYS HZ3  H N N 228 
LYS HXT  H N N 229 
MET N    N N N 230 
MET CA   C N S 231 
MET C    C N N 232 
MET O    O N N 233 
MET CB   C N N 234 
MET CG   C N N 235 
MET SD   S N N 236 
MET CE   C N N 237 
MET OXT  O N N 238 
MET H    H N N 239 
MET H2   H N N 240 
MET HA   H N N 241 
MET HB2  H N N 242 
MET HB3  H N N 243 
MET HG2  H N N 244 
MET HG3  H N N 245 
MET HE1  H N N 246 
MET HE2  H N N 247 
MET HE3  H N N 248 
MET HXT  H N N 249 
PHE N    N N N 250 
PHE CA   C N S 251 
PHE C    C N N 252 
PHE O    O N N 253 
PHE CB   C N N 254 
PHE CG   C Y N 255 
PHE CD1  C Y N 256 
PHE CD2  C Y N 257 
PHE CE1  C Y N 258 
PHE CE2  C Y N 259 
PHE CZ   C Y N 260 
PHE OXT  O N N 261 
PHE H    H N N 262 
PHE H2   H N N 263 
PHE HA   H N N 264 
PHE HB2  H N N 265 
PHE HB3  H N N 266 
PHE HD1  H N N 267 
PHE HD2  H N N 268 
PHE HE1  H N N 269 
PHE HE2  H N N 270 
PHE HZ   H N N 271 
PHE HXT  H N N 272 
PRO N    N N N 273 
PRO CA   C N S 274 
PRO C    C N N 275 
PRO O    O N N 276 
PRO CB   C N N 277 
PRO CG   C N N 278 
PRO CD   C N N 279 
PRO OXT  O N N 280 
PRO H    H N N 281 
PRO HA   H N N 282 
PRO HB2  H N N 283 
PRO HB3  H N N 284 
PRO HG2  H N N 285 
PRO HG3  H N N 286 
PRO HD2  H N N 287 
PRO HD3  H N N 288 
PRO HXT  H N N 289 
SER N    N N N 290 
SER CA   C N S 291 
SER C    C N N 292 
SER O    O N N 293 
SER CB   C N N 294 
SER OG   O N N 295 
SER OXT  O N N 296 
SER H    H N N 297 
SER H2   H N N 298 
SER HA   H N N 299 
SER HB2  H N N 300 
SER HB3  H N N 301 
SER HG   H N N 302 
SER HXT  H N N 303 
THR N    N N N 304 
THR CA   C N S 305 
THR C    C N N 306 
THR O    O N N 307 
THR CB   C N R 308 
THR OG1  O N N 309 
THR CG2  C N N 310 
THR OXT  O N N 311 
THR H    H N N 312 
THR H2   H N N 313 
THR HA   H N N 314 
THR HB   H N N 315 
THR HG1  H N N 316 
THR HG21 H N N 317 
THR HG22 H N N 318 
THR HG23 H N N 319 
THR HXT  H N N 320 
TRP N    N N N 321 
TRP CA   C N S 322 
TRP C    C N N 323 
TRP O    O N N 324 
TRP CB   C N N 325 
TRP CG   C Y N 326 
TRP CD1  C Y N 327 
TRP CD2  C Y N 328 
TRP NE1  N Y N 329 
TRP CE2  C Y N 330 
TRP CE3  C Y N 331 
TRP CZ2  C Y N 332 
TRP CZ3  C Y N 333 
TRP CH2  C Y N 334 
TRP OXT  O N N 335 
TRP H    H N N 336 
TRP H2   H N N 337 
TRP HA   H N N 338 
TRP HB2  H N N 339 
TRP HB3  H N N 340 
TRP HD1  H N N 341 
TRP HE1  H N N 342 
TRP HE3  H N N 343 
TRP HZ2  H N N 344 
TRP HZ3  H N N 345 
TRP HH2  H N N 346 
TRP HXT  H N N 347 
TYR N    N N N 348 
TYR CA   C N S 349 
TYR C    C N N 350 
TYR O    O N N 351 
TYR CB   C N N 352 
TYR CG   C Y N 353 
TYR CD1  C Y N 354 
TYR CD2  C Y N 355 
TYR CE1  C Y N 356 
TYR CE2  C Y N 357 
TYR CZ   C Y N 358 
TYR OH   O N N 359 
TYR OXT  O N N 360 
TYR H    H N N 361 
TYR H2   H N N 362 
TYR HA   H N N 363 
TYR HB2  H N N 364 
TYR HB3  H N N 365 
TYR HD1  H N N 366 
TYR HD2  H N N 367 
TYR HE1  H N N 368 
TYR HE2  H N N 369 
TYR HH   H N N 370 
TYR HXT  H N N 371 
VAL N    N N N 372 
VAL CA   C N S 373 
VAL C    C N N 374 
VAL O    O N N 375 
VAL CB   C N N 376 
VAL CG1  C N N 377 
VAL CG2  C N N 378 
VAL OXT  O N N 379 
VAL H    H N N 380 
VAL H2   H N N 381 
VAL HA   H N N 382 
VAL HB   H N N 383 
VAL HG11 H N N 384 
VAL HG12 H N N 385 
VAL HG13 H N N 386 
VAL HG21 H N N 387 
VAL HG22 H N N 388 
VAL HG23 H N N 389 
VAL HXT  H N N 390 
# 
loop_
_chem_comp_bond.comp_id 
_chem_comp_bond.atom_id_1 
_chem_comp_bond.atom_id_2 
_chem_comp_bond.value_order 
_chem_comp_bond.pdbx_aromatic_flag 
_chem_comp_bond.pdbx_stereo_config 
_chem_comp_bond.pdbx_ordinal 
ALA N   CA   sing N N 1   
ALA N   H    sing N N 2   
ALA N   H2   sing N N 3   
ALA CA  C    sing N N 4   
ALA CA  CB   sing N N 5   
ALA CA  HA   sing N N 6   
ALA C   O    doub N N 7   
ALA C   OXT  sing N N 8   
ALA CB  HB1  sing N N 9   
ALA CB  HB2  sing N N 10  
ALA CB  HB3  sing N N 11  
ALA OXT HXT  sing N N 12  
ARG N   CA   sing N N 13  
ARG N   H    sing N N 14  
ARG N   H2   sing N N 15  
ARG CA  C    sing N N 16  
ARG CA  CB   sing N N 17  
ARG CA  HA   sing N N 18  
ARG C   O    doub N N 19  
ARG C   OXT  sing N N 20  
ARG CB  CG   sing N N 21  
ARG CB  HB2  sing N N 22  
ARG CB  HB3  sing N N 23  
ARG CG  CD   sing N N 24  
ARG CG  HG2  sing N N 25  
ARG CG  HG3  sing N N 26  
ARG CD  NE   sing N N 27  
ARG CD  HD2  sing N N 28  
ARG CD  HD3  sing N N 29  
ARG NE  CZ   sing N N 30  
ARG NE  HE   sing N N 31  
ARG CZ  NH1  sing N N 32  
ARG CZ  NH2  doub N N 33  
ARG NH1 HH11 sing N N 34  
ARG NH1 HH12 sing N N 35  
ARG NH2 HH21 sing N N 36  
ARG NH2 HH22 sing N N 37  
ARG OXT HXT  sing N N 38  
ASN N   CA   sing N N 39  
ASN N   H    sing N N 40  
ASN N   H2   sing N N 41  
ASN CA  C    sing N N 42  
ASN CA  CB   sing N N 43  
ASN CA  HA   sing N N 44  
ASN C   O    doub N N 45  
ASN C   OXT  sing N N 46  
ASN CB  CG   sing N N 47  
ASN CB  HB2  sing N N 48  
ASN CB  HB3  sing N N 49  
ASN CG  OD1  doub N N 50  
ASN CG  ND2  sing N N 51  
ASN ND2 HD21 sing N N 52  
ASN ND2 HD22 sing N N 53  
ASN OXT HXT  sing N N 54  
ASP N   CA   sing N N 55  
ASP N   H    sing N N 56  
ASP N   H2   sing N N 57  
ASP CA  C    sing N N 58  
ASP CA  CB   sing N N 59  
ASP CA  HA   sing N N 60  
ASP C   O    doub N N 61  
ASP C   OXT  sing N N 62  
ASP CB  CG   sing N N 63  
ASP CB  HB2  sing N N 64  
ASP CB  HB3  sing N N 65  
ASP CG  OD1  doub N N 66  
ASP CG  OD2  sing N N 67  
ASP OD2 HD2  sing N N 68  
ASP OXT HXT  sing N N 69  
CYS N   CA   sing N N 70  
CYS N   H    sing N N 71  
CYS N   H2   sing N N 72  
CYS CA  C    sing N N 73  
CYS CA  CB   sing N N 74  
CYS CA  HA   sing N N 75  
CYS C   O    doub N N 76  
CYS C   OXT  sing N N 77  
CYS CB  SG   sing N N 78  
CYS CB  HB2  sing N N 79  
CYS CB  HB3  sing N N 80  
CYS SG  HG   sing N N 81  
CYS OXT HXT  sing N N 82  
GLN N   CA   sing N N 83  
GLN N   H    sing N N 84  
GLN N   H2   sing N N 85  
GLN CA  C    sing N N 86  
GLN CA  CB   sing N N 87  
GLN CA  HA   sing N N 88  
GLN C   O    doub N N 89  
GLN C   OXT  sing N N 90  
GLN CB  CG   sing N N 91  
GLN CB  HB2  sing N N 92  
GLN CB  HB3  sing N N 93  
GLN CG  CD   sing N N 94  
GLN CG  HG2  sing N N 95  
GLN CG  HG3  sing N N 96  
GLN CD  OE1  doub N N 97  
GLN CD  NE2  sing N N 98  
GLN NE2 HE21 sing N N 99  
GLN NE2 HE22 sing N N 100 
GLN OXT HXT  sing N N 101 
GLU N   CA   sing N N 102 
GLU N   H    sing N N 103 
GLU N   H2   sing N N 104 
GLU CA  C    sing N N 105 
GLU CA  CB   sing N N 106 
GLU CA  HA   sing N N 107 
GLU C   O    doub N N 108 
GLU C   OXT  sing N N 109 
GLU CB  CG   sing N N 110 
GLU CB  HB2  sing N N 111 
GLU CB  HB3  sing N N 112 
GLU CG  CD   sing N N 113 
GLU CG  HG2  sing N N 114 
GLU CG  HG3  sing N N 115 
GLU CD  OE1  doub N N 116 
GLU CD  OE2  sing N N 117 
GLU OE2 HE2  sing N N 118 
GLU OXT HXT  sing N N 119 
GLY N   CA   sing N N 120 
GLY N   H    sing N N 121 
GLY N   H2   sing N N 122 
GLY CA  C    sing N N 123 
GLY CA  HA2  sing N N 124 
GLY CA  HA3  sing N N 125 
GLY C   O    doub N N 126 
GLY C   OXT  sing N N 127 
GLY OXT HXT  sing N N 128 
HIS N   CA   sing N N 129 
HIS N   H    sing N N 130 
HIS N   H2   sing N N 131 
HIS CA  C    sing N N 132 
HIS CA  CB   sing N N 133 
HIS CA  HA   sing N N 134 
HIS C   O    doub N N 135 
HIS C   OXT  sing N N 136 
HIS CB  CG   sing N N 137 
HIS CB  HB2  sing N N 138 
HIS CB  HB3  sing N N 139 
HIS CG  ND1  sing Y N 140 
HIS CG  CD2  doub Y N 141 
HIS ND1 CE1  doub Y N 142 
HIS ND1 HD1  sing N N 143 
HIS CD2 NE2  sing Y N 144 
HIS CD2 HD2  sing N N 145 
HIS CE1 NE2  sing Y N 146 
HIS CE1 HE1  sing N N 147 
HIS NE2 HE2  sing N N 148 
HIS OXT HXT  sing N N 149 
HOH O   H1   sing N N 150 
HOH O   H2   sing N N 151 
ILE N   CA   sing N N 152 
ILE N   H    sing N N 153 
ILE N   H2   sing N N 154 
ILE CA  C    sing N N 155 
ILE CA  CB   sing N N 156 
ILE CA  HA   sing N N 157 
ILE C   O    doub N N 158 
ILE C   OXT  sing N N 159 
ILE CB  CG1  sing N N 160 
ILE CB  CG2  sing N N 161 
ILE CB  HB   sing N N 162 
ILE CG1 CD1  sing N N 163 
ILE CG1 HG12 sing N N 164 
ILE CG1 HG13 sing N N 165 
ILE CG2 HG21 sing N N 166 
ILE CG2 HG22 sing N N 167 
ILE CG2 HG23 sing N N 168 
ILE CD1 HD11 sing N N 169 
ILE CD1 HD12 sing N N 170 
ILE CD1 HD13 sing N N 171 
ILE OXT HXT  sing N N 172 
LEU N   CA   sing N N 173 
LEU N   H    sing N N 174 
LEU N   H2   sing N N 175 
LEU CA  C    sing N N 176 
LEU CA  CB   sing N N 177 
LEU CA  HA   sing N N 178 
LEU C   O    doub N N 179 
LEU C   OXT  sing N N 180 
LEU CB  CG   sing N N 181 
LEU CB  HB2  sing N N 182 
LEU CB  HB3  sing N N 183 
LEU CG  CD1  sing N N 184 
LEU CG  CD2  sing N N 185 
LEU CG  HG   sing N N 186 
LEU CD1 HD11 sing N N 187 
LEU CD1 HD12 sing N N 188 
LEU CD1 HD13 sing N N 189 
LEU CD2 HD21 sing N N 190 
LEU CD2 HD22 sing N N 191 
LEU CD2 HD23 sing N N 192 
LEU OXT HXT  sing N N 193 
LYS N   CA   sing N N 194 
LYS N   H    sing N N 195 
LYS N   H2   sing N N 196 
LYS CA  C    sing N N 197 
LYS CA  CB   sing N N 198 
LYS CA  HA   sing N N 199 
LYS C   O    doub N N 200 
LYS C   OXT  sing N N 201 
LYS CB  CG   sing N N 202 
LYS CB  HB2  sing N N 203 
LYS CB  HB3  sing N N 204 
LYS CG  CD   sing N N 205 
LYS CG  HG2  sing N N 206 
LYS CG  HG3  sing N N 207 
LYS CD  CE   sing N N 208 
LYS CD  HD2  sing N N 209 
LYS CD  HD3  sing N N 210 
LYS CE  NZ   sing N N 211 
LYS CE  HE2  sing N N 212 
LYS CE  HE3  sing N N 213 
LYS NZ  HZ1  sing N N 214 
LYS NZ  HZ2  sing N N 215 
LYS NZ  HZ3  sing N N 216 
LYS OXT HXT  sing N N 217 
MET N   CA   sing N N 218 
MET N   H    sing N N 219 
MET N   H2   sing N N 220 
MET CA  C    sing N N 221 
MET CA  CB   sing N N 222 
MET CA  HA   sing N N 223 
MET C   O    doub N N 224 
MET C   OXT  sing N N 225 
MET CB  CG   sing N N 226 
MET CB  HB2  sing N N 227 
MET CB  HB3  sing N N 228 
MET CG  SD   sing N N 229 
MET CG  HG2  sing N N 230 
MET CG  HG3  sing N N 231 
MET SD  CE   sing N N 232 
MET CE  HE1  sing N N 233 
MET CE  HE2  sing N N 234 
MET CE  HE3  sing N N 235 
MET OXT HXT  sing N N 236 
PHE N   CA   sing N N 237 
PHE N   H    sing N N 238 
PHE N   H2   sing N N 239 
PHE CA  C    sing N N 240 
PHE CA  CB   sing N N 241 
PHE CA  HA   sing N N 242 
PHE C   O    doub N N 243 
PHE C   OXT  sing N N 244 
PHE CB  CG   sing N N 245 
PHE CB  HB2  sing N N 246 
PHE CB  HB3  sing N N 247 
PHE CG  CD1  doub Y N 248 
PHE CG  CD2  sing Y N 249 
PHE CD1 CE1  sing Y N 250 
PHE CD1 HD1  sing N N 251 
PHE CD2 CE2  doub Y N 252 
PHE CD2 HD2  sing N N 253 
PHE CE1 CZ   doub Y N 254 
PHE CE1 HE1  sing N N 255 
PHE CE2 CZ   sing Y N 256 
PHE CE2 HE2  sing N N 257 
PHE CZ  HZ   sing N N 258 
PHE OXT HXT  sing N N 259 
PRO N   CA   sing N N 260 
PRO N   CD   sing N N 261 
PRO N   H    sing N N 262 
PRO CA  C    sing N N 263 
PRO CA  CB   sing N N 264 
PRO CA  HA   sing N N 265 
PRO C   O    doub N N 266 
PRO C   OXT  sing N N 267 
PRO CB  CG   sing N N 268 
PRO CB  HB2  sing N N 269 
PRO CB  HB3  sing N N 270 
PRO CG  CD   sing N N 271 
PRO CG  HG2  sing N N 272 
PRO CG  HG3  sing N N 273 
PRO CD  HD2  sing N N 274 
PRO CD  HD3  sing N N 275 
PRO OXT HXT  sing N N 276 
SER N   CA   sing N N 277 
SER N   H    sing N N 278 
SER N   H2   sing N N 279 
SER CA  C    sing N N 280 
SER CA  CB   sing N N 281 
SER CA  HA   sing N N 282 
SER C   O    doub N N 283 
SER C   OXT  sing N N 284 
SER CB  OG   sing N N 285 
SER CB  HB2  sing N N 286 
SER CB  HB3  sing N N 287 
SER OG  HG   sing N N 288 
SER OXT HXT  sing N N 289 
THR N   CA   sing N N 290 
THR N   H    sing N N 291 
THR N   H2   sing N N 292 
THR CA  C    sing N N 293 
THR CA  CB   sing N N 294 
THR CA  HA   sing N N 295 
THR C   O    doub N N 296 
THR C   OXT  sing N N 297 
THR CB  OG1  sing N N 298 
THR CB  CG2  sing N N 299 
THR CB  HB   sing N N 300 
THR OG1 HG1  sing N N 301 
THR CG2 HG21 sing N N 302 
THR CG2 HG22 sing N N 303 
THR CG2 HG23 sing N N 304 
THR OXT HXT  sing N N 305 
TRP N   CA   sing N N 306 
TRP N   H    sing N N 307 
TRP N   H2   sing N N 308 
TRP CA  C    sing N N 309 
TRP CA  CB   sing N N 310 
TRP CA  HA   sing N N 311 
TRP C   O    doub N N 312 
TRP C   OXT  sing N N 313 
TRP CB  CG   sing N N 314 
TRP CB  HB2  sing N N 315 
TRP CB  HB3  sing N N 316 
TRP CG  CD1  doub Y N 317 
TRP CG  CD2  sing Y N 318 
TRP CD1 NE1  sing Y N 319 
TRP CD1 HD1  sing N N 320 
TRP CD2 CE2  doub Y N 321 
TRP CD2 CE3  sing Y N 322 
TRP NE1 CE2  sing Y N 323 
TRP NE1 HE1  sing N N 324 
TRP CE2 CZ2  sing Y N 325 
TRP CE3 CZ3  doub Y N 326 
TRP CE3 HE3  sing N N 327 
TRP CZ2 CH2  doub Y N 328 
TRP CZ2 HZ2  sing N N 329 
TRP CZ3 CH2  sing Y N 330 
TRP CZ3 HZ3  sing N N 331 
TRP CH2 HH2  sing N N 332 
TRP OXT HXT  sing N N 333 
TYR N   CA   sing N N 334 
TYR N   H    sing N N 335 
TYR N   H2   sing N N 336 
TYR CA  C    sing N N 337 
TYR CA  CB   sing N N 338 
TYR CA  HA   sing N N 339 
TYR C   O    doub N N 340 
TYR C   OXT  sing N N 341 
TYR CB  CG   sing N N 342 
TYR CB  HB2  sing N N 343 
TYR CB  HB3  sing N N 344 
TYR CG  CD1  doub Y N 345 
TYR CG  CD2  sing Y N 346 
TYR CD1 CE1  sing Y N 347 
TYR CD1 HD1  sing N N 348 
TYR CD2 CE2  doub Y N 349 
TYR CD2 HD2  sing N N 350 
TYR CE1 CZ   doub Y N 351 
TYR CE1 HE1  sing N N 352 
TYR CE2 CZ   sing Y N 353 
TYR CE2 HE2  sing N N 354 
TYR CZ  OH   sing N N 355 
TYR OH  HH   sing N N 356 
TYR OXT HXT  sing N N 357 
VAL N   CA   sing N N 358 
VAL N   H    sing N N 359 
VAL N   H2   sing N N 360 
VAL CA  C    sing N N 361 
VAL CA  CB   sing N N 362 
VAL CA  HA   sing N N 363 
VAL C   O    doub N N 364 
VAL C   OXT  sing N N 365 
VAL CB  CG1  sing N N 366 
VAL CB  CG2  sing N N 367 
VAL CB  HB   sing N N 368 
VAL CG1 HG11 sing N N 369 
VAL CG1 HG12 sing N N 370 
VAL CG1 HG13 sing N N 371 
VAL CG2 HG21 sing N N 372 
VAL CG2 HG22 sing N N 373 
VAL CG2 HG23 sing N N 374 
VAL OXT HXT  sing N N 375 
# 
_atom_sites.entry_id                    1F32 
_atom_sites.fract_transf_matrix[1][1]   -0.01470611 
_atom_sites.fract_transf_matrix[1][2]   0.02910627 
_atom_sites.fract_transf_matrix[1][3]   0.00745920 
_atom_sites.fract_transf_matrix[2][1]   -0.01208188 
_atom_sites.fract_transf_matrix[2][2]   -0.00643816 
_atom_sites.fract_transf_matrix[2][3]   0.00130220 
_atom_sites.fract_transf_matrix[3][1]   0.00324708 
_atom_sites.fract_transf_matrix[3][2]   0.00049111 
_atom_sites.fract_transf_matrix[3][3]   0.03255478 
_atom_sites.fract_transf_vector[1]      0.752654 
_atom_sites.fract_transf_vector[2]      -0.034921 
_atom_sites.fract_transf_vector[3]      0.320032 
# 
loop_
_atom_type.symbol 
C 
N 
O 
S 
# 
loop_
_atom_site.group_PDB 
_atom_site.id 
_atom_site.type_symbol 
_atom_site.label_atom_id 
_atom_site.label_alt_id 
_atom_site.label_comp_id 
_atom_site.label_asym_id 
_atom_site.label_entity_id 
_atom_site.label_seq_id 
_atom_site.pdbx_PDB_ins_code 
_atom_site.Cartn_x 
_atom_site.Cartn_y 
_atom_site.Cartn_z 
_atom_site.occupancy 
_atom_site.B_iso_or_equiv 
_atom_site.pdbx_formal_charge 
_atom_site.auth_seq_id 
_atom_site.auth_comp_id 
_atom_site.auth_asym_id 
_atom_site.auth_atom_id 
_atom_site.pdbx_PDB_model_num 
ATOM   1    N N   . PHE A 1 2   ? 16.478  3.025   -7.847  1.00 45.37 ? 2   PHE A N   1 
ATOM   2    C CA  . PHE A 1 2   ? 16.756  3.960   -6.726  1.00 42.88 ? 2   PHE A CA  1 
ATOM   3    C C   . PHE A 1 2   ? 16.577  3.210   -5.408  1.00 41.32 ? 2   PHE A C   1 
ATOM   4    O O   . PHE A 1 2   ? 16.346  2.001   -5.397  1.00 41.29 ? 2   PHE A O   1 
ATOM   5    C CB  . PHE A 1 2   ? 15.789  5.143   -6.785  1.00 46.12 ? 2   PHE A CB  1 
ATOM   6    C CG  . PHE A 1 2   ? 16.387  6.438   -6.321  1.00 48.40 ? 2   PHE A CG  1 
ATOM   7    C CD1 . PHE A 1 2   ? 17.442  7.019   -7.021  1.00 49.94 ? 2   PHE A CD1 1 
ATOM   8    C CD2 . PHE A 1 2   ? 15.901  7.079   -5.183  1.00 49.30 ? 2   PHE A CD2 1 
ATOM   9    C CE1 . PHE A 1 2   ? 18.005  8.222   -6.596  1.00 50.18 ? 2   PHE A CE1 1 
ATOM   10   C CE2 . PHE A 1 2   ? 16.456  8.284   -4.748  1.00 50.09 ? 2   PHE A CE2 1 
ATOM   11   C CZ  . PHE A 1 2   ? 17.510  8.856   -5.456  1.00 50.88 ? 2   PHE A CZ  1 
ATOM   12   N N   . LEU A 1 3   ? 16.680  3.927   -4.298  1.00 37.40 ? 3   LEU A N   1 
ATOM   13   C CA  . LEU A 1 3   ? 16.527  3.305   -2.989  1.00 34.37 ? 3   LEU A CA  1 
ATOM   14   C C   . LEU A 1 3   ? 15.285  3.822   -2.277  1.00 30.93 ? 3   LEU A C   1 
ATOM   15   O O   . LEU A 1 3   ? 15.008  3.470   -1.131  1.00 27.30 ? 3   LEU A O   1 
ATOM   16   C CB  . LEU A 1 3   ? 17.777  3.556   -2.145  1.00 38.14 ? 3   LEU A CB  1 
ATOM   17   C CG  . LEU A 1 3   ? 18.199  4.970   -1.743  1.00 38.90 ? 3   LEU A CG  1 
ATOM   18   C CD1 . LEU A 1 3   ? 19.621  4.890   -1.196  1.00 40.52 ? 3   LEU A CD1 1 
ATOM   19   C CD2 . LEU A 1 3   ? 18.159  5.922   -2.924  1.00 40.90 ? 3   LEU A CD2 1 
ATOM   20   N N   . PHE A 1 4   ? 14.518  4.641   -2.981  1.00 27.53 ? 4   PHE A N   1 
ATOM   21   C CA  . PHE A 1 4   ? 13.314  5.210   -2.402  1.00 26.91 ? 4   PHE A CA  1 
ATOM   22   C C   . PHE A 1 4   ? 12.326  5.643   -3.474  1.00 26.96 ? 4   PHE A C   1 
ATOM   23   O O   . PHE A 1 4   ? 12.715  6.092   -4.559  1.00 25.88 ? 4   PHE A O   1 
ATOM   24   C CB  . PHE A 1 4   ? 13.706  6.415   -1.541  1.00 27.03 ? 4   PHE A CB  1 
ATOM   25   C CG  . PHE A 1 4   ? 12.543  7.159   -0.955  1.00 26.28 ? 4   PHE A CG  1 
ATOM   26   C CD1 . PHE A 1 4   ? 11.771  6.589   0.051   1.00 27.24 ? 4   PHE A CD1 1 
ATOM   27   C CD2 . PHE A 1 4   ? 12.232  8.441   -1.399  1.00 27.16 ? 4   PHE A CD2 1 
ATOM   28   C CE1 . PHE A 1 4   ? 10.703  7.288   0.613   1.00 27.26 ? 4   PHE A CE1 1 
ATOM   29   C CE2 . PHE A 1 4   ? 11.170  9.150   -0.848  1.00 25.28 ? 4   PHE A CE2 1 
ATOM   30   C CZ  . PHE A 1 4   ? 10.404  8.577   0.159   1.00 28.09 ? 4   PHE A CZ  1 
ATOM   31   N N   . SER A 1 5   ? 11.044  5.465   -3.175  1.00 24.26 ? 5   SER A N   1 
ATOM   32   C CA  . SER A 1 5   ? 9.986   5.900   -4.065  1.00 25.70 ? 5   SER A CA  1 
ATOM   33   C C   . SER A 1 5   ? 8.797   6.152   -3.155  1.00 24.93 ? 5   SER A C   1 
ATOM   34   O O   . SER A 1 5   ? 8.659   5.514   -2.102  1.00 22.27 ? 5   SER A O   1 
ATOM   35   C CB  . SER A 1 5   ? 9.646   4.841   -5.126  1.00 26.46 ? 5   SER A CB  1 
ATOM   36   O OG  . SER A 1 5   ? 8.863   3.791   -4.589  1.00 30.42 ? 5   SER A OG  1 
ATOM   37   N N   . MET A 1 6   ? 7.961   7.107   -3.539  1.00 24.78 ? 6   MET A N   1 
ATOM   38   C CA  . MET A 1 6   ? 6.785   7.430   -2.749  1.00 27.35 ? 6   MET A CA  1 
ATOM   39   C C   . MET A 1 6   ? 5.618   7.764   -3.659  1.00 27.13 ? 6   MET A C   1 
ATOM   40   O O   . MET A 1 6   ? 5.806   8.255   -4.772  1.00 29.44 ? 6   MET A O   1 
ATOM   41   C CB  . MET A 1 6   ? 7.062   8.629   -1.832  1.00 28.53 ? 6   MET A CB  1 
ATOM   42   C CG  . MET A 1 6   ? 7.180   9.958   -2.570  1.00 33.96 ? 6   MET A CG  1 
ATOM   43   S SD  . MET A 1 6   ? 7.431   11.352  -1.447  1.00 39.88 ? 6   MET A SD  1 
ATOM   44   C CE  . MET A 1 6   ? 9.100   11.846  -1.899  1.00 41.09 ? 6   MET A CE  1 
ATOM   45   N N   . SER A 1 7   ? 4.408   7.507   -3.183  1.00 28.47 ? 7   SER A N   1 
ATOM   46   C CA  . SER A 1 7   ? 3.218   7.808   -3.969  1.00 29.14 ? 7   SER A CA  1 
ATOM   47   C C   . SER A 1 7   ? 1.999   8.061   -3.093  1.00 28.78 ? 7   SER A C   1 
ATOM   48   O O   . SER A 1 7   ? 1.990   7.765   -1.894  1.00 27.57 ? 7   SER A O   1 
ATOM   49   C CB  . SER A 1 7   ? 2.927   6.672   -4.952  1.00 29.66 ? 7   SER A CB  1 
ATOM   50   O OG  . SER A 1 7   ? 2.902   5.420   -4.290  1.00 31.90 ? 7   SER A OG  1 
ATOM   51   N N   . THR A 1 8   ? 0.974   8.641   -3.699  1.00 28.23 ? 8   THR A N   1 
ATOM   52   C CA  . THR A 1 8   ? -0.259  8.925   -2.993  1.00 28.94 ? 8   THR A CA  1 
ATOM   53   C C   . THR A 1 8   ? -1.368  8.186   -3.722  1.00 26.55 ? 8   THR A C   1 
ATOM   54   O O   . THR A 1 8   ? -1.297  7.996   -4.929  1.00 27.65 ? 8   THR A O   1 
ATOM   55   C CB  . THR A 1 8   ? -0.551  10.444  -2.980  1.00 29.87 ? 8   THR A CB  1 
ATOM   56   O OG1 . THR A 1 8   ? 0.433   11.105  -2.173  1.00 32.43 ? 8   THR A OG1 1 
ATOM   57   C CG2 . THR A 1 8   ? -1.931  10.716  -2.409  1.00 31.69 ? 8   THR A CG2 1 
ATOM   58   N N   . GLY A 1 9   ? -2.381  7.754   -2.982  1.00 27.71 ? 9   GLY A N   1 
ATOM   59   C CA  . GLY A 1 9   ? -3.484  7.033   -3.590  1.00 27.92 ? 9   GLY A CA  1 
ATOM   60   C C   . GLY A 1 9   ? -4.320  7.901   -4.512  1.00 27.99 ? 9   GLY A C   1 
ATOM   61   O O   . GLY A 1 9   ? -4.070  9.105   -4.632  1.00 25.79 ? 9   GLY A O   1 
ATOM   62   N N   . PRO A 1 10  ? -5.348  7.323   -5.153  1.00 27.88 ? 10  PRO A N   1 
ATOM   63   C CA  . PRO A 1 10  ? -5.753  5.913   -5.051  1.00 27.38 ? 10  PRO A CA  1 
ATOM   64   C C   . PRO A 1 10  ? -4.805  4.903   -5.687  1.00 26.13 ? 10  PRO A C   1 
ATOM   65   O O   . PRO A 1 10  ? -4.115  5.199   -6.664  1.00 26.04 ? 10  PRO A O   1 
ATOM   66   C CB  . PRO A 1 10  ? -7.120  5.896   -5.739  1.00 28.86 ? 10  PRO A CB  1 
ATOM   67   C CG  . PRO A 1 10  ? -7.630  7.256   -5.493  1.00 30.20 ? 10  PRO A CG  1 
ATOM   68   C CD  . PRO A 1 10  ? -6.424  8.116   -5.766  1.00 28.83 ? 10  PRO A CD  1 
ATOM   69   N N   . PHE A 1 11  ? -4.793  3.699   -5.128  1.00 24.44 ? 11  PHE A N   1 
ATOM   70   C CA  . PHE A 1 11  ? -3.954  2.618   -5.633  1.00 23.30 ? 11  PHE A CA  1 
ATOM   71   C C   . PHE A 1 11  ? -4.870  1.543   -6.191  1.00 22.88 ? 11  PHE A C   1 
ATOM   72   O O   . PHE A 1 11  ? -6.080  1.598   -5.998  1.00 22.47 ? 11  PHE A O   1 
ATOM   73   C CB  . PHE A 1 11  ? -3.104  2.034   -4.497  1.00 26.10 ? 11  PHE A CB  1 
ATOM   74   C CG  . PHE A 1 11  ? -2.145  3.022   -3.898  1.00 27.50 ? 11  PHE A CG  1 
ATOM   75   C CD1 . PHE A 1 11  ? -1.081  3.510   -4.647  1.00 30.19 ? 11  PHE A CD1 1 
ATOM   76   C CD2 . PHE A 1 11  ? -2.328  3.494   -2.605  1.00 29.31 ? 11  PHE A CD2 1 
ATOM   77   C CE1 . PHE A 1 11  ? -0.210  4.458   -4.113  1.00 30.38 ? 11  PHE A CE1 1 
ATOM   78   C CE2 . PHE A 1 11  ? -1.467  4.437   -2.066  1.00 29.36 ? 11  PHE A CE2 1 
ATOM   79   C CZ  . PHE A 1 11  ? -0.406  4.919   -2.824  1.00 28.58 ? 11  PHE A CZ  1 
ATOM   80   N N   . ILE A 1 12  ? -4.313  0.578   -6.905  1.00 19.33 ? 12  ILE A N   1 
ATOM   81   C CA  . ILE A 1 12  ? -5.157  -0.486  -7.427  1.00 19.41 ? 12  ILE A CA  1 
ATOM   82   C C   . ILE A 1 12  ? -5.600  -1.343  -6.251  1.00 17.58 ? 12  ILE A C   1 
ATOM   83   O O   . ILE A 1 12  ? -4.788  -1.726  -5.419  1.00 16.64 ? 12  ILE A O   1 
ATOM   84   C CB  . ILE A 1 12  ? -4.405  -1.355  -8.457  1.00 20.74 ? 12  ILE A CB  1 
ATOM   85   C CG1 . ILE A 1 12  ? -4.095  -0.521  -9.705  1.00 23.65 ? 12  ILE A CG1 1 
ATOM   86   C CG2 . ILE A 1 12  ? -5.248  -2.556  -8.854  1.00 21.43 ? 12  ILE A CG2 1 
ATOM   87   C CD1 . ILE A 1 12  ? -3.139  -1.194  -10.665 1.00 26.05 ? 12  ILE A CD1 1 
ATOM   88   N N   . CYS A 1 13  ? -6.894  -1.641  -6.184  1.00 15.70 ? 13  CYS A N   1 
ATOM   89   C CA  . CYS A 1 13  ? -7.427  -2.446  -5.109  1.00 16.00 ? 13  CYS A CA  1 
ATOM   90   C C   . CYS A 1 13  ? -8.213  -3.608  -5.684  1.00 16.42 ? 13  CYS A C   1 
ATOM   91   O O   . CYS A 1 13  ? -8.944  -3.431  -6.641  1.00 17.21 ? 13  CYS A O   1 
ATOM   92   C CB  . CYS A 1 13  ? -8.360  -1.589  -4.241  1.00 14.72 ? 13  CYS A CB  1 
ATOM   93   S SG  . CYS A 1 13  ? -9.064  -2.477  -2.821  1.00 16.79 ? 13  CYS A SG  1 
ATOM   94   N N   . THR A 1 14  ? -8.026  -4.802  -5.132  1.00 19.04 ? 14  THR A N   1 
ATOM   95   C CA  . THR A 1 14  ? -8.801  -5.966  -5.570  1.00 19.30 ? 14  THR A CA  1 
ATOM   96   C C   . THR A 1 14  ? -8.868  -6.970  -4.432  1.00 17.86 ? 14  THR A C   1 
ATOM   97   O O   . THR A 1 14  ? -8.309  -6.730  -3.353  1.00 14.95 ? 14  THR A O   1 
ATOM   98   C CB  . THR A 1 14  ? -8.213  -6.631  -6.823  1.00 23.36 ? 14  THR A CB  1 
ATOM   99   O OG1 . THR A 1 14  ? -9.168  -7.576  -7.337  1.00 27.21 ? 14  THR A OG1 1 
ATOM   100  C CG2 . THR A 1 14  ? -6.901  -7.325  -6.493  1.00 22.05 ? 14  THR A CG2 1 
ATOM   101  N N   . VAL A 1 15  ? -9.574  -8.079  -4.640  1.00 17.34 ? 15  VAL A N   1 
ATOM   102  C CA  . VAL A 1 15  ? -9.707  -9.093  -3.597  1.00 16.32 ? 15  VAL A CA  1 
ATOM   103  C C   . VAL A 1 15  ? -9.489  -10.497 -4.161  1.00 18.10 ? 15  VAL A C   1 
ATOM   104  O O   . VAL A 1 15  ? -9.976  -10.807 -5.242  1.00 18.21 ? 15  VAL A O   1 
ATOM   105  C CB  . VAL A 1 15  ? -11.116 -9.074  -2.964  1.00 17.45 ? 15  VAL A CB  1 
ATOM   106  C CG1 . VAL A 1 15  ? -11.184 -10.070 -1.801  1.00 17.20 ? 15  VAL A CG1 1 
ATOM   107  C CG2 . VAL A 1 15  ? -11.454 -7.652  -2.482  1.00 13.55 ? 15  VAL A CG2 1 
ATOM   108  N N   . LYS A 1 16  ? -8.757  -11.329 -3.423  1.00 19.07 ? 16  LYS A N   1 
ATOM   109  C CA  . LYS A 1 16  ? -8.520  -12.721 -3.825  1.00 18.57 ? 16  LYS A CA  1 
ATOM   110  C C   . LYS A 1 16  ? -8.594  -13.583 -2.569  1.00 18.57 ? 16  LYS A C   1 
ATOM   111  O O   . LYS A 1 16  ? -7.833  -13.372 -1.622  1.00 18.04 ? 16  LYS A O   1 
ATOM   112  C CB  . LYS A 1 16  ? -7.149  -12.899 -4.469  1.00 22.00 ? 16  LYS A CB  1 
ATOM   113  C CG  . LYS A 1 16  ? -6.901  -14.337 -4.937  1.00 24.82 ? 16  LYS A CG  1 
ATOM   114  C CD  . LYS A 1 16  ? -5.558  -14.480 -5.649  1.00 31.24 ? 16  LYS A CD  1 
ATOM   115  C CE  . LYS A 1 16  ? -5.389  -15.871 -6.249  1.00 34.85 ? 16  LYS A CE  1 
ATOM   116  N NZ  . LYS A 1 16  ? -4.059  -16.038 -6.911  1.00 37.94 ? 16  LYS A NZ  1 
ATOM   117  N N   . ASP A 1 17  ? -9.501  -14.555 -2.572  1.00 19.16 ? 17  ASP A N   1 
ATOM   118  C CA  . ASP A 1 17  ? -9.690  -15.436 -1.424  1.00 21.14 ? 17  ASP A CA  1 
ATOM   119  C C   . ASP A 1 17  ? -9.891  -14.629 -0.136  1.00 18.86 ? 17  ASP A C   1 
ATOM   120  O O   . ASP A 1 17  ? -9.271  -14.910 0.893   1.00 18.72 ? 17  ASP A O   1 
ATOM   121  C CB  . ASP A 1 17  ? -8.497  -16.390 -1.257  1.00 23.27 ? 17  ASP A CB  1 
ATOM   122  C CG  . ASP A 1 17  ? -8.377  -17.384 -2.400  1.00 29.00 ? 17  ASP A CG  1 
ATOM   123  O OD1 . ASP A 1 17  ? -9.431  -17.852 -2.890  1.00 32.91 ? 17  ASP A OD1 1 
ATOM   124  O OD2 . ASP A 1 17  ? -7.236  -17.711 -2.800  1.00 30.74 ? 17  ASP A OD2 1 
ATOM   125  N N   . ASN A 1 18  ? -10.761 -13.622 -0.210  1.00 15.96 ? 18  ASN A N   1 
ATOM   126  C CA  . ASN A 1 18  ? -11.086 -12.759 0.933   1.00 16.60 ? 18  ASN A CA  1 
ATOM   127  C C   . ASN A 1 18  ? -10.006 -11.744 1.269   1.00 17.14 ? 18  ASN A C   1 
ATOM   128  O O   . ASN A 1 18  ? -10.222 -10.868 2.109   1.00 15.47 ? 18  ASN A O   1 
ATOM   129  C CB  . ASN A 1 18  ? -11.347 -13.577 2.208   1.00 16.78 ? 18  ASN A CB  1 
ATOM   130  C CG  . ASN A 1 18  ? -12.604 -14.413 2.124   1.00 18.84 ? 18  ASN A CG  1 
ATOM   131  O OD1 . ASN A 1 18  ? -12.930 -15.170 3.050   1.00 21.13 ? 18  ASN A OD1 1 
ATOM   132  N ND2 . ASN A 1 18  ? -13.318 -14.286 1.024   1.00 14.56 ? 18  ASN A ND2 1 
ATOM   133  N N   . GLN A 1 19  ? -8.842  -11.878 0.647   1.00 15.67 ? 19  GLN A N   1 
ATOM   134  C CA  . GLN A 1 19  ? -7.745  -10.960 0.922   1.00 17.58 ? 19  GLN A CA  1 
ATOM   135  C C   . GLN A 1 19  ? -7.817  -9.706  0.079   1.00 15.67 ? 19  GLN A C   1 
ATOM   136  O O   . GLN A 1 19  ? -7.770  -9.779  -1.153  1.00 17.32 ? 19  GLN A O   1 
ATOM   137  C CB  . GLN A 1 19  ? -6.399  -11.651 0.657   1.00 16.67 ? 19  GLN A CB  1 
ATOM   138  C CG  . GLN A 1 19  ? -5.195  -10.793 0.983   1.00 18.97 ? 19  GLN A CG  1 
ATOM   139  C CD  . GLN A 1 19  ? -5.044  -10.553 2.468   1.00 20.76 ? 19  GLN A CD  1 
ATOM   140  O OE1 . GLN A 1 19  ? -4.886  -11.495 3.245   1.00 24.52 ? 19  GLN A OE1 1 
ATOM   141  N NE2 . GLN A 1 19  ? -5.089  -9.293  2.874   1.00 19.67 ? 19  GLN A NE2 1 
ATOM   142  N N   . VAL A 1 20  ? -7.935  -8.555  0.736   1.00 14.58 ? 20  VAL A N   1 
ATOM   143  C CA  . VAL A 1 20  ? -7.943  -7.296  0.023   1.00 13.52 ? 20  VAL A CA  1 
ATOM   144  C C   . VAL A 1 20  ? -6.495  -6.901  -0.238  1.00 14.91 ? 20  VAL A C   1 
ATOM   145  O O   . VAL A 1 20  ? -5.664  -6.890  0.670   1.00 14.26 ? 20  VAL A O   1 
ATOM   146  C CB  . VAL A 1 20  ? -8.610  -6.151  0.836   1.00 11.38 ? 20  VAL A CB  1 
ATOM   147  C CG1 . VAL A 1 20  ? -8.666  -4.881  -0.018  1.00 13.97 ? 20  VAL A CG1 1 
ATOM   148  C CG2 . VAL A 1 20  ? -10.029 -6.563  1.281   1.00 12.90 ? 20  VAL A CG2 1 
ATOM   149  N N   . PHE A 1 21  ? -6.191  -6.597  -1.493  1.00 15.32 ? 21  PHE A N   1 
ATOM   150  C CA  . PHE A 1 21  ? -4.857  -6.169  -1.881  1.00 16.99 ? 21  PHE A CA  1 
ATOM   151  C C   . PHE A 1 21  ? -4.908  -4.722  -2.351  1.00 17.48 ? 21  PHE A C   1 
ATOM   152  O O   . PHE A 1 21  ? -5.758  -4.352  -3.160  1.00 17.12 ? 21  PHE A O   1 
ATOM   153  C CB  . PHE A 1 21  ? -4.323  -7.038  -3.016  1.00 19.60 ? 21  PHE A CB  1 
ATOM   154  C CG  . PHE A 1 21  ? -3.860  -8.387  -2.571  1.00 20.58 ? 21  PHE A CG  1 
ATOM   155  C CD1 . PHE A 1 21  ? -2.592  -8.552  -2.023  1.00 20.10 ? 21  PHE A CD1 1 
ATOM   156  C CD2 . PHE A 1 21  ? -4.690  -9.497  -2.708  1.00 20.94 ? 21  PHE A CD2 1 
ATOM   157  C CE1 . PHE A 1 21  ? -2.151  -9.810  -1.617  1.00 21.39 ? 21  PHE A CE1 1 
ATOM   158  C CE2 . PHE A 1 21  ? -4.262  -10.750 -2.305  1.00 22.84 ? 21  PHE A CE2 1 
ATOM   159  C CZ  . PHE A 1 21  ? -2.990  -10.908 -1.761  1.00 21.22 ? 21  PHE A CZ  1 
ATOM   160  N N   . VAL A 1 22  ? -4.019  -3.904  -1.806  1.00 15.79 ? 22  VAL A N   1 
ATOM   161  C CA  . VAL A 1 22  ? -3.911  -2.505  -2.205  1.00 16.07 ? 22  VAL A CA  1 
ATOM   162  C C   . VAL A 1 22  ? -2.439  -2.310  -2.577  1.00 16.48 ? 22  VAL A C   1 
ATOM   163  O O   . VAL A 1 22  ? -1.544  -2.626  -1.782  1.00 17.43 ? 22  VAL A O   1 
ATOM   164  C CB  . VAL A 1 22  ? -4.288  -1.573  -1.056  1.00 16.36 ? 22  VAL A CB  1 
ATOM   165  C CG1 . VAL A 1 22  ? -4.193  -0.121  -1.499  1.00 12.95 ? 22  VAL A CG1 1 
ATOM   166  C CG2 . VAL A 1 22  ? -5.699  -1.907  -0.583  1.00 16.01 ? 22  VAL A CG2 1 
ATOM   167  N N   . ALA A 1 23  ? -2.193  -1.819  -3.790  1.00 17.16 ? 23  ALA A N   1 
ATOM   168  C CA  . ALA A 1 23  ? -0.827  -1.616  -4.261  1.00 18.46 ? 23  ALA A CA  1 
ATOM   169  C C   . ALA A 1 23  ? -0.080  -2.939  -4.128  1.00 19.09 ? 23  ALA A C   1 
ATOM   170  O O   . ALA A 1 23  ? 1.114   -2.968  -3.820  1.00 19.72 ? 23  ALA A O   1 
ATOM   171  C CB  . ALA A 1 23  ? -0.141  -0.532  -3.433  1.00 19.32 ? 23  ALA A CB  1 
ATOM   172  N N   . ASN A 1 24  ? -0.799  -4.038  -4.350  1.00 18.78 ? 24  ASN A N   1 
ATOM   173  C CA  . ASN A 1 24  ? -0.234  -5.384  -4.268  1.00 21.15 ? 24  ASN A CA  1 
ATOM   174  C C   . ASN A 1 24  ? 0.143   -5.837  -2.868  1.00 19.96 ? 24  ASN A C   1 
ATOM   175  O O   . ASN A 1 24  ? 0.801   -6.868  -2.702  1.00 19.63 ? 24  ASN A O   1 
ATOM   176  C CB  . ASN A 1 24  ? 0.997   -5.505  -5.175  1.00 25.99 ? 24  ASN A CB  1 
ATOM   177  C CG  . ASN A 1 24  ? 0.640   -5.521  -6.641  1.00 31.49 ? 24  ASN A CG  1 
ATOM   178  O OD1 . ASN A 1 24  ? 1.362   -4.960  -7.473  1.00 35.87 ? 24  ASN A OD1 1 
ATOM   179  N ND2 . ASN A 1 24  ? -0.465  -6.183  -6.977  1.00 33.81 ? 24  ASN A ND2 1 
ATOM   180  N N   . LEU A 1 25  ? -0.271  -5.081  -1.857  1.00 14.96 ? 25  LEU A N   1 
ATOM   181  C CA  . LEU A 1 25  ? 0.027   -5.443  -0.474  1.00 16.07 ? 25  LEU A CA  1 
ATOM   182  C C   . LEU A 1 25  ? -1.256  -5.944  0.213   1.00 18.04 ? 25  LEU A C   1 
ATOM   183  O O   . LEU A 1 25  ? -2.345  -5.418  -0.036  1.00 19.69 ? 25  LEU A O   1 
ATOM   184  C CB  . LEU A 1 25  ? 0.611   -4.225  0.256   1.00 15.01 ? 25  LEU A CB  1 
ATOM   185  C CG  . LEU A 1 25  ? 1.950   -3.762  -0.335  1.00 16.61 ? 25  LEU A CG  1 
ATOM   186  C CD1 . LEU A 1 25  ? 2.430   -2.526  0.384   1.00 18.50 ? 25  LEU A CD1 1 
ATOM   187  C CD2 . LEU A 1 25  ? 2.980   -4.881  -0.205  1.00 18.25 ? 25  LEU A CD2 1 
ATOM   188  N N   . PRO A 1 26  ? -1.144  -6.975  1.075   1.00 18.17 ? 26  PRO A N   1 
ATOM   189  C CA  . PRO A 1 26  ? -2.304  -7.534  1.785   1.00 17.03 ? 26  PRO A CA  1 
ATOM   190  C C   . PRO A 1 26  ? -2.787  -6.591  2.888   1.00 18.01 ? 26  PRO A C   1 
ATOM   191  O O   . PRO A 1 26  ? -2.394  -6.699  4.048   1.00 13.92 ? 26  PRO A O   1 
ATOM   192  C CB  . PRO A 1 26  ? -1.769  -8.859  2.318   1.00 18.92 ? 26  PRO A CB  1 
ATOM   193  C CG  . PRO A 1 26  ? -0.328  -8.553  2.570   1.00 18.70 ? 26  PRO A CG  1 
ATOM   194  C CD  . PRO A 1 26  ? 0.073   -7.767  1.353   1.00 16.60 ? 26  PRO A CD  1 
ATOM   195  N N   . TRP A 1 27  ? -3.668  -5.684  2.495   1.00 16.00 ? 27  TRP A N   1 
ATOM   196  C CA  . TRP A 1 27  ? -4.208  -4.655  3.371   1.00 15.98 ? 27  TRP A CA  1 
ATOM   197  C C   . TRP A 1 27  ? -5.080  -5.157  4.522   1.00 14.89 ? 27  TRP A C   1 
ATOM   198  O O   . TRP A 1 27  ? -4.816  -4.853  5.689   1.00 16.45 ? 27  TRP A O   1 
ATOM   199  C CB  . TRP A 1 27  ? -4.993  -3.657  2.506   1.00 15.52 ? 27  TRP A CB  1 
ATOM   200  C CG  . TRP A 1 27  ? -5.439  -2.466  3.220   1.00 17.44 ? 27  TRP A CG  1 
ATOM   201  C CD1 . TRP A 1 27  ? -6.725  -2.117  3.519   1.00 18.42 ? 27  TRP A CD1 1 
ATOM   202  C CD2 . TRP A 1 27  ? -4.604  -1.458  3.780   1.00 20.71 ? 27  TRP A CD2 1 
ATOM   203  N NE1 . TRP A 1 27  ? -6.741  -0.944  4.239   1.00 20.83 ? 27  TRP A NE1 1 
ATOM   204  C CE2 . TRP A 1 27  ? -5.446  -0.519  4.411   1.00 21.78 ? 27  TRP A CE2 1 
ATOM   205  C CE3 . TRP A 1 27  ? -3.214  -1.256  3.813   1.00 19.75 ? 27  TRP A CE3 1 
ATOM   206  C CZ2 . TRP A 1 27  ? -4.945  0.612   5.069   1.00 21.92 ? 27  TRP A CZ2 1 
ATOM   207  C CZ3 . TRP A 1 27  ? -2.720  -0.136  4.466   1.00 20.93 ? 27  TRP A CZ3 1 
ATOM   208  C CH2 . TRP A 1 27  ? -3.585  0.783   5.085   1.00 21.55 ? 27  TRP A CH2 1 
ATOM   209  N N   . THR A 1 28  ? -6.131  -5.896  4.192   1.00 15.91 ? 28  THR A N   1 
ATOM   210  C CA  . THR A 1 28  ? -7.032  -6.420  5.205   1.00 15.03 ? 28  THR A CA  1 
ATOM   211  C C   . THR A 1 28  ? -7.760  -7.620  4.614   1.00 16.82 ? 28  THR A C   1 
ATOM   212  O O   . THR A 1 28  ? -7.730  -7.842  3.391   1.00 16.24 ? 28  THR A O   1 
ATOM   213  C CB  . THR A 1 28  ? -8.063  -5.349  5.642   1.00 16.88 ? 28  THR A CB  1 
ATOM   214  O OG1 . THR A 1 28  ? -8.720  -5.788  6.842   1.00 15.57 ? 28  THR A OG1 1 
ATOM   215  C CG2 . THR A 1 28  ? -9.118  -5.154  4.573   1.00 17.01 ? 28  THR A CG2 1 
ATOM   216  N N   . MET A 1 29  ? -8.391  -8.416  5.473   1.00 17.25 ? 29  MET A N   1 
ATOM   217  C CA  . MET A 1 29  ? -9.104  -9.584  4.991   1.00 16.79 ? 29  MET A CA  1 
ATOM   218  C C   . MET A 1 29  ? -10.577 -9.464  5.362   1.00 17.72 ? 29  MET A C   1 
ATOM   219  O O   . MET A 1 29  ? -10.922 -9.061  6.474   1.00 17.04 ? 29  MET A O   1 
ATOM   220  C CB  . MET A 1 29  ? -8.490  -10.853 5.590   1.00 20.39 ? 29  MET A CB  1 
ATOM   221  C CG  . MET A 1 29  ? -8.768  -12.103 4.803   1.00 25.45 ? 29  MET A CG  1 
ATOM   222  S SD  . MET A 1 29  ? -7.982  -13.552 5.550   1.00 29.59 ? 29  MET A SD  1 
ATOM   223  C CE  . MET A 1 29  ? -9.304  -14.401 5.969   1.00 23.28 ? 29  MET A CE  1 
ATOM   224  N N   . LEU A 1 30  ? -11.437 -9.805  4.415   1.00 15.55 ? 30  LEU A N   1 
ATOM   225  C CA  . LEU A 1 30  ? -12.882 -9.724  4.598   1.00 15.12 ? 30  LEU A CA  1 
ATOM   226  C C   . LEU A 1 30  ? -13.476 -10.906 5.354   1.00 15.99 ? 30  LEU A C   1 
ATOM   227  O O   . LEU A 1 30  ? -13.018 -12.043 5.211   1.00 14.55 ? 30  LEU A O   1 
ATOM   228  C CB  . LEU A 1 30  ? -13.551 -9.606  3.228   1.00 15.44 ? 30  LEU A CB  1 
ATOM   229  C CG  . LEU A 1 30  ? -13.013 -8.463  2.358   1.00 14.55 ? 30  LEU A CG  1 
ATOM   230  C CD1 . LEU A 1 30  ? -13.827 -8.391  1.093   1.00 16.31 ? 30  LEU A CD1 1 
ATOM   231  C CD2 . LEU A 1 30  ? -13.066 -7.147  3.125   1.00 17.57 ? 30  LEU A CD2 1 
ATOM   232  N N   . GLU A 1 31  ? -14.504 -10.632 6.151   1.00 12.68 ? 31  GLU A N   1 
ATOM   233  C CA  . GLU A 1 31  ? -15.163 -11.682 6.924   1.00 13.73 ? 31  GLU A CA  1 
ATOM   234  C C   . GLU A 1 31  ? -16.670 -11.481 6.917   1.00 15.66 ? 31  GLU A C   1 
ATOM   235  O O   . GLU A 1 31  ? -17.161 -10.402 6.589   1.00 14.89 ? 31  GLU A O   1 
ATOM   236  C CB  . GLU A 1 31  ? -14.667 -11.665 8.381   1.00 16.32 ? 31  GLU A CB  1 
ATOM   237  C CG  . GLU A 1 31  ? -13.169 -11.556 8.539   1.00 20.39 ? 31  GLU A CG  1 
ATOM   238  C CD  . GLU A 1 31  ? -12.730 -11.828 9.963   1.00 23.66 ? 31  GLU A CD  1 
ATOM   239  O OE1 . GLU A 1 31  ? -12.958 -12.963 10.435  1.00 23.07 ? 31  GLU A OE1 1 
ATOM   240  O OE2 . GLU A 1 31  ? -12.170 -10.911 10.602  1.00 19.75 ? 31  GLU A OE2 1 
ATOM   241  N N   . GLY A 1 32  ? -17.407 -12.527 7.289   1.00 16.39 ? 32  GLY A N   1 
ATOM   242  C CA  . GLY A 1 32  ? -18.851 -12.425 7.360   1.00 16.33 ? 32  GLY A CA  1 
ATOM   243  C C   . GLY A 1 32  ? -19.553 -11.880 6.139   1.00 17.89 ? 32  GLY A C   1 
ATOM   244  O O   . GLY A 1 32  ? -19.270 -12.306 5.016   1.00 18.10 ? 32  GLY A O   1 
ATOM   245  N N   . ASP A 1 33  ? -20.462 -10.931 6.371   1.00 16.56 ? 33  ASP A N   1 
ATOM   246  C CA  . ASP A 1 33  ? -21.260 -10.310 5.319   1.00 18.25 ? 33  ASP A CA  1 
ATOM   247  C C   . ASP A 1 33  ? -20.512 -9.475  4.274   1.00 16.00 ? 33  ASP A C   1 
ATOM   248  O O   . ASP A 1 33  ? -21.108 -9.035  3.281   1.00 16.93 ? 33  ASP A O   1 
ATOM   249  C CB  . ASP A 1 33  ? -22.388 -9.491  5.956   1.00 20.04 ? 33  ASP A CB  1 
ATOM   250  C CG  . ASP A 1 33  ? -23.296 -10.349 6.830   1.00 23.99 ? 33  ASP A CG  1 
ATOM   251  O OD1 . ASP A 1 33  ? -23.408 -11.571 6.554   1.00 23.42 ? 33  ASP A OD1 1 
ATOM   252  O OD2 . ASP A 1 33  ? -23.893 -9.817  7.786   1.00 26.58 ? 33  ASP A OD2 1 
ATOM   253  N N   . ASP A 1 34  ? -19.217 -9.275  4.489   1.00 15.62 ? 34  ASP A N   1 
ATOM   254  C CA  . ASP A 1 34  ? -18.374 -8.541  3.539   1.00 15.39 ? 34  ASP A CA  1 
ATOM   255  C C   . ASP A 1 34  ? -17.734 -9.459  2.492   1.00 15.20 ? 34  ASP A C   1 
ATOM   256  O O   . ASP A 1 34  ? -17.283 -9.002  1.425   1.00 13.35 ? 34  ASP A O   1 
ATOM   257  C CB  . ASP A 1 34  ? -17.274 -7.800  4.288   1.00 15.10 ? 34  ASP A CB  1 
ATOM   258  C CG  . ASP A 1 34  ? -17.829 -6.742  5.205   1.00 17.06 ? 34  ASP A CG  1 
ATOM   259  O OD1 . ASP A 1 34  ? -18.630 -5.926  4.728   1.00 17.31 ? 34  ASP A OD1 1 
ATOM   260  O OD2 . ASP A 1 34  ? -17.479 -6.730  6.396   1.00 18.99 ? 34  ASP A OD2 1 
ATOM   261  N N   . ILE A 1 35  ? -17.677 -10.751 2.790   1.00 14.84 ? 35  ILE A N   1 
ATOM   262  C CA  . ILE A 1 35  ? -17.059 -11.691 1.852   1.00 17.42 ? 35  ILE A CA  1 
ATOM   263  C C   . ILE A 1 35  ? -17.706 -11.603 0.463   1.00 18.63 ? 35  ILE A C   1 
ATOM   264  O O   . ILE A 1 35  ? -17.007 -11.442 -0.541  1.00 17.78 ? 35  ILE A O   1 
ATOM   265  C CB  . ILE A 1 35  ? -17.122 -13.155 2.406   1.00 16.55 ? 35  ILE A CB  1 
ATOM   266  C CG1 . ILE A 1 35  ? -16.217 -13.272 3.642   1.00 17.88 ? 35  ILE A CG1 1 
ATOM   267  C CG2 . ILE A 1 35  ? -16.661 -14.174 1.336   1.00 18.15 ? 35  ILE A CG2 1 
ATOM   268  C CD1 . ILE A 1 35  ? -16.316 -14.625 4.353   1.00 18.92 ? 35  ILE A CD1 1 
ATOM   269  N N   . GLN A 1 36  ? -19.036 -11.674 0.390   1.00 19.09 ? 36  GLN A N   1 
ATOM   270  C CA  . GLN A 1 36  ? -19.693 -11.602 -0.922  1.00 20.44 ? 36  GLN A CA  1 
ATOM   271  C C   . GLN A 1 36  ? -19.475 -10.247 -1.602  1.00 19.30 ? 36  GLN A C   1 
ATOM   272  O O   . GLN A 1 36  ? -19.411 -10.150 -2.832  1.00 18.89 ? 36  GLN A O   1 
ATOM   273  C CB  . GLN A 1 36  ? -21.190 -11.897 -0.792  1.00 22.62 ? 36  GLN A CB  1 
ATOM   274  C CG  . GLN A 1 36  ? -21.888 -12.185 -2.145  1.00 29.48 ? 36  GLN A CG  1 
ATOM   275  C CD  . GLN A 1 36  ? -21.203 -13.271 -2.983  1.00 31.70 ? 36  GLN A CD  1 
ATOM   276  O OE1 . GLN A 1 36  ? -20.707 -14.268 -2.455  1.00 34.82 ? 36  GLN A OE1 1 
ATOM   277  N NE2 . GLN A 1 36  ? -21.191 -13.079 -4.299  1.00 34.49 ? 36  GLN A NE2 1 
ATOM   278  N N   . VAL A 1 37  ? -19.370 -9.193  -0.801  1.00 19.26 ? 37  VAL A N   1 
ATOM   279  C CA  . VAL A 1 37  ? -19.103 -7.864  -1.335  1.00 17.34 ? 37  VAL A CA  1 
ATOM   280  C C   . VAL A 1 37  ? -17.718 -7.911  -1.986  1.00 17.33 ? 37  VAL A C   1 
ATOM   281  O O   . VAL A 1 37  ? -17.498 -7.340  -3.056  1.00 17.33 ? 37  VAL A O   1 
ATOM   282  C CB  . VAL A 1 37  ? -19.102 -6.798  -0.209  1.00 16.82 ? 37  VAL A CB  1 
ATOM   283  C CG1 . VAL A 1 37  ? -18.725 -5.435  -0.772  1.00 15.18 ? 37  VAL A CG1 1 
ATOM   284  C CG2 . VAL A 1 37  ? -20.493 -6.717  0.427   1.00 17.81 ? 37  VAL A CG2 1 
ATOM   285  N N   . GLY A 1 38  ? -16.790 -8.618  -1.350  1.00 16.59 ? 38  GLY A N   1 
ATOM   286  C CA  . GLY A 1 38  ? -15.447 -8.713  -1.901  1.00 16.95 ? 38  GLY A CA  1 
ATOM   287  C C   . GLY A 1 38  ? -15.458 -9.413  -3.249  1.00 18.28 ? 38  GLY A C   1 
ATOM   288  O O   . GLY A 1 38  ? -14.734 -9.044  -4.184  1.00 16.64 ? 38  GLY A O   1 
ATOM   289  N N   . LYS A 1 39  ? -16.287 -10.442 -3.344  1.00 18.46 ? 39  LYS A N   1 
ATOM   290  C CA  . LYS A 1 39  ? -16.408 -11.204 -4.569  1.00 21.87 ? 39  LYS A CA  1 
ATOM   291  C C   . LYS A 1 39  ? -16.968 -10.366 -5.694  1.00 19.93 ? 39  LYS A C   1 
ATOM   292  O O   . LYS A 1 39  ? -16.445 -10.406 -6.807  1.00 21.29 ? 39  LYS A O   1 
ATOM   293  C CB  . LYS A 1 39  ? -17.293 -12.425 -4.341  1.00 23.95 ? 39  LYS A CB  1 
ATOM   294  C CG  . LYS A 1 39  ? -16.665 -13.448 -3.429  1.00 28.27 ? 39  LYS A CG  1 
ATOM   295  C CD  . LYS A 1 39  ? -17.507 -14.700 -3.384  1.00 31.41 ? 39  LYS A CD  1 
ATOM   296  C CE  . LYS A 1 39  ? -17.016 -15.621 -2.283  1.00 36.83 ? 39  LYS A CE  1 
ATOM   297  N NZ  . LYS A 1 39  ? -15.556 -15.880 -2.410  1.00 39.21 ? 39  LYS A NZ  1 
ATOM   298  N N   . GLU A 1 40  ? -18.018 -9.601  -5.402  1.00 20.09 ? 40  GLU A N   1 
ATOM   299  C CA  . GLU A 1 40  ? -18.646 -8.741  -6.400  1.00 21.71 ? 40  GLU A CA  1 
ATOM   300  C C   . GLU A 1 40  ? -17.658 -7.672  -6.849  1.00 20.18 ? 40  GLU A C   1 
ATOM   301  O O   . GLU A 1 40  ? -17.545 -7.377  -8.039  1.00 19.20 ? 40  GLU A O   1 
ATOM   302  C CB  . GLU A 1 40  ? -19.891 -8.059  -5.825  1.00 25.31 ? 40  GLU A CB  1 
ATOM   303  C CG  . GLU A 1 40  ? -20.913 -9.016  -5.245  1.00 32.10 ? 40  GLU A CG  1 
ATOM   304  C CD  . GLU A 1 40  ? -22.181 -8.310  -4.810  1.00 37.46 ? 40  GLU A CD  1 
ATOM   305  O OE1 . GLU A 1 40  ? -22.093 -7.306  -4.065  1.00 42.43 ? 40  GLU A OE1 1 
ATOM   306  O OE2 . GLU A 1 40  ? -23.271 -8.764  -5.209  1.00 40.41 ? 40  GLU A OE2 1 
ATOM   307  N N   . PHE A 1 41  ? -16.951 -7.078  -5.891  1.00 18.00 ? 41  PHE A N   1 
ATOM   308  C CA  . PHE A 1 41  ? -15.969 -6.046  -6.221  1.00 17.30 ? 41  PHE A CA  1 
ATOM   309  C C   . PHE A 1 41  ? -14.868 -6.605  -7.102  1.00 17.47 ? 41  PHE A C   1 
ATOM   310  O O   . PHE A 1 41  ? -14.504 -6.014  -8.119  1.00 19.66 ? 41  PHE A O   1 
ATOM   311  C CB  . PHE A 1 41  ? -15.339 -5.481  -4.951  1.00 16.92 ? 41  PHE A CB  1 
ATOM   312  C CG  . PHE A 1 41  ? -14.184 -4.567  -5.211  1.00 16.79 ? 41  PHE A CG  1 
ATOM   313  C CD1 . PHE A 1 41  ? -14.297 -3.520  -6.129  1.00 16.27 ? 41  PHE A CD1 1 
ATOM   314  C CD2 . PHE A 1 41  ? -12.985 -4.727  -4.519  1.00 15.19 ? 41  PHE A CD2 1 
ATOM   315  C CE1 . PHE A 1 41  ? -13.235 -2.648  -6.356  1.00 15.14 ? 41  PHE A CE1 1 
ATOM   316  C CE2 . PHE A 1 41  ? -11.916 -3.851  -4.745  1.00 14.14 ? 41  PHE A CE2 1 
ATOM   317  C CZ  . PHE A 1 41  ? -12.047 -2.812  -5.665  1.00 15.96 ? 41  PHE A CZ  1 
ATOM   318  N N   . ALA A 1 42  ? -14.326 -7.747  -6.707  1.00 17.53 ? 42  ALA A N   1 
ATOM   319  C CA  . ALA A 1 42  ? -13.251 -8.353  -7.477  1.00 18.43 ? 42  ALA A CA  1 
ATOM   320  C C   . ALA A 1 42  ? -13.690 -8.584  -8.927  1.00 18.87 ? 42  ALA A C   1 
ATOM   321  O O   . ALA A 1 42  ? -12.918 -8.380  -9.860  1.00 18.21 ? 42  ALA A O   1 
ATOM   322  C CB  . ALA A 1 42  ? -12.826 -9.651  -6.836  1.00 17.82 ? 42  ALA A CB  1 
ATOM   323  N N   . ALA A 1 43  ? -14.933 -9.003  -9.104  1.00 19.43 ? 43  ALA A N   1 
ATOM   324  C CA  . ALA A 1 43  ? -15.478 -9.262  -10.432 1.00 19.98 ? 43  ALA A CA  1 
ATOM   325  C C   . ALA A 1 43  ? -15.532 -7.967  -11.220 1.00 20.24 ? 43  ALA A C   1 
ATOM   326  O O   . ALA A 1 43  ? -15.191 -7.920  -12.407 1.00 19.01 ? 43  ALA A O   1 
ATOM   327  C CB  . ALA A 1 43  ? -16.871 -9.850  -10.311 1.00 19.94 ? 43  ALA A CB  1 
ATOM   328  N N   . ARG A 1 44  ? -15.978 -6.919  -10.540 1.00 21.06 ? 44  ARG A N   1 
ATOM   329  C CA  . ARG A 1 44  ? -16.095 -5.591  -11.115 1.00 22.27 ? 44  ARG A CA  1 
ATOM   330  C C   . ARG A 1 44  ? -14.721 -5.087  -11.564 1.00 22.35 ? 44  ARG A C   1 
ATOM   331  O O   . ARG A 1 44  ? -14.588 -4.513  -12.646 1.00 21.64 ? 44  ARG A O   1 
ATOM   332  C CB  . ARG A 1 44  ? -16.713 -4.659  -10.061 1.00 22.33 ? 44  ARG A CB  1 
ATOM   333  C CG  . ARG A 1 44  ? -17.152 -3.301  -10.556 1.00 24.90 ? 44  ARG A CG  1 
ATOM   334  C CD  . ARG A 1 44  ? -18.229 -2.700  -9.633  1.00 22.34 ? 44  ARG A CD  1 
ATOM   335  N NE  . ARG A 1 44  ? -17.725 -2.379  -8.293  1.00 20.01 ? 44  ARG A NE  1 
ATOM   336  C CZ  . ARG A 1 44  ? -18.155 -2.939  -7.165  1.00 22.16 ? 44  ARG A CZ  1 
ATOM   337  N NH1 . ARG A 1 44  ? -19.107 -3.869  -7.187  1.00 20.24 ? 44  ARG A NH1 1 
ATOM   338  N NH2 . ARG A 1 44  ? -17.635 -2.566  -6.001  1.00 21.28 ? 44  ARG A NH2 1 
ATOM   339  N N   . VAL A 1 45  ? -13.699 -5.304  -10.735 1.00 19.83 ? 45  VAL A N   1 
ATOM   340  C CA  . VAL A 1 45  ? -12.339 -4.866  -11.056 1.00 19.40 ? 45  VAL A CA  1 
ATOM   341  C C   . VAL A 1 45  ? -11.812 -5.587  -12.291 1.00 20.66 ? 45  VAL A C   1 
ATOM   342  O O   . VAL A 1 45  ? -11.202 -4.969  -13.176 1.00 19.25 ? 45  VAL A O   1 
ATOM   343  C CB  . VAL A 1 45  ? -11.366 -5.131  -9.875  1.00 19.94 ? 45  VAL A CB  1 
ATOM   344  C CG1 . VAL A 1 45  ? -9.934  -4.790  -10.282 1.00 21.54 ? 45  VAL A CG1 1 
ATOM   345  C CG2 . VAL A 1 45  ? -11.759 -4.275  -8.691  1.00 20.04 ? 45  VAL A CG2 1 
ATOM   346  N N   . GLU A 1 46  ? -12.044 -6.895  -12.355 1.00 19.16 ? 46  GLU A N   1 
ATOM   347  C CA  . GLU A 1 46  ? -11.569 -7.683  -13.494 1.00 20.99 ? 46  GLU A CA  1 
ATOM   348  C C   . GLU A 1 46  ? -12.291 -7.239  -14.763 1.00 21.39 ? 46  GLU A C   1 
ATOM   349  O O   . GLU A 1 46  ? -11.681 -7.102  -15.813 1.00 18.74 ? 46  GLU A O   1 
ATOM   350  C CB  . GLU A 1 46  ? -11.815 -9.175  -13.258 1.00 23.93 ? 46  GLU A CB  1 
ATOM   351  C CG  . GLU A 1 46  ? -10.797 -10.131 -13.932 1.00 33.36 ? 46  GLU A CG  1 
ATOM   352  C CD  . GLU A 1 46  ? -11.347 -10.922 -15.134 1.00 36.26 ? 46  GLU A CD  1 
ATOM   353  O OE1 . GLU A 1 46  ? -11.336 -10.394 -16.274 1.00 38.79 ? 46  GLU A OE1 1 
ATOM   354  O OE2 . GLU A 1 46  ? -11.787 -12.086 -14.942 1.00 39.43 ? 46  GLU A OE2 1 
ATOM   355  N N   . ASP A 1 47  ? -13.595 -7.006  -14.655 1.00 21.77 ? 47  ASP A N   1 
ATOM   356  C CA  . ASP A 1 47  ? -14.374 -6.577  -15.805 1.00 21.91 ? 47  ASP A CA  1 
ATOM   357  C C   . ASP A 1 47  ? -13.902 -5.208  -16.266 1.00 22.31 ? 47  ASP A C   1 
ATOM   358  O O   . ASP A 1 47  ? -13.633 -4.998  -17.458 1.00 21.06 ? 47  ASP A O   1 
ATOM   359  C CB  . ASP A 1 47  ? -15.862 -6.501  -15.455 1.00 22.64 ? 47  ASP A CB  1 
ATOM   360  C CG  . ASP A 1 47  ? -16.709 -6.077  -16.643 1.00 24.66 ? 47  ASP A CG  1 
ATOM   361  O OD1 . ASP A 1 47  ? -16.900 -6.898  -17.557 1.00 25.16 ? 47  ASP A OD1 1 
ATOM   362  O OD2 . ASP A 1 47  ? -17.161 -4.920  -16.676 1.00 24.00 ? 47  ASP A OD2 1 
ATOM   363  N N   . CYS A 1 48  ? -13.798 -4.275  -15.323 1.00 21.07 ? 48  CYS A N   1 
ATOM   364  C CA  . CYS A 1 48  ? -13.362 -2.924  -15.637 1.00 21.34 ? 48  CYS A CA  1 
ATOM   365  C C   . CYS A 1 48  ? -11.992 -2.897  -16.291 1.00 21.27 ? 48  CYS A C   1 
ATOM   366  O O   . CYS A 1 48  ? -11.801 -2.282  -17.333 1.00 20.60 ? 48  CYS A O   1 
ATOM   367  C CB  . CYS A 1 48  ? -13.311 -2.058  -14.374 1.00 21.47 ? 48  CYS A CB  1 
ATOM   368  S SG  . CYS A 1 48  ? -14.957 -1.644  -13.733 1.00 21.38 ? 48  CYS A SG  1 
ATOM   369  N N   . THR A 1 49  ? -11.045 -3.584  -15.667 1.00 21.35 ? 49  THR A N   1 
ATOM   370  C CA  . THR A 1 49  ? -9.681  -3.601  -16.161 1.00 22.74 ? 49  THR A CA  1 
ATOM   371  C C   . THR A 1 49  ? -9.446  -4.407  -17.427 1.00 23.07 ? 49  THR A C   1 
ATOM   372  O O   . THR A 1 49  ? -8.955  -3.862  -18.420 1.00 22.65 ? 49  THR A O   1 
ATOM   373  C CB  . THR A 1 49  ? -8.710  -4.118  -15.079 1.00 24.18 ? 49  THR A CB  1 
ATOM   374  O OG1 . THR A 1 49  ? -8.885  -3.352  -13.882 1.00 22.78 ? 49  THR A OG1 1 
ATOM   375  C CG2 . THR A 1 49  ? -7.266  -3.974  -15.557 1.00 23.98 ? 49  THR A CG2 1 
ATOM   376  N N   . ASN A 1 50  ? -9.812  -5.689  -17.404 1.00 20.54 ? 50  ASN A N   1 
ATOM   377  C CA  . ASN A 1 50  ? -9.560  -6.567  -18.547 1.00 21.33 ? 50  ASN A CA  1 
ATOM   378  C C   . ASN A 1 50  ? -10.525 -6.502  -19.732 1.00 20.78 ? 50  ASN A C   1 
ATOM   379  O O   . ASN A 1 50  ? -10.146 -6.824  -20.863 1.00 20.10 ? 50  ASN A O   1 
ATOM   380  C CB  . ASN A 1 50  ? -9.480  -8.024  -18.085 1.00 24.79 ? 50  ASN A CB  1 
ATOM   381  C CG  . ASN A 1 50  ? -8.467  -8.238  -16.973 1.00 28.16 ? 50  ASN A CG  1 
ATOM   382  O OD1 . ASN A 1 50  ? -7.376  -7.669  -16.992 1.00 30.58 ? 50  ASN A OD1 1 
ATOM   383  N ND2 . ASN A 1 50  ? -8.822  -9.081  -16.003 1.00 28.60 ? 50  ASN A ND2 1 
ATOM   384  N N   . VAL A 1 51  ? -11.768 -6.106  -19.483 1.00 19.26 ? 51  VAL A N   1 
ATOM   385  C CA  . VAL A 1 51  ? -12.754 -6.049  -20.561 1.00 18.88 ? 51  VAL A CA  1 
ATOM   386  C C   . VAL A 1 51  ? -13.043 -4.626  -21.017 1.00 19.47 ? 51  VAL A C   1 
ATOM   387  O O   . VAL A 1 51  ? -12.968 -4.318  -22.207 1.00 18.17 ? 51  VAL A O   1 
ATOM   388  C CB  . VAL A 1 51  ? -14.076 -6.759  -20.138 1.00 20.94 ? 51  VAL A CB  1 
ATOM   389  C CG1 . VAL A 1 51  ? -15.078 -6.768  -21.302 1.00 20.02 ? 51  VAL A CG1 1 
ATOM   390  C CG2 . VAL A 1 51  ? -13.770 -8.189  -19.709 1.00 18.76 ? 51  VAL A CG2 1 
ATOM   391  N N   . LYS A 1 52  ? -13.360 -3.740  -20.083 1.00 18.45 ? 52  LYS A N   1 
ATOM   392  C CA  . LYS A 1 52  ? -13.651 -2.368  -20.488 1.00 20.10 ? 52  LYS A CA  1 
ATOM   393  C C   . LYS A 1 52  ? -12.399 -1.515  -20.681 1.00 19.09 ? 52  LYS A C   1 
ATOM   394  O O   . LYS A 1 52  ? -12.447 -0.469  -21.344 1.00 18.66 ? 52  LYS A O   1 
ATOM   395  C CB  . LYS A 1 52  ? -14.580 -1.714  -19.467 1.00 21.85 ? 52  LYS A CB  1 
ATOM   396  C CG  . LYS A 1 52  ? -15.923 -2.436  -19.328 1.00 25.26 ? 52  LYS A CG  1 
ATOM   397  C CD  . LYS A 1 52  ? -16.902 -1.639  -18.479 1.00 27.92 ? 52  LYS A CD  1 
ATOM   398  C CE  . LYS A 1 52  ? -18.087 -2.496  -18.035 1.00 29.32 ? 52  LYS A CE  1 
ATOM   399  N NZ  . LYS A 1 52  ? -18.717 -3.238  -19.157 1.00 31.60 ? 52  LYS A NZ  1 
ATOM   400  N N   . HIS A 1 53  ? -11.281 -1.972  -20.114 1.00 17.38 ? 53  HIS A N   1 
ATOM   401  C CA  . HIS A 1 53  ? -10.000 -1.246  -20.166 1.00 18.60 ? 53  HIS A CA  1 
ATOM   402  C C   . HIS A 1 53  ? -10.240 0.135   -19.551 1.00 20.30 ? 53  HIS A C   1 
ATOM   403  O O   . HIS A 1 53  ? -9.858  1.163   -20.109 1.00 18.44 ? 53  HIS A O   1 
ATOM   404  C CB  . HIS A 1 53  ? -9.485  -1.082  -21.610 1.00 19.50 ? 53  HIS A CB  1 
ATOM   405  C CG  . HIS A 1 53  ? -9.008  -2.354  -22.252 1.00 18.39 ? 53  HIS A CG  1 
ATOM   406  N ND1 . HIS A 1 53  ? -8.644  -3.474  -21.536 1.00 22.98 ? 53  HIS A ND1 1 
ATOM   407  C CD2 . HIS A 1 53  ? -8.813  -2.667  -23.555 1.00 17.08 ? 53  HIS A CD2 1 
ATOM   408  C CE1 . HIS A 1 53  ? -8.251  -4.423  -22.368 1.00 19.32 ? 53  HIS A CE1 1 
ATOM   409  N NE2 . HIS A 1 53  ? -8.344  -3.959  -23.602 1.00 21.88 ? 53  HIS A NE2 1 
ATOM   410  N N   . ASP A 1 54  ? -10.880 0.131   -18.384 1.00 21.31 ? 54  ASP A N   1 
ATOM   411  C CA  . ASP A 1 54  ? -11.233 1.354   -17.670 1.00 22.67 ? 54  ASP A CA  1 
ATOM   412  C C   . ASP A 1 54  ? -10.944 1.159   -16.183 1.00 23.33 ? 54  ASP A C   1 
ATOM   413  O O   . ASP A 1 54  ? -11.630 0.390   -15.516 1.00 25.91 ? 54  ASP A O   1 
ATOM   414  C CB  . ASP A 1 54  ? -12.719 1.634   -17.871 1.00 23.72 ? 54  ASP A CB  1 
ATOM   415  C CG  . ASP A 1 54  ? -13.172 2.930   -17.226 1.00 24.06 ? 54  ASP A CG  1 
ATOM   416  O OD1 . ASP A 1 54  ? -12.381 3.548   -16.497 1.00 22.96 ? 54  ASP A OD1 1 
ATOM   417  O OD2 . ASP A 1 54  ? -14.331 3.324   -17.454 1.00 28.65 ? 54  ASP A OD2 1 
ATOM   418  N N   . MET A 1 55  ? -9.928  1.839   -15.669 1.00 23.69 ? 55  MET A N   1 
ATOM   419  C CA  . MET A 1 55  ? -9.577  1.709   -14.259 1.00 25.26 ? 55  MET A CA  1 
ATOM   420  C C   . MET A 1 55  ? -10.075 2.856   -13.370 1.00 26.27 ? 55  MET A C   1 
ATOM   421  O O   . MET A 1 55  ? -9.661  2.983   -12.216 1.00 28.49 ? 55  MET A O   1 
ATOM   422  C CB  . MET A 1 55  ? -8.060  1.569   -14.121 1.00 25.05 ? 55  MET A CB  1 
ATOM   423  C CG  . MET A 1 55  ? -7.522  0.272   -14.711 1.00 25.43 ? 55  MET A CG  1 
ATOM   424  S SD  . MET A 1 55  ? -5.721  0.211   -14.806 1.00 29.48 ? 55  MET A SD  1 
ATOM   425  C CE  . MET A 1 55  ? -5.318  0.072   -13.147 1.00 25.56 ? 55  MET A CE  1 
ATOM   426  N N   . ALA A 1 56  ? -10.968 3.681   -13.893 1.00 26.91 ? 56  ALA A N   1 
ATOM   427  C CA  . ALA A 1 56  ? -11.492 4.795   -13.105 1.00 28.44 ? 56  ALA A CA  1 
ATOM   428  C C   . ALA A 1 56  ? -12.354 4.282   -11.955 1.00 27.91 ? 56  ALA A C   1 
ATOM   429  O O   . ALA A 1 56  ? -12.993 3.232   -12.063 1.00 27.48 ? 56  ALA A O   1 
ATOM   430  C CB  . ALA A 1 56  ? -12.313 5.715   -13.985 1.00 29.29 ? 56  ALA A CB  1 
ATOM   431  N N   . PRO A 1 57  ? -12.373 5.007   -10.826 1.00 28.62 ? 57  PRO A N   1 
ATOM   432  C CA  . PRO A 1 57  ? -13.199 4.548   -9.708  1.00 27.15 ? 57  PRO A CA  1 
ATOM   433  C C   . PRO A 1 57  ? -14.688 4.513   -10.057 1.00 27.55 ? 57  PRO A C   1 
ATOM   434  O O   . PRO A 1 57  ? -15.461 3.807   -9.408  1.00 25.16 ? 57  PRO A O   1 
ATOM   435  C CB  . PRO A 1 57  ? -12.859 5.539   -8.589  1.00 29.93 ? 57  PRO A CB  1 
ATOM   436  C CG  . PRO A 1 57  ? -12.401 6.772   -9.331  1.00 29.31 ? 57  PRO A CG  1 
ATOM   437  C CD  . PRO A 1 57  ? -11.578 6.188   -10.451 1.00 29.25 ? 57  PRO A CD  1 
ATOM   438  N N   . THR A 1 58  ? -15.104 5.253   -11.086 1.00 25.71 ? 58  THR A N   1 
ATOM   439  C CA  . THR A 1 58  ? -16.511 5.227   -11.453 1.00 26.13 ? 58  THR A CA  1 
ATOM   440  C C   . THR A 1 58  ? -16.868 3.855   -12.011 1.00 24.93 ? 58  THR A C   1 
ATOM   441  O O   . THR A 1 58  ? -18.036 3.465   -12.023 1.00 24.11 ? 58  THR A O   1 
ATOM   442  C CB  . THR A 1 58  ? -16.877 6.334   -12.472 1.00 29.51 ? 58  THR A CB  1 
ATOM   443  O OG1 . THR A 1 58  ? -16.160 6.133   -13.693 1.00 32.50 ? 58  THR A OG1 1 
ATOM   444  C CG2 . THR A 1 58  ? -16.520 7.700   -11.907 1.00 32.02 ? 58  THR A CG2 1 
ATOM   445  N N   . CYS A 1 59  ? -15.857 3.118   -12.469 1.00 21.78 ? 59  CYS A N   1 
ATOM   446  C CA  . CYS A 1 59  ? -16.085 1.765   -12.979 1.00 20.40 ? 59  CYS A CA  1 
ATOM   447  C C   . CYS A 1 59  ? -15.836 0.743   -11.864 1.00 18.11 ? 59  CYS A C   1 
ATOM   448  O O   . CYS A 1 59  ? -16.664 -0.135  -11.626 1.00 16.80 ? 59  CYS A O   1 
ATOM   449  C CB  . CYS A 1 59  ? -15.146 1.423   -14.144 1.00 19.91 ? 59  CYS A CB  1 
ATOM   450  S SG  . CYS A 1 59  ? -15.576 -0.151  -14.964 1.00 24.14 ? 59  CYS A SG  1 
ATOM   451  N N   . THR A 1 60  ? -14.697 0.857   -11.192 1.00 17.41 ? 60  THR A N   1 
ATOM   452  C CA  . THR A 1 60  ? -14.359 -0.106  -10.147 1.00 20.34 ? 60  THR A CA  1 
ATOM   453  C C   . THR A 1 60  ? -15.173 0.039   -8.858  1.00 19.67 ? 60  THR A C   1 
ATOM   454  O O   . THR A 1 60  ? -15.462 -0.959  -8.196  1.00 18.51 ? 60  THR A O   1 
ATOM   455  C CB  . THR A 1 60  ? -12.837 -0.068  -9.790  1.00 19.35 ? 60  THR A CB  1 
ATOM   456  O OG1 . THR A 1 60  ? -12.484 1.230   -9.303  1.00 21.95 ? 60  THR A OG1 1 
ATOM   457  C CG2 . THR A 1 60  ? -11.986 -0.395  -11.022 1.00 21.33 ? 60  THR A CG2 1 
ATOM   458  N N   . LYS A 1 61  ? -15.548 1.272   -8.514  1.00 19.53 ? 61  LYS A N   1 
ATOM   459  C CA  . LYS A 1 61  ? -16.315 1.522   -7.293  1.00 20.89 ? 61  LYS A CA  1 
ATOM   460  C C   . LYS A 1 61  ? -15.704 0.830   -6.070  1.00 18.84 ? 61  LYS A C   1 
ATOM   461  O O   . LYS A 1 61  ? -16.323 -0.048  -5.465  1.00 18.33 ? 61  LYS A O   1 
ATOM   462  C CB  . LYS A 1 61  ? -17.762 1.060   -7.480  1.00 21.80 ? 61  LYS A CB  1 
ATOM   463  C CG  . LYS A 1 61  ? -18.510 1.847   -8.553  1.00 24.09 ? 61  LYS A CG  1 
ATOM   464  C CD  . LYS A 1 61  ? -19.863 1.244   -8.830  1.00 29.18 ? 61  LYS A CD  1 
ATOM   465  C CE  . LYS A 1 61  ? -20.555 1.954   -9.983  1.00 32.14 ? 61  LYS A CE  1 
ATOM   466  N NZ  . LYS A 1 61  ? -21.790 1.230   -10.367 1.00 35.78 ? 61  LYS A NZ  1 
ATOM   467  N N   . PRO A 1 62  ? -14.477 1.224   -5.685  1.00 18.91 ? 62  PRO A N   1 
ATOM   468  C CA  . PRO A 1 62  ? -13.792 0.633   -4.532  1.00 19.41 ? 62  PRO A CA  1 
ATOM   469  C C   . PRO A 1 62  ? -14.520 0.805   -3.207  1.00 20.18 ? 62  PRO A C   1 
ATOM   470  O O   . PRO A 1 62  ? -14.861 1.925   -2.815  1.00 19.52 ? 62  PRO A O   1 
ATOM   471  C CB  . PRO A 1 62  ? -12.428 1.333   -4.528  1.00 21.82 ? 62  PRO A CB  1 
ATOM   472  C CG  . PRO A 1 62  ? -12.697 2.634   -5.274  1.00 24.61 ? 62  PRO A CG  1 
ATOM   473  C CD  . PRO A 1 62  ? -13.605 2.191   -6.379  1.00 19.43 ? 62  PRO A CD  1 
ATOM   474  N N   . PRO A 1 63  ? -14.780 -0.309  -2.504  1.00 19.26 ? 63  PRO A N   1 
ATOM   475  C CA  . PRO A 1 63  ? -15.470 -0.248  -1.213  1.00 18.29 ? 63  PRO A CA  1 
ATOM   476  C C   . PRO A 1 63  ? -14.559 0.365   -0.152  1.00 18.98 ? 63  PRO A C   1 
ATOM   477  O O   . PRO A 1 63  ? -13.337 0.487   -0.336  1.00 18.23 ? 63  PRO A O   1 
ATOM   478  C CB  . PRO A 1 63  ? -15.801 -1.718  -0.919  1.00 18.07 ? 63  PRO A CB  1 
ATOM   479  C CG  . PRO A 1 63  ? -15.850 -2.354  -2.317  1.00 17.04 ? 63  PRO A CG  1 
ATOM   480  C CD  . PRO A 1 63  ? -14.636 -1.705  -2.954  1.00 16.43 ? 63  PRO A CD  1 
ATOM   481  N N   . PRO A 1 64  ? -15.133 0.747   0.992   1.00 18.65 ? 64  PRO A N   1 
ATOM   482  C CA  . PRO A 1 64  ? -14.267 1.348   2.008   1.00 18.67 ? 64  PRO A CA  1 
ATOM   483  C C   . PRO A 1 64  ? -13.127 0.471   2.512   1.00 19.26 ? 64  PRO A C   1 
ATOM   484  O O   . PRO A 1 64  ? -12.161 0.985   3.080   1.00 17.74 ? 64  PRO A O   1 
ATOM   485  C CB  . PRO A 1 64  ? -15.241 1.766   3.117   1.00 20.78 ? 64  PRO A CB  1 
ATOM   486  C CG  . PRO A 1 64  ? -16.572 1.187   2.734   1.00 19.32 ? 64  PRO A CG  1 
ATOM   487  C CD  . PRO A 1 64  ? -16.562 0.982   1.272   1.00 20.08 ? 64  PRO A CD  1 
ATOM   488  N N   . PHE A 1 65  ? -13.217 -0.838  2.294   1.00 16.59 ? 65  PHE A N   1 
ATOM   489  C CA  . PHE A 1 65  ? -12.166 -1.716  2.782   1.00 17.73 ? 65  PHE A CA  1 
ATOM   490  C C   . PHE A 1 65  ? -10.892 -1.655  1.965   1.00 17.91 ? 65  PHE A C   1 
ATOM   491  O O   . PHE A 1 65  ? -9.908  -2.330  2.283   1.00 17.02 ? 65  PHE A O   1 
ATOM   492  C CB  . PHE A 1 65  ? -12.658 -3.165  2.940   1.00 16.28 ? 65  PHE A CB  1 
ATOM   493  C CG  . PHE A 1 65  ? -13.323 -3.750  1.714   1.00 16.18 ? 65  PHE A CG  1 
ATOM   494  C CD1 . PHE A 1 65  ? -12.616 -3.942  0.524   1.00 17.02 ? 65  PHE A CD1 1 
ATOM   495  C CD2 . PHE A 1 65  ? -14.652 -4.192  1.787   1.00 13.95 ? 65  PHE A CD2 1 
ATOM   496  C CE1 . PHE A 1 65  ? -13.232 -4.580  -0.581  1.00 17.75 ? 65  PHE A CE1 1 
ATOM   497  C CE2 . PHE A 1 65  ? -15.262 -4.821  0.706   1.00 16.50 ? 65  PHE A CE2 1 
ATOM   498  C CZ  . PHE A 1 65  ? -14.555 -5.020  -0.481  1.00 15.92 ? 65  PHE A CZ  1 
ATOM   499  N N   . CYS A 1 66  ? -10.913 -0.862  0.898   1.00 15.22 ? 66  CYS A N   1 
ATOM   500  C CA  . CYS A 1 66  ? -9.715  -0.645  0.097   1.00 15.70 ? 66  CYS A CA  1 
ATOM   501  C C   . CYS A 1 66  ? -8.864  0.393   0.818   1.00 17.95 ? 66  CYS A C   1 
ATOM   502  O O   . CYS A 1 66  ? -7.764  0.736   0.370   1.00 16.95 ? 66  CYS A O   1 
ATOM   503  C CB  . CYS A 1 66  ? -10.078 -0.127  -1.285  1.00 16.63 ? 66  CYS A CB  1 
ATOM   504  S SG  . CYS A 1 66  ? -10.740 -1.444  -2.325  1.00 14.93 ? 66  CYS A SG  1 
ATOM   505  N N   . GLY A 1 67  ? -9.392  0.909   1.929   1.00 18.39 ? 67  GLY A N   1 
ATOM   506  C CA  . GLY A 1 67  ? -8.656  1.893   2.706   1.00 20.66 ? 67  GLY A CA  1 
ATOM   507  C C   . GLY A 1 67  ? -8.776  3.325   2.213   1.00 19.69 ? 67  GLY A C   1 
ATOM   508  O O   . GLY A 1 67  ? -9.368  3.583   1.169   1.00 19.12 ? 67  GLY A O   1 
ATOM   509  N N   . PRO A 1 68  ? -8.219  4.288   2.957   1.00 22.11 ? 68  PRO A N   1 
ATOM   510  C CA  . PRO A 1 68  ? -8.282  5.700   2.562   1.00 23.19 ? 68  PRO A CA  1 
ATOM   511  C C   . PRO A 1 68  ? -7.763  5.873   1.134   1.00 25.33 ? 68  PRO A C   1 
ATOM   512  O O   . PRO A 1 68  ? -6.654  5.450   0.816   1.00 25.61 ? 68  PRO A O   1 
ATOM   513  C CB  . PRO A 1 68  ? -7.391  6.380   3.602   1.00 24.22 ? 68  PRO A CB  1 
ATOM   514  C CG  . PRO A 1 68  ? -7.595  5.526   4.824   1.00 25.69 ? 68  PRO A CG  1 
ATOM   515  C CD  . PRO A 1 68  ? -7.502  4.127   4.238   1.00 22.87 ? 68  PRO A CD  1 
ATOM   516  N N   . GLN A 1 69  ? -8.560  6.487   0.267   1.00 26.61 ? 69  GLN A N   1 
ATOM   517  C CA  . GLN A 1 69  ? -8.139  6.650   -1.120  1.00 27.89 ? 69  GLN A CA  1 
ATOM   518  C C   . GLN A 1 69  ? -6.996  7.637   -1.340  1.00 28.28 ? 69  GLN A C   1 
ATOM   519  O O   . GLN A 1 69  ? -6.461  7.738   -2.440  1.00 28.91 ? 69  GLN A O   1 
ATOM   520  C CB  . GLN A 1 69  ? -9.344  7.011   -1.991  1.00 30.77 ? 69  GLN A CB  1 
ATOM   521  C CG  . GLN A 1 69  ? -10.403 5.904   -2.032  1.00 32.52 ? 69  GLN A CG  1 
ATOM   522  C CD  . GLN A 1 69  ? -9.866  4.585   -2.597  1.00 35.21 ? 69  GLN A CD  1 
ATOM   523  O OE1 . GLN A 1 69  ? -9.626  4.459   -3.796  1.00 35.53 ? 69  GLN A OE1 1 
ATOM   524  N NE2 . GLN A 1 69  ? -9.672  3.602   -1.724  1.00 35.29 ? 69  GLN A NE2 1 
ATOM   525  N N   . ASP A 1 70  ? -6.601  8.348   -0.294  1.00 26.99 ? 70  ASP A N   1 
ATOM   526  C CA  . ASP A 1 70  ? -5.505  9.297   -0.422  1.00 28.22 ? 70  ASP A CA  1 
ATOM   527  C C   . ASP A 1 70  ? -4.329  8.950   0.488   1.00 26.55 ? 70  ASP A C   1 
ATOM   528  O O   . ASP A 1 70  ? -3.472  9.790   0.744   1.00 25.34 ? 70  ASP A O   1 
ATOM   529  C CB  . ASP A 1 70  ? -5.998  10.706  -0.097  1.00 29.57 ? 70  ASP A CB  1 
ATOM   530  C CG  . ASP A 1 70  ? -6.526  10.824  1.317   1.00 30.27 ? 70  ASP A CG  1 
ATOM   531  O OD1 . ASP A 1 70  ? -6.729  9.781   1.980   1.00 31.19 ? 70  ASP A OD1 1 
ATOM   532  O OD2 . ASP A 1 70  ? -6.751  11.968  1.761   1.00 34.77 ? 70  ASP A OD2 1 
ATOM   533  N N   . MET A 1 71  ? -4.270  7.718   0.977   1.00 25.72 ? 71  MET A N   1 
ATOM   534  C CA  . MET A 1 71  ? -3.162  7.384   1.857   1.00 25.96 ? 71  MET A CA  1 
ATOM   535  C C   . MET A 1 71  ? -1.846  7.398   1.090   1.00 25.91 ? 71  MET A C   1 
ATOM   536  O O   . MET A 1 71  ? -1.838  7.337   -0.139  1.00 24.02 ? 71  MET A O   1 
ATOM   537  C CB  . MET A 1 71  ? -3.391  6.041   2.556   1.00 28.27 ? 71  MET A CB  1 
ATOM   538  C CG  . MET A 1 71  ? -3.393  4.826   1.676   1.00 32.01 ? 71  MET A CG  1 
ATOM   539  S SD  . MET A 1 71  ? -3.664  3.388   2.739   1.00 34.41 ? 71  MET A SD  1 
ATOM   540  C CE  . MET A 1 71  ? -4.355  2.277   1.566   1.00 32.25 ? 71  MET A CE  1 
ATOM   541  N N   . LYS A 1 72  ? -0.744  7.516   1.826   1.00 25.38 ? 72  LYS A N   1 
ATOM   542  C CA  . LYS A 1 72  ? 0.581   7.573   1.236   1.00 24.69 ? 72  LYS A CA  1 
ATOM   543  C C   . LYS A 1 72  ? 1.326   6.246   1.322   1.00 21.85 ? 72  LYS A C   1 
ATOM   544  O O   . LYS A 1 72  ? 1.094   5.435   2.215   1.00 20.51 ? 72  LYS A O   1 
ATOM   545  C CB  . LYS A 1 72  ? 1.414   8.657   1.924   1.00 28.26 ? 72  LYS A CB  1 
ATOM   546  C CG  . LYS A 1 72  ? 0.829   10.061  1.837   1.00 32.71 ? 72  LYS A CG  1 
ATOM   547  C CD  . LYS A 1 72  ? 1.847   11.090  2.328   1.00 37.01 ? 72  LYS A CD  1 
ATOM   548  C CE  . LYS A 1 72  ? 1.252   12.497  2.405   1.00 37.79 ? 72  LYS A CE  1 
ATOM   549  N NZ  . LYS A 1 72  ? 0.214   12.599  3.472   1.00 40.33 ? 72  LYS A NZ  1 
ATOM   550  N N   . MET A 1 73  ? 2.221   6.032   0.372   1.00 20.37 ? 73  MET A N   1 
ATOM   551  C CA  . MET A 1 73  ? 3.014   4.820   0.360   1.00 17.58 ? 73  MET A CA  1 
ATOM   552  C C   . MET A 1 73  ? 4.465   5.251   0.245   1.00 18.52 ? 73  MET A C   1 
ATOM   553  O O   . MET A 1 73  ? 4.781   6.218   -0.459  1.00 20.43 ? 73  MET A O   1 
ATOM   554  C CB  . MET A 1 73  ? 2.618   3.949   -0.838  1.00 18.80 ? 73  MET A CB  1 
ATOM   555  C CG  . MET A 1 73  ? 3.425   2.670   -0.993  1.00 19.25 ? 73  MET A CG  1 
ATOM   556  S SD  . MET A 1 73  ? 2.639   1.665   -2.256  1.00 24.75 ? 73  MET A SD  1 
ATOM   557  C CE  . MET A 1 73  ? 3.511   0.152   -2.074  1.00 16.10 ? 73  MET A CE  1 
ATOM   558  N N   . PHE A 1 74  ? 5.338   4.541   0.950   1.00 17.70 ? 74  PHE A N   1 
ATOM   559  C CA  . PHE A 1 74  ? 6.768   4.811   0.927   1.00 19.08 ? 74  PHE A CA  1 
ATOM   560  C C   . PHE A 1 74  ? 7.442   3.456   0.710   1.00 19.35 ? 74  PHE A C   1 
ATOM   561  O O   . PHE A 1 74  ? 7.174   2.491   1.431   1.00 19.86 ? 74  PHE A O   1 
ATOM   562  C CB  . PHE A 1 74  ? 7.232   5.408   2.258   1.00 17.46 ? 74  PHE A CB  1 
ATOM   563  C CG  . PHE A 1 74  ? 6.626   6.757   2.580   1.00 20.11 ? 74  PHE A CG  1 
ATOM   564  C CD1 . PHE A 1 74  ? 6.996   7.896   1.865   1.00 21.34 ? 74  PHE A CD1 1 
ATOM   565  C CD2 . PHE A 1 74  ? 5.721   6.886   3.628   1.00 21.07 ? 74  PHE A CD2 1 
ATOM   566  C CE1 . PHE A 1 74  ? 6.468   9.157   2.195   1.00 22.59 ? 74  PHE A CE1 1 
ATOM   567  C CE2 . PHE A 1 74  ? 5.186   8.137   3.969   1.00 23.03 ? 74  PHE A CE2 1 
ATOM   568  C CZ  . PHE A 1 74  ? 5.566   9.275   3.246   1.00 23.18 ? 74  PHE A CZ  1 
ATOM   569  N N   . ASN A 1 75  ? 8.306   3.387   -0.290  1.00 20.02 ? 75  ASN A N   1 
ATOM   570  C CA  . ASN A 1 75  ? 8.999   2.148   -0.607  1.00 20.45 ? 75  ASN A CA  1 
ATOM   571  C C   . ASN A 1 75  ? 10.498  2.275   -0.377  1.00 21.47 ? 75  ASN A C   1 
ATOM   572  O O   . ASN A 1 75  ? 11.154  3.111   -0.994  1.00 21.40 ? 75  ASN A O   1 
ATOM   573  C CB  . ASN A 1 75  ? 8.703   1.785   -2.050  1.00 21.77 ? 75  ASN A CB  1 
ATOM   574  C CG  . ASN A 1 75  ? 7.220   1.703   -2.315  1.00 22.89 ? 75  ASN A CG  1 
ATOM   575  O OD1 . ASN A 1 75  ? 6.528   0.869   -1.735  1.00 25.47 ? 75  ASN A OD1 1 
ATOM   576  N ND2 . ASN A 1 75  ? 6.716   2.587   -3.172  1.00 22.77 ? 75  ASN A ND2 1 
ATOM   577  N N   . PHE A 1 76  ? 11.025  1.439   0.519   1.00 18.93 ? 76  PHE A N   1 
ATOM   578  C CA  . PHE A 1 76  ? 12.443  1.446   0.863   1.00 20.03 ? 76  PHE A CA  1 
ATOM   579  C C   . PHE A 1 76  ? 13.062  0.133   0.413   1.00 18.98 ? 76  PHE A C   1 
ATOM   580  O O   . PHE A 1 76  ? 12.363  -0.749  -0.067  1.00 18.52 ? 76  PHE A O   1 
ATOM   581  C CB  . PHE A 1 76  ? 12.623  1.549   2.376   1.00 18.19 ? 76  PHE A CB  1 
ATOM   582  C CG  . PHE A 1 76  ? 11.864  2.683   3.006   1.00 19.96 ? 76  PHE A CG  1 
ATOM   583  C CD1 . PHE A 1 76  ? 12.359  3.981   2.963   1.00 20.07 ? 76  PHE A CD1 1 
ATOM   584  C CD2 . PHE A 1 76  ? 10.639  2.448   3.614   1.00 17.54 ? 76  PHE A CD2 1 
ATOM   585  C CE1 . PHE A 1 76  ? 11.627  5.038   3.522   1.00 18.64 ? 76  PHE A CE1 1 
ATOM   586  C CE2 . PHE A 1 76  ? 9.907   3.484   4.172   1.00 19.57 ? 76  PHE A CE2 1 
ATOM   587  C CZ  . PHE A 1 76  ? 10.400  4.786   4.127   1.00 18.82 ? 76  PHE A CZ  1 
ATOM   588  N N   . VAL A 1 77  ? 14.377  0.020   0.574   1.00 19.38 ? 77  VAL A N   1 
ATOM   589  C CA  . VAL A 1 77  ? 15.070  -1.210  0.229   1.00 20.50 ? 77  VAL A CA  1 
ATOM   590  C C   . VAL A 1 77  ? 14.781  -2.173  1.368   1.00 20.40 ? 77  VAL A C   1 
ATOM   591  O O   . VAL A 1 77  ? 15.231  -1.966  2.501   1.00 18.16 ? 77  VAL A O   1 
ATOM   592  C CB  . VAL A 1 77  ? 16.595  -1.006  0.129   1.00 20.96 ? 77  VAL A CB  1 
ATOM   593  C CG1 . VAL A 1 77  ? 17.290  -2.363  -0.019  1.00 22.08 ? 77  VAL A CG1 1 
ATOM   594  C CG2 . VAL A 1 77  ? 16.922  -0.115  -1.049  1.00 21.37 ? 77  VAL A CG2 1 
ATOM   595  N N   . GLY A 1 78  ? 13.999  -3.207  1.078   1.00 20.03 ? 78  GLY A N   1 
ATOM   596  C CA  . GLY A 1 78  ? 13.693  -4.184  2.104   1.00 21.79 ? 78  GLY A CA  1 
ATOM   597  C C   . GLY A 1 78  ? 12.274  -4.130  2.626   1.00 21.08 ? 78  GLY A C   1 
ATOM   598  O O   . GLY A 1 78  ? 11.780  -5.119  3.174   1.00 19.54 ? 78  GLY A O   1 
ATOM   599  N N   . CYS A 1 79  ? 11.604  -2.987  2.478   1.00 20.43 ? 79  CYS A N   1 
ATOM   600  C CA  . CYS A 1 79  ? 10.239  -2.897  2.970   1.00 18.72 ? 79  CYS A CA  1 
ATOM   601  C C   . CYS A 1 79  ? 9.450   -1.690  2.476   1.00 19.05 ? 79  CYS A C   1 
ATOM   602  O O   . CYS A 1 79  ? 10.013  -0.771  1.871   1.00 16.93 ? 79  CYS A O   1 
ATOM   603  C CB  . CYS A 1 79  ? 10.255  -2.929  4.498   1.00 21.98 ? 79  CYS A CB  1 
ATOM   604  S SG  . CYS A 1 79  ? 10.512  -1.384  5.438   1.00 20.64 ? 79  CYS A SG  1 
ATOM   605  N N   . SER A 1 80  ? 8.140   -1.714  2.722   1.00 18.95 ? 80  SER A N   1 
ATOM   606  C CA  . SER A 1 80  ? 7.249   -0.635  2.310   1.00 19.49 ? 80  SER A CA  1 
ATOM   607  C C   . SER A 1 80  ? 6.259   -0.258  3.408   1.00 18.61 ? 80  SER A C   1 
ATOM   608  O O   . SER A 1 80  ? 5.888   -1.078  4.255   1.00 16.99 ? 80  SER A O   1 
ATOM   609  C CB  . SER A 1 80  ? 6.437   -1.035  1.064   1.00 22.05 ? 80  SER A CB  1 
ATOM   610  O OG  . SER A 1 80  ? 7.260   -1.312  -0.058  1.00 22.02 ? 80  SER A OG  1 
ATOM   611  N N   . VAL A 1 81  ? 5.839   0.998   3.377   1.00 19.16 ? 81  VAL A N   1 
ATOM   612  C CA  . VAL A 1 81  ? 4.849   1.511   4.308   1.00 17.19 ? 81  VAL A CA  1 
ATOM   613  C C   . VAL A 1 81  ? 3.685   1.982   3.435   1.00 16.02 ? 81  VAL A C   1 
ATOM   614  O O   . VAL A 1 81  ? 3.874   2.714   2.461   1.00 16.66 ? 81  VAL A O   1 
ATOM   615  C CB  . VAL A 1 81  ? 5.385   2.717   5.114   1.00 16.58 ? 81  VAL A CB  1 
ATOM   616  C CG1 . VAL A 1 81  ? 4.290   3.251   6.042   1.00 19.21 ? 81  VAL A CG1 1 
ATOM   617  C CG2 . VAL A 1 81  ? 6.609   2.312   5.907   1.00 17.49 ? 81  VAL A CG2 1 
ATOM   618  N N   . LEU A 1 82  ? 2.482   1.540   3.771   1.00 16.56 ? 82  LEU A N   1 
ATOM   619  C CA  . LEU A 1 82  ? 1.295   1.944   3.036   1.00 18.86 ? 82  LEU A CA  1 
ATOM   620  C C   . LEU A 1 82  ? 0.335   2.400   4.122   1.00 20.03 ? 82  LEU A C   1 
ATOM   621  O O   . LEU A 1 82  ? 0.013   1.638   5.045   1.00 20.05 ? 82  LEU A O   1 
ATOM   622  C CB  . LEU A 1 82  ? 0.709   0.768   2.257   1.00 17.88 ? 82  LEU A CB  1 
ATOM   623  C CG  . LEU A 1 82  ? -0.588  1.060   1.495   1.00 16.66 ? 82  LEU A CG  1 
ATOM   624  C CD1 . LEU A 1 82  ? -0.314  2.013   0.354   1.00 19.58 ? 82  LEU A CD1 1 
ATOM   625  C CD2 . LEU A 1 82  ? -1.166  -0.255  0.965   1.00 19.99 ? 82  LEU A CD2 1 
ATOM   626  N N   . GLY A 1 83  ? -0.112  3.644   4.013   1.00 21.87 ? 83  GLY A N   1 
ATOM   627  C CA  . GLY A 1 83  ? -0.991  4.185   5.023   1.00 24.87 ? 83  GLY A CA  1 
ATOM   628  C C   . GLY A 1 83  ? -0.133  4.191   6.267   1.00 27.55 ? 83  GLY A C   1 
ATOM   629  O O   . GLY A 1 83  ? 0.986   4.699   6.272   1.00 31.07 ? 83  GLY A O   1 
ATOM   630  N N   . ASN A 1 84  ? -0.633  3.626   7.343   1.00 28.28 ? 84  ASN A N   1 
ATOM   631  C CA  . ASN A 1 84  ? 0.196   3.608   8.522   1.00 27.15 ? 84  ASN A CA  1 
ATOM   632  C C   . ASN A 1 84  ? 0.465   2.161   8.884   1.00 22.78 ? 84  ASN A C   1 
ATOM   633  O O   . ASN A 1 84  ? 0.434   1.791   10.047  1.00 22.27 ? 84  ASN A O   1 
ATOM   634  C CB  . ASN A 1 84  ? -0.485  4.378   9.660   1.00 31.32 ? 84  ASN A CB  1 
ATOM   635  C CG  . ASN A 1 84  ? -0.679  5.851   9.322   1.00 36.01 ? 84  ASN A CG  1 
ATOM   636  O OD1 . ASN A 1 84  ? 0.248   6.522   8.857   1.00 36.80 ? 84  ASN A OD1 1 
ATOM   637  N ND2 . ASN A 1 84  ? -1.890  6.360   9.552   1.00 40.09 ? 84  ASN A ND2 1 
ATOM   638  N N   . LYS A 1 85  ? 0.728   1.351   7.856   1.00 19.80 ? 85  LYS A N   1 
ATOM   639  C CA  . LYS A 1 85  ? 1.000   -0.075  8.047   1.00 18.34 ? 85  LYS A CA  1 
ATOM   640  C C   . LYS A 1 85  ? 2.327   -0.457  7.394   1.00 16.30 ? 85  LYS A C   1 
ATOM   641  O O   . LYS A 1 85  ? 2.657   0.021   6.318   1.00 14.28 ? 85  LYS A O   1 
ATOM   642  C CB  . LYS A 1 85  ? -0.142  -0.914  7.471   1.00 18.27 ? 85  LYS A CB  1 
ATOM   643  C CG  . LYS A 1 85  ? -1.509  -0.674  8.157   1.00 21.39 ? 85  LYS A CG  1 
ATOM   644  C CD  . LYS A 1 85  ? -2.589  -1.600  7.578   1.00 24.27 ? 85  LYS A CD  1 
ATOM   645  C CE  . LYS A 1 85  ? -3.998  -1.302  8.106   1.00 27.57 ? 85  LYS A CE  1 
ATOM   646  N NZ  . LYS A 1 85  ? -5.020  -2.330  7.633   1.00 27.22 ? 85  LYS A NZ  1 
ATOM   647  N N   . LEU A 1 86  ? 3.076   -1.335  8.061   1.00 15.85 ? 86  LEU A N   1 
ATOM   648  C CA  . LEU A 1 86  ? 4.386   -1.788  7.588   1.00 16.25 ? 86  LEU A CA  1 
ATOM   649  C C   . LEU A 1 86  ? 4.324   -3.179  6.965   1.00 16.67 ? 86  LEU A C   1 
ATOM   650  O O   . LEU A 1 86  ? 3.683   -4.084  7.515   1.00 17.06 ? 86  LEU A O   1 
ATOM   651  C CB  . LEU A 1 86  ? 5.379   -1.814  8.765   1.00 18.81 ? 86  LEU A CB  1 
ATOM   652  C CG  . LEU A 1 86  ? 6.705   -2.559  8.535   1.00 18.72 ? 86  LEU A CG  1 
ATOM   653  C CD1 . LEU A 1 86  ? 7.507   -1.821  7.480   1.00 18.31 ? 86  LEU A CD1 1 
ATOM   654  C CD2 . LEU A 1 86  ? 7.511   -2.649  9.848   1.00 16.68 ? 86  LEU A CD2 1 
ATOM   655  N N   . PHE A 1 87  ? 4.993   -3.333  5.820   1.00 15.58 ? 87  PHE A N   1 
ATOM   656  C CA  . PHE A 1 87  ? 5.045   -4.604  5.098   1.00 17.39 ? 87  PHE A CA  1 
ATOM   657  C C   . PHE A 1 87  ? 6.481   -4.973  4.733   1.00 18.95 ? 87  PHE A C   1 
ATOM   658  O O   . PHE A 1 87  ? 7.220   -4.146  4.196   1.00 18.25 ? 87  PHE A O   1 
ATOM   659  C CB  . PHE A 1 87  ? 4.247   -4.526  3.795   1.00 17.78 ? 87  PHE A CB  1 
ATOM   660  C CG  . PHE A 1 87  ? 2.800   -4.169  3.983   1.00 16.97 ? 87  PHE A CG  1 
ATOM   661  C CD1 . PHE A 1 87  ? 2.407   -2.842  4.183   1.00 16.59 ? 87  PHE A CD1 1 
ATOM   662  C CD2 . PHE A 1 87  ? 1.832   -5.166  4.001   1.00 18.26 ? 87  PHE A CD2 1 
ATOM   663  C CE1 . PHE A 1 87  ? 1.065   -2.524  4.408   1.00 17.03 ? 87  PHE A CE1 1 
ATOM   664  C CE2 . PHE A 1 87  ? 0.481   -4.859  4.225   1.00 19.31 ? 87  PHE A CE2 1 
ATOM   665  C CZ  . PHE A 1 87  ? 0.097   -3.542  4.431   1.00 17.30 ? 87  PHE A CZ  1 
ATOM   666  N N   . ILE A 1 88  ? 6.857   -6.221  5.009   1.00 20.07 ? 88  ILE A N   1 
ATOM   667  C CA  . ILE A 1 88  ? 8.184   -6.725  4.649   1.00 21.16 ? 88  ILE A CA  1 
ATOM   668  C C   . ILE A 1 88  ? 7.945   -7.999  3.819   1.00 24.46 ? 88  ILE A C   1 
ATOM   669  O O   . ILE A 1 88  ? 7.163   -8.870  4.217   1.00 25.64 ? 88  ILE A O   1 
ATOM   670  C CB  . ILE A 1 88  ? 9.016   -7.017  5.906   1.00 22.07 ? 88  ILE A CB  1 
ATOM   671  C CG1 . ILE A 1 88  ? 9.363   -5.690  6.596   1.00 22.84 ? 88  ILE A CG1 1 
ATOM   672  C CG2 . ILE A 1 88  ? 10.275  -7.802  5.534   1.00 22.25 ? 88  ILE A CG2 1 
ATOM   673  C CD1 . ILE A 1 88  ? 10.007  -5.840  7.968   1.00 20.17 ? 88  ILE A CD1 1 
ATOM   674  N N   . ASP A 1 89  ? 8.582   -8.093  2.651   1.00 25.17 ? 89  ASP A N   1 
ATOM   675  C CA  . ASP A 1 89  ? 8.385   -9.244  1.771   1.00 28.05 ? 89  ASP A CA  1 
ATOM   676  C C   . ASP A 1 89  ? 6.893   -9.412  1.463   1.00 27.73 ? 89  ASP A C   1 
ATOM   677  O O   . ASP A 1 89  ? 6.369   -10.530 1.428   1.00 27.52 ? 89  ASP A O   1 
ATOM   678  C CB  . ASP A 1 89  ? 8.916   -10.525 2.417   1.00 32.21 ? 89  ASP A CB  1 
ATOM   679  C CG  . ASP A 1 89  ? 10.424  -10.631 2.342   1.00 37.10 ? 89  ASP A CG  1 
ATOM   680  O OD1 . ASP A 1 89  ? 10.962  -10.524 1.220   1.00 38.35 ? 89  ASP A OD1 1 
ATOM   681  O OD2 . ASP A 1 89  ? 11.067  -10.830 3.399   1.00 41.39 ? 89  ASP A OD2 1 
ATOM   682  N N   . GLN A 1 90  ? 6.220   -8.283  1.249   1.00 26.57 ? 90  GLN A N   1 
ATOM   683  C CA  . GLN A 1 90  ? 4.792   -8.245  0.950   1.00 26.14 ? 90  GLN A CA  1 
ATOM   684  C C   . GLN A 1 90  ? 3.884   -8.851  2.005   1.00 25.03 ? 90  GLN A C   1 
ATOM   685  O O   . GLN A 1 90  ? 2.806   -9.356  1.682   1.00 24.17 ? 90  GLN A O   1 
ATOM   686  C CB  . GLN A 1 90  ? 4.504   -8.909  -0.396  1.00 29.67 ? 90  GLN A CB  1 
ATOM   687  C CG  . GLN A 1 90  ? 4.531   -7.954  -1.572  1.00 34.99 ? 90  GLN A CG  1 
ATOM   688  C CD  . GLN A 1 90  ? 5.909   -7.768  -2.152  1.00 39.06 ? 90  GLN A CD  1 
ATOM   689  O OE1 . GLN A 1 90  ? 6.793   -7.180  -1.524  1.00 42.09 ? 90  GLN A OE1 1 
ATOM   690  N NE2 . GLN A 1 90  ? 6.108   -8.277  -3.365  1.00 40.01 ? 90  GLN A NE2 1 
ATOM   691  N N   . LYS A 1 91  ? 4.307   -8.779  3.266   1.00 23.36 ? 91  LYS A N   1 
ATOM   692  C CA  . LYS A 1 91  ? 3.524   -9.316  4.375   1.00 21.89 ? 91  LYS A CA  1 
ATOM   693  C C   . LYS A 1 91  ? 3.372   -8.273  5.479   1.00 20.27 ? 91  LYS A C   1 
ATOM   694  O O   . LYS A 1 91  ? 4.335   -7.608  5.850   1.00 19.22 ? 91  LYS A O   1 
ATOM   695  C CB  . LYS A 1 91  ? 4.204   -10.551 4.955   1.00 23.41 ? 91  LYS A CB  1 
ATOM   696  C CG  . LYS A 1 91  ? 4.364   -11.685 3.968   1.00 27.55 ? 91  LYS A CG  1 
ATOM   697  C CD  . LYS A 1 91  ? 5.328   -12.708 4.532   1.00 29.48 ? 91  LYS A CD  1 
ATOM   698  C CE  . LYS A 1 91  ? 5.585   -13.847 3.560   1.00 32.93 ? 91  LYS A CE  1 
ATOM   699  N NZ  . LYS A 1 91  ? 6.581   -14.790 4.158   1.00 32.38 ? 91  LYS A NZ  1 
ATOM   700  N N   . TYR A 1 92  ? 2.159   -8.129  5.998   1.00 18.80 ? 92  TYR A N   1 
ATOM   701  C CA  . TYR A 1 92  ? 1.913   -7.160  7.064   1.00 19.25 ? 92  TYR A CA  1 
ATOM   702  C C   . TYR A 1 92  ? 2.741   -7.500  8.291   1.00 20.44 ? 92  TYR A C   1 
ATOM   703  O O   . TYR A 1 92  ? 2.781   -8.656  8.705   1.00 20.50 ? 92  TYR A O   1 
ATOM   704  C CB  . TYR A 1 92  ? 0.433   -7.171  7.454   1.00 16.46 ? 92  TYR A CB  1 
ATOM   705  C CG  . TYR A 1 92  ? 0.103   -6.344  8.680   1.00 19.49 ? 92  TYR A CG  1 
ATOM   706  C CD1 . TYR A 1 92  ? 0.045   -4.946  8.618   1.00 18.68 ? 92  TYR A CD1 1 
ATOM   707  C CD2 . TYR A 1 92  ? -0.202  -6.964  9.896   1.00 20.44 ? 92  TYR A CD2 1 
ATOM   708  C CE1 . TYR A 1 92  ? -0.320  -4.195  9.740   1.00 20.22 ? 92  TYR A CE1 1 
ATOM   709  C CE2 . TYR A 1 92  ? -0.565  -6.224  11.014  1.00 21.46 ? 92  TYR A CE2 1 
ATOM   710  C CZ  . TYR A 1 92  ? -0.626  -4.846  10.933  1.00 20.93 ? 92  TYR A CZ  1 
ATOM   711  O OH  . TYR A 1 92  ? -1.016  -4.123  12.036  1.00 20.40 ? 92  TYR A OH  1 
ATOM   712  N N   . VAL A 1 93  ? 3.392   -6.493  8.868   1.00 20.41 ? 93  VAL A N   1 
ATOM   713  C CA  . VAL A 1 93  ? 4.197   -6.687  10.076  1.00 21.12 ? 93  VAL A CA  1 
ATOM   714  C C   . VAL A 1 93  ? 3.495   -6.024  11.253  1.00 21.36 ? 93  VAL A C   1 
ATOM   715  O O   . VAL A 1 93  ? 3.222   -6.677  12.262  1.00 21.86 ? 93  VAL A O   1 
ATOM   716  C CB  . VAL A 1 93  ? 5.611   -6.071  9.953   1.00 19.55 ? 93  VAL A CB  1 
ATOM   717  C CG1 . VAL A 1 93  ? 6.394   -6.285  11.272  1.00 19.22 ? 93  VAL A CG1 1 
ATOM   718  C CG2 . VAL A 1 93  ? 6.363   -6.709  8.788   1.00 20.28 ? 93  VAL A CG2 1 
ATOM   719  N N   . ARG A 1 94  ? 3.183   -4.733  11.123  1.00 20.94 ? 94  ARG A N   1 
ATOM   720  C CA  . ARG A 1 94  ? 2.510   -4.011  12.211  1.00 22.35 ? 94  ARG A CA  1 
ATOM   721  C C   . ARG A 1 94  ? 2.049   -2.628  11.782  1.00 21.09 ? 94  ARG A C   1 
ATOM   722  O O   . ARG A 1 94  ? 2.319   -2.191  10.664  1.00 18.35 ? 94  ARG A O   1 
ATOM   723  C CB  . ARG A 1 94  ? 3.468   -3.842  13.399  1.00 25.53 ? 94  ARG A CB  1 
ATOM   724  C CG  . ARG A 1 94  ? 4.731   -3.034  13.050  1.00 28.52 ? 94  ARG A CG  1 
ATOM   725  C CD  . ARG A 1 94  ? 5.734   -3.061  14.194  1.00 34.78 ? 94  ARG A CD  1 
ATOM   726  N NE  . ARG A 1 94  ? 7.084   -2.739  13.739  1.00 37.95 ? 94  ARG A NE  1 
ATOM   727  C CZ  . ARG A 1 94  ? 7.696   -1.592  13.996  1.00 38.71 ? 94  ARG A CZ  1 
ATOM   728  N NH1 . ARG A 1 94  ? 7.075   -0.667  14.710  1.00 43.10 ? 94  ARG A NH1 1 
ATOM   729  N NH2 . ARG A 1 94  ? 8.922   -1.368  13.543  1.00 37.33 ? 94  ARG A NH2 1 
ATOM   730  N N   . ASP A 1 95  ? 1.340   -1.950  12.682  1.00 20.22 ? 95  ASP A N   1 
ATOM   731  C CA  . ASP A 1 95  ? 0.903   -0.586  12.433  1.00 23.28 ? 95  ASP A CA  1 
ATOM   732  C C   . ASP A 1 95  ? 2.137   0.246   12.810  1.00 22.78 ? 95  ASP A C   1 
ATOM   733  O O   . ASP A 1 95  ? 2.854   -0.110  13.744  1.00 22.91 ? 95  ASP A O   1 
ATOM   734  C CB  . ASP A 1 95  ? -0.272  -0.203  13.346  1.00 22.47 ? 95  ASP A CB  1 
ATOM   735  C CG  . ASP A 1 95  ? -1.584  -0.863  12.942  1.00 23.38 ? 95  ASP A CG  1 
ATOM   736  O OD1 . ASP A 1 95  ? -1.679  -1.408  11.820  1.00 19.81 ? 95  ASP A OD1 1 
ATOM   737  O OD2 . ASP A 1 95  ? -2.539  -0.824  13.745  1.00 23.68 ? 95  ASP A OD2 1 
ATOM   738  N N   . LEU A 1 96  ? 2.413   1.330   12.091  1.00 22.66 ? 96  LEU A N   1 
ATOM   739  C CA  . LEU A 1 96  ? 3.578   2.131   12.448  1.00 23.27 ? 96  LEU A CA  1 
ATOM   740  C C   . LEU A 1 96  ? 3.375   2.826   13.785  1.00 25.01 ? 96  LEU A C   1 
ATOM   741  O O   . LEU A 1 96  ? 2.274   3.271   14.107  1.00 26.54 ? 96  LEU A O   1 
ATOM   742  C CB  . LEU A 1 96  ? 3.884   3.194   11.381  1.00 23.20 ? 96  LEU A CB  1 
ATOM   743  C CG  . LEU A 1 96  ? 4.732   2.776   10.173  1.00 24.02 ? 96  LEU A CG  1 
ATOM   744  C CD1 . LEU A 1 96  ? 3.897   1.936   9.216   1.00 26.80 ? 96  LEU A CD1 1 
ATOM   745  C CD2 . LEU A 1 96  ? 5.251   4.023   9.471   1.00 23.75 ? 96  LEU A CD2 1 
ATOM   746  N N   . THR A 1 97  ? 4.451   2.911   14.556  1.00 25.65 ? 97  THR A N   1 
ATOM   747  C CA  . THR A 1 97  ? 4.444   3.565   15.856  1.00 26.55 ? 97  THR A CA  1 
ATOM   748  C C   . THR A 1 97  ? 5.043   4.943   15.620  1.00 26.16 ? 97  THR A C   1 
ATOM   749  O O   . THR A 1 97  ? 5.545   5.219   14.536  1.00 23.62 ? 97  THR A O   1 
ATOM   750  C CB  . THR A 1 97  ? 5.345   2.825   16.841  1.00 28.86 ? 97  THR A CB  1 
ATOM   751  O OG1 . THR A 1 97  ? 6.669   2.737   16.291  1.00 27.72 ? 97  THR A OG1 1 
ATOM   752  C CG2 . THR A 1 97  ? 4.819   1.428   17.102  1.00 28.24 ? 97  THR A CG2 1 
ATOM   753  N N   . ALA A 1 98  ? 4.998   5.808   16.629  1.00 27.13 ? 98  ALA A N   1 
ATOM   754  C CA  . ALA A 1 98  ? 5.564   7.150   16.486  1.00 25.65 ? 98  ALA A CA  1 
ATOM   755  C C   . ALA A 1 98  ? 7.046   7.066   16.120  1.00 25.70 ? 98  ALA A C   1 
ATOM   756  O O   . ALA A 1 98  ? 7.543   7.852   15.314  1.00 25.02 ? 98  ALA A O   1 
ATOM   757  C CB  . ALA A 1 98  ? 5.392   7.933   17.789  1.00 27.55 ? 98  ALA A CB  1 
ATOM   758  N N   . LYS A 1 99  ? 7.760   6.119   16.722  1.00 24.91 ? 99  LYS A N   1 
ATOM   759  C CA  . LYS A 1 99  ? 9.182   5.958   16.426  1.00 25.44 ? 99  LYS A CA  1 
ATOM   760  C C   . LYS A 1 99  ? 9.379   5.610   14.955  1.00 24.52 ? 99  LYS A C   1 
ATOM   761  O O   . LYS A 1 99  ? 10.331  6.083   14.324  1.00 23.30 ? 99  LYS A O   1 
ATOM   762  C CB  . LYS A 1 99  ? 9.806   4.871   17.306  1.00 27.59 ? 99  LYS A CB  1 
ATOM   763  C CG  . LYS A 1 99  ? 10.224  5.358   18.691  1.00 32.86 ? 99  LYS A CG  1 
ATOM   764  C CD  . LYS A 1 99  ? 10.587  4.192   19.613  1.00 34.86 ? 99  LYS A CD  1 
ATOM   765  C CE  . LYS A 1 99  ? 10.937  4.688   21.016  1.00 38.83 ? 99  LYS A CE  1 
ATOM   766  N NZ  . LYS A 1 99  ? 11.084  3.578   22.015  1.00 38.82 ? 99  LYS A NZ  1 
ATOM   767  N N   . ASP A 1 100 ? 8.489   4.772   14.417  1.00 24.04 ? 100 ASP A N   1 
ATOM   768  C CA  . ASP A 1 100 ? 8.564   4.377   13.006  1.00 23.24 ? 100 ASP A CA  1 
ATOM   769  C C   . ASP A 1 100 ? 8.386   5.595   12.105  1.00 22.13 ? 100 ASP A C   1 
ATOM   770  O O   . ASP A 1 100 ? 9.117   5.763   11.132  1.00 21.60 ? 100 ASP A O   1 
ATOM   771  C CB  . ASP A 1 100 ? 7.482   3.347   12.643  1.00 22.65 ? 100 ASP A CB  1 
ATOM   772  C CG  . ASP A 1 100 ? 7.657   2.017   13.366  1.00 24.97 ? 100 ASP A CG  1 
ATOM   773  O OD1 . ASP A 1 100 ? 8.808   1.634   13.702  1.00 21.49 ? 100 ASP A OD1 1 
ATOM   774  O OD2 . ASP A 1 100 ? 6.626   1.343   13.578  1.00 22.92 ? 100 ASP A OD2 1 
ATOM   775  N N   . HIS A 1 101 ? 7.411   6.444   12.420  1.00 21.96 ? 101 HIS A N   1 
ATOM   776  C CA  . HIS A 1 101 ? 7.176   7.628   11.612  1.00 22.14 ? 101 HIS A CA  1 
ATOM   777  C C   . HIS A 1 101 ? 8.406   8.522   11.651  1.00 22.52 ? 101 HIS A C   1 
ATOM   778  O O   . HIS A 1 101 ? 8.756   9.166   10.661  1.00 24.03 ? 101 HIS A O   1 
ATOM   779  C CB  . HIS A 1 101 ? 5.947   8.392   12.125  1.00 24.01 ? 101 HIS A CB  1 
ATOM   780  C CG  . HIS A 1 101 ? 4.642   7.756   11.756  1.00 23.69 ? 101 HIS A CG  1 
ATOM   781  N ND1 . HIS A 1 101 ? 3.808   7.170   12.685  1.00 25.41 ? 101 HIS A ND1 1 
ATOM   782  C CD2 . HIS A 1 101 ? 4.030   7.613   10.557  1.00 23.05 ? 101 HIS A CD2 1 
ATOM   783  C CE1 . HIS A 1 101 ? 2.737   6.694   12.073  1.00 21.59 ? 101 HIS A CE1 1 
ATOM   784  N NE2 . HIS A 1 101 ? 2.846   6.948   10.783  1.00 24.62 ? 101 HIS A NE2 1 
ATOM   785  N N   . ALA A 1 102 ? 9.064   8.557   12.803  1.00 24.73 ? 102 ALA A N   1 
ATOM   786  C CA  . ALA A 1 102 ? 10.260  9.366   12.971  1.00 25.06 ? 102 ALA A CA  1 
ATOM   787  C C   . ALA A 1 102 ? 11.351  8.846   12.046  1.00 22.65 ? 102 ALA A C   1 
ATOM   788  O O   . ALA A 1 102 ? 12.087  9.626   11.449  1.00 20.78 ? 102 ALA A O   1 
ATOM   789  C CB  . ALA A 1 102 ? 10.724  9.321   14.419  1.00 25.66 ? 102 ALA A CB  1 
ATOM   790  N N   . GLU A 1 103 ? 11.446  7.527   11.903  1.00 21.32 ? 103 GLU A N   1 
ATOM   791  C CA  . GLU A 1 103 ? 12.465  6.974   11.031  1.00 21.14 ? 103 GLU A CA  1 
ATOM   792  C C   . GLU A 1 103 ? 12.179  7.298   9.575   1.00 19.23 ? 103 GLU A C   1 
ATOM   793  O O   . GLU A 1 103 ? 13.115  7.490   8.796   1.00 17.80 ? 103 GLU A O   1 
ATOM   794  C CB  . GLU A 1 103 ? 12.573  5.463   11.191  1.00 21.24 ? 103 GLU A CB  1 
ATOM   795  C CG  . GLU A 1 103 ? 13.241  5.022   12.465  1.00 27.09 ? 103 GLU A CG  1 
ATOM   796  C CD  . GLU A 1 103 ? 13.865  3.663   12.303  1.00 28.96 ? 103 GLU A CD  1 
ATOM   797  O OE1 . GLU A 1 103 ? 14.990  3.584   11.757  1.00 33.93 ? 103 GLU A OE1 1 
ATOM   798  O OE2 . GLU A 1 103 ? 13.219  2.680   12.703  1.00 30.47 ? 103 GLU A OE2 1 
ATOM   799  N N   . VAL A 1 104 ? 10.895  7.346   9.218   1.00 18.16 ? 104 VAL A N   1 
ATOM   800  C CA  . VAL A 1 104 ? 10.503  7.663   7.850   1.00 19.53 ? 104 VAL A CA  1 
ATOM   801  C C   . VAL A 1 104 ? 10.947  9.081   7.516   1.00 19.96 ? 104 VAL A C   1 
ATOM   802  O O   . VAL A 1 104 ? 11.528  9.318   6.468   1.00 19.13 ? 104 VAL A O   1 
ATOM   803  C CB  . VAL A 1 104 ? 8.970   7.562   7.652   1.00 17.90 ? 104 VAL A CB  1 
ATOM   804  C CG1 . VAL A 1 104 ? 8.588   8.108   6.282   1.00 19.03 ? 104 VAL A CG1 1 
ATOM   805  C CG2 . VAL A 1 104 ? 8.526   6.108   7.779   1.00 18.16 ? 104 VAL A CG2 1 
ATOM   806  N N   . GLN A 1 105 ? 10.680  10.030  8.409   1.00 19.05 ? 105 GLN A N   1 
ATOM   807  C CA  . GLN A 1 105 ? 11.081  11.406  8.135   1.00 21.10 ? 105 GLN A CA  1 
ATOM   808  C C   . GLN A 1 105 ? 12.606  11.566  8.125   1.00 20.00 ? 105 GLN A C   1 
ATOM   809  O O   . GLN A 1 105 ? 13.144  12.337  7.330   1.00 21.70 ? 105 GLN A O   1 
ATOM   810  C CB  . GLN A 1 105 ? 10.422  12.346  9.153   1.00 21.37 ? 105 GLN A CB  1 
ATOM   811  C CG  . GLN A 1 105 ? 9.610   13.495  8.529   1.00 24.24 ? 105 GLN A CG  1 
ATOM   812  C CD  . GLN A 1 105 ? 9.047   13.192  7.138   1.00 20.13 ? 105 GLN A CD  1 
ATOM   813  O OE1 . GLN A 1 105 ? 8.221   12.300  6.955   1.00 21.08 ? 105 GLN A OE1 1 
ATOM   814  N NE2 . GLN A 1 105 ? 9.498   13.954  6.156   1.00 21.81 ? 105 GLN A NE2 1 
ATOM   815  N N   . THR A 1 106 ? 13.306  10.835  8.989   1.00 20.70 ? 106 THR A N   1 
ATOM   816  C CA  . THR A 1 106 ? 14.765  10.913  9.013   1.00 19.91 ? 106 THR A CA  1 
ATOM   817  C C   . THR A 1 106 ? 15.275  10.395  7.681   1.00 19.59 ? 106 THR A C   1 
ATOM   818  O O   . THR A 1 106 ? 16.188  10.956  7.098   1.00 18.13 ? 106 THR A O   1 
ATOM   819  C CB  . THR A 1 106 ? 15.384  10.057  10.139  1.00 19.81 ? 106 THR A CB  1 
ATOM   820  O OG1 . THR A 1 106 ? 15.070  10.635  11.406  1.00 18.78 ? 106 THR A OG1 1 
ATOM   821  C CG2 . THR A 1 106 ? 16.923  9.984   9.989   1.00 19.04 ? 106 THR A CG2 1 
ATOM   822  N N   . PHE A 1 107 ? 14.675  9.316   7.185   1.00 20.03 ? 107 PHE A N   1 
ATOM   823  C CA  . PHE A 1 107 ? 15.118  8.770   5.912   1.00 18.51 ? 107 PHE A CA  1 
ATOM   824  C C   . PHE A 1 107 ? 14.840  9.740   4.774   1.00 17.24 ? 107 PHE A C   1 
ATOM   825  O O   . PHE A 1 107 ? 15.695  9.964   3.931   1.00 18.06 ? 107 PHE A O   1 
ATOM   826  C CB  . PHE A 1 107 ? 14.445  7.421   5.622   1.00 17.35 ? 107 PHE A CB  1 
ATOM   827  C CG  . PHE A 1 107 ? 14.913  6.781   4.340   1.00 19.01 ? 107 PHE A CG  1 
ATOM   828  C CD1 . PHE A 1 107 ? 14.350  7.139   3.114   1.00 18.43 ? 107 PHE A CD1 1 
ATOM   829  C CD2 . PHE A 1 107 ? 15.946  5.845   4.358   1.00 19.98 ? 107 PHE A CD2 1 
ATOM   830  C CE1 . PHE A 1 107 ? 14.803  6.579   1.921   1.00 18.57 ? 107 PHE A CE1 1 
ATOM   831  C CE2 . PHE A 1 107 ? 16.415  5.272   3.163   1.00 19.79 ? 107 PHE A CE2 1 
ATOM   832  C CZ  . PHE A 1 107 ? 15.847  5.637   1.950   1.00 18.32 ? 107 PHE A CZ  1 
ATOM   833  N N   . ARG A 1 108 ? 13.650  10.330  4.744   1.00 17.46 ? 108 ARG A N   1 
ATOM   834  C CA  . ARG A 1 108 ? 13.325  11.268  3.673   1.00 17.49 ? 108 ARG A CA  1 
ATOM   835  C C   . ARG A 1 108 ? 14.289  12.452  3.707   1.00 17.21 ? 108 ARG A C   1 
ATOM   836  O O   . ARG A 1 108 ? 14.736  12.945  2.666   1.00 18.61 ? 108 ARG A O   1 
ATOM   837  C CB  . ARG A 1 108 ? 11.885  11.766  3.826   1.00 18.50 ? 108 ARG A CB  1 
ATOM   838  C CG  . ARG A 1 108 ? 10.851  10.647  3.695   1.00 21.31 ? 108 ARG A CG  1 
ATOM   839  C CD  . ARG A 1 108 ? 9.447   11.128  4.014   1.00 21.52 ? 108 ARG A CD  1 
ATOM   840  N NE  . ARG A 1 108 ? 8.844   11.891  2.925   1.00 26.02 ? 108 ARG A NE  1 
ATOM   841  C CZ  . ARG A 1 108 ? 7.694   12.552  3.035   1.00 24.08 ? 108 ARG A CZ  1 
ATOM   842  N NH1 . ARG A 1 108 ? 7.036   12.546  4.187   1.00 26.23 ? 108 ARG A NH1 1 
ATOM   843  N NH2 . ARG A 1 108 ? 7.199   13.204  1.998   1.00 27.30 ? 108 ARG A NH2 1 
ATOM   844  N N   . GLU A 1 109 ? 14.599  12.910  4.912   1.00 18.51 ? 109 GLU A N   1 
ATOM   845  C CA  . GLU A 1 109 ? 15.514  14.025  5.079   1.00 18.23 ? 109 GLU A CA  1 
ATOM   846  C C   . GLU A 1 109 ? 16.920  13.623  4.634   1.00 20.91 ? 109 GLU A C   1 
ATOM   847  O O   . GLU A 1 109 ? 17.647  14.444  4.080   1.00 22.67 ? 109 GLU A O   1 
ATOM   848  C CB  . GLU A 1 109 ? 15.496  14.485  6.533   1.00 17.34 ? 109 GLU A CB  1 
ATOM   849  C CG  . GLU A 1 109 ? 14.133  15.052  6.944   1.00 17.70 ? 109 GLU A CG  1 
ATOM   850  C CD  . GLU A 1 109 ? 13.974  15.192  8.446   1.00 16.64 ? 109 GLU A CD  1 
ATOM   851  O OE1 . GLU A 1 109 ? 14.880  14.753  9.176   1.00 16.70 ? 109 GLU A OE1 1 
ATOM   852  O OE2 . GLU A 1 109 ? 12.932  15.733  8.896   1.00 18.40 ? 109 GLU A OE2 1 
ATOM   853  N N   . LYS A 1 110 ? 17.304  12.364  4.867   1.00 19.77 ? 110 LYS A N   1 
ATOM   854  C CA  . LYS A 1 110 ? 18.639  11.907  4.453   1.00 21.75 ? 110 LYS A CA  1 
ATOM   855  C C   . LYS A 1 110 ? 18.696  11.704  2.946   1.00 22.38 ? 110 LYS A C   1 
ATOM   856  O O   . LYS A 1 110 ? 19.720  11.963  2.309   1.00 22.01 ? 110 LYS A O   1 
ATOM   857  C CB  . LYS A 1 110 ? 19.035  10.617  5.171   1.00 21.06 ? 110 LYS A CB  1 
ATOM   858  C CG  . LYS A 1 110 ? 19.508  10.858  6.588   1.00 21.94 ? 110 LYS A CG  1 
ATOM   859  C CD  . LYS A 1 110 ? 20.152  9.646   7.191   1.00 25.80 ? 110 LYS A CD  1 
ATOM   860  C CE  . LYS A 1 110 ? 20.748  9.988   8.545   1.00 26.49 ? 110 LYS A CE  1 
ATOM   861  N NZ  . LYS A 1 110 ? 21.395  8.811   9.174   1.00 30.07 ? 110 LYS A NZ  1 
ATOM   862  N N   . ILE A 1 111 ? 17.595  11.237  2.371   1.00 24.09 ? 111 ILE A N   1 
ATOM   863  C CA  . ILE A 1 111 ? 17.537  11.060  0.927   1.00 28.48 ? 111 ILE A CA  1 
ATOM   864  C C   . ILE A 1 111 ? 17.675  12.446  0.305   1.00 28.54 ? 111 ILE A C   1 
ATOM   865  O O   . ILE A 1 111 ? 18.375  12.624  -0.690  1.00 29.26 ? 111 ILE A O   1 
ATOM   866  C CB  . ILE A 1 111 ? 16.200  10.412  0.498   1.00 29.07 ? 111 ILE A CB  1 
ATOM   867  C CG1 . ILE A 1 111 ? 16.358  8.893   0.491   1.00 33.30 ? 111 ILE A CG1 1 
ATOM   868  C CG2 . ILE A 1 111 ? 15.760  10.936  -0.863  1.00 33.47 ? 111 ILE A CG2 1 
ATOM   869  C CD1 . ILE A 1 111 ? 17.347  8.373   -0.553  1.00 33.63 ? 111 ILE A CD1 1 
ATOM   870  N N   . ALA A 1 112 ? 17.021  13.437  0.896   1.00 29.60 ? 112 ALA A N   1 
ATOM   871  C CA  . ALA A 1 112 ? 17.133  14.794  0.376   1.00 29.63 ? 112 ALA A CA  1 
ATOM   872  C C   . ALA A 1 112 ? 18.603  15.235  0.459   1.00 30.49 ? 112 ALA A C   1 
ATOM   873  O O   . ALA A 1 112 ? 19.169  15.756  -0.512  1.00 31.73 ? 112 ALA A O   1 
ATOM   874  C CB  . ALA A 1 112 ? 16.250  15.739  1.176   1.00 28.89 ? 112 ALA A CB  1 
ATOM   875  N N   . ALA A 1 113 ? 19.219  15.018  1.617   1.00 29.68 ? 113 ALA A N   1 
ATOM   876  C CA  . ALA A 1 113 ? 20.615  15.385  1.812   1.00 30.79 ? 113 ALA A CA  1 
ATOM   877  C C   . ALA A 1 113 ? 21.492  14.705  0.753   1.00 31.18 ? 113 ALA A C   1 
ATOM   878  O O   . ALA A 1 113 ? 22.336  15.355  0.131   1.00 31.91 ? 113 ALA A O   1 
ATOM   879  C CB  . ALA A 1 113 ? 21.072  14.981  3.222   1.00 29.84 ? 113 ALA A CB  1 
ATOM   880  N N   . PHE A 1 114 ? 21.270  13.402  0.555   1.00 31.74 ? 114 PHE A N   1 
ATOM   881  C CA  . PHE A 1 114 ? 22.022  12.589  -0.410  1.00 32.51 ? 114 PHE A CA  1 
ATOM   882  C C   . PHE A 1 114 ? 21.895  13.121  -1.832  1.00 33.79 ? 114 PHE A C   1 
ATOM   883  O O   . PHE A 1 114 ? 22.834  13.039  -2.623  1.00 32.13 ? 114 PHE A O   1 
ATOM   884  C CB  . PHE A 1 114 ? 21.528  11.136  -0.368  1.00 32.44 ? 114 PHE A CB  1 
ATOM   885  C CG  . PHE A 1 114 ? 22.266  10.200  -1.303  1.00 32.30 ? 114 PHE A CG  1 
ATOM   886  C CD1 . PHE A 1 114 ? 23.626  9.945   -1.131  1.00 32.77 ? 114 PHE A CD1 1 
ATOM   887  C CD2 . PHE A 1 114 ? 21.590  9.545   -2.332  1.00 33.12 ? 114 PHE A CD2 1 
ATOM   888  C CE1 . PHE A 1 114 ? 24.304  9.045   -1.972  1.00 33.57 ? 114 PHE A CE1 1 
ATOM   889  C CE2 . PHE A 1 114 ? 22.255  8.647   -3.174  1.00 33.87 ? 114 PHE A CE2 1 
ATOM   890  C CZ  . PHE A 1 114 ? 23.616  8.396   -2.993  1.00 33.51 ? 114 PHE A CZ  1 
ATOM   891  N N   . GLU A 1 115 ? 20.718  13.650  -2.151  1.00 35.92 ? 115 GLU A N   1 
ATOM   892  C CA  . GLU A 1 115 ? 20.444  14.207  -3.470  1.00 38.55 ? 115 GLU A CA  1 
ATOM   893  C C   . GLU A 1 115 ? 21.214  15.496  -3.755  1.00 39.55 ? 115 GLU A C   1 
ATOM   894  O O   . GLU A 1 115 ? 21.763  15.675  -4.844  1.00 38.19 ? 115 GLU A O   1 
ATOM   895  C CB  . GLU A 1 115 ? 18.947  14.472  -3.620  1.00 40.81 ? 115 GLU A CB  1 
ATOM   896  C CG  . GLU A 1 115 ? 18.257  13.553  -4.608  1.00 44.75 ? 115 GLU A CG  1 
ATOM   897  C CD  . GLU A 1 115 ? 18.433  12.095  -4.254  1.00 47.31 ? 115 GLU A CD  1 
ATOM   898  O OE1 . GLU A 1 115 ? 17.827  11.650  -3.255  1.00 49.35 ? 115 GLU A OE1 1 
ATOM   899  O OE2 . GLU A 1 115 ? 19.186  11.399  -4.970  1.00 48.10 ? 115 GLU A OE2 1 
ATOM   900  N N   . GLU A 1 116 ? 21.232  16.404  -2.782  1.00 40.51 ? 116 GLU A N   1 
ATOM   901  C CA  . GLU A 1 116 ? 21.931  17.673  -2.946  1.00 42.43 ? 116 GLU A CA  1 
ATOM   902  C C   . GLU A 1 116 ? 23.435  17.472  -2.784  1.00 44.28 ? 116 GLU A C   1 
ATOM   903  O O   . GLU A 1 116 ? 24.241  18.329  -3.167  1.00 44.56 ? 116 GLU A O   1 
ATOM   904  C CB  . GLU A 1 116 ? 21.421  18.687  -1.917  1.00 42.79 ? 116 GLU A CB  1 
ATOM   905  C CG  . GLU A 1 116 ? 22.176  20.006  -1.909  1.00 43.48 ? 116 GLU A CG  1 
ATOM   906  C CD  . GLU A 1 116 ? 21.633  20.979  -0.879  1.00 44.67 ? 116 GLU A CD  1 
ATOM   907  O OE1 . GLU A 1 116 ? 21.206  20.518  0.204   1.00 44.24 ? 116 GLU A OE1 1 
ATOM   908  O OE2 . GLU A 1 116 ? 21.647  22.201  -1.147  1.00 40.33 ? 116 GLU A OE2 1 
ATOM   909  N N   . GLN A 1 117 ? 23.793  16.320  -2.226  1.00 46.25 ? 117 GLN A N   1 
ATOM   910  C CA  . GLN A 1 117 ? 25.179  15.940  -1.969  1.00 47.95 ? 117 GLN A CA  1 
ATOM   911  C C   . GLN A 1 117 ? 25.924  15.680  -3.274  1.00 48.67 ? 117 GLN A C   1 
ATOM   912  O O   . GLN A 1 117 ? 26.813  14.826  -3.331  1.00 50.88 ? 117 GLN A O   1 
ATOM   913  C CB  . GLN A 1 117 ? 25.194  14.679  -1.094  1.00 48.80 ? 117 GLN A CB  1 
ATOM   914  C CG  . GLN A 1 117 ? 26.516  14.347  -0.427  1.00 49.48 ? 117 GLN A CG  1 
ATOM   915  C CD  . GLN A 1 117 ? 26.432  13.069  0.398   1.00 50.58 ? 117 GLN A CD  1 
ATOM   916  O OE1 . GLN A 1 117 ? 26.238  11.980  -0.143  1.00 50.27 ? 117 GLN A OE1 1 
ATOM   917  N NE2 . GLN A 1 117 ? 26.569  13.200  1.715   1.00 50.69 ? 117 GLN A NE2 1 
ATOM   918  N N   . SER A 1 138 ? 27.239  8.844   0.264   1.00 35.29 ? 138 SER A N   1 
ATOM   919  C CA  . SER A 1 138 ? 26.918  7.895   1.329   1.00 34.91 ? 138 SER A CA  1 
ATOM   920  C C   . SER A 1 138 ? 25.403  7.860   1.550   1.00 32.54 ? 138 SER A C   1 
ATOM   921  O O   . SER A 1 138 ? 24.890  8.479   2.482   1.00 31.83 ? 138 SER A O   1 
ATOM   922  C CB  . SER A 1 138 ? 27.621  8.318   2.610   1.00 35.07 ? 138 SER A CB  1 
ATOM   923  O OG  . SER A 1 138 ? 27.324  9.673   2.913   1.00 40.14 ? 138 SER A OG  1 
ATOM   924  N N   . PRO A 1 139 ? 24.672  7.114   0.704   1.00 30.34 ? 139 PRO A N   1 
ATOM   925  C CA  . PRO A 1 139 ? 23.217  7.032   0.836   1.00 26.29 ? 139 PRO A CA  1 
ATOM   926  C C   . PRO A 1 139 ? 22.765  6.534   2.193   1.00 24.45 ? 139 PRO A C   1 
ATOM   927  O O   . PRO A 1 139 ? 23.454  5.752   2.851   1.00 21.31 ? 139 PRO A O   1 
ATOM   928  C CB  . PRO A 1 139 ? 22.827  6.077   -0.287  1.00 28.76 ? 139 PRO A CB  1 
ATOM   929  C CG  . PRO A 1 139 ? 24.009  5.152   -0.345  1.00 28.28 ? 139 PRO A CG  1 
ATOM   930  C CD  . PRO A 1 139 ? 25.149  6.140   -0.293  1.00 30.57 ? 139 PRO A CD  1 
ATOM   931  N N   . PRO A 1 140 ? 21.588  6.983   2.630   1.00 21.88 ? 140 PRO A N   1 
ATOM   932  C CA  . PRO A 1 140 ? 21.071  6.553   3.920   1.00 20.87 ? 140 PRO A CA  1 
ATOM   933  C C   . PRO A 1 140 ? 20.723  5.079   3.890   1.00 20.63 ? 140 PRO A C   1 
ATOM   934  O O   . PRO A 1 140 ? 20.407  4.511   2.828   1.00 20.38 ? 140 PRO A O   1 
ATOM   935  C CB  . PRO A 1 140 ? 19.821  7.413   4.096   1.00 19.94 ? 140 PRO A CB  1 
ATOM   936  C CG  . PRO A 1 140 ? 19.351  7.595   2.694   1.00 19.90 ? 140 PRO A CG  1 
ATOM   937  C CD  . PRO A 1 140 ? 20.637  7.883   1.955   1.00 20.03 ? 140 PRO A CD  1 
ATOM   938  N N   . PRO A 1 141 ? 20.800  4.424   5.050   1.00 21.10 ? 141 PRO A N   1 
ATOM   939  C CA  . PRO A 1 141 ? 20.452  3.005   5.087   1.00 20.95 ? 141 PRO A CA  1 
ATOM   940  C C   . PRO A 1 141 ? 18.927  3.025   5.216   1.00 20.12 ? 141 PRO A C   1 
ATOM   941  O O   . PRO A 1 141 ? 18.348  4.041   5.591   1.00 19.09 ? 141 PRO A O   1 
ATOM   942  C CB  . PRO A 1 141 ? 21.108  2.536   6.372   1.00 20.73 ? 141 PRO A CB  1 
ATOM   943  C CG  . PRO A 1 141 ? 20.931  3.717   7.259   1.00 20.65 ? 141 PRO A CG  1 
ATOM   944  C CD  . PRO A 1 141 ? 21.293  4.875   6.362   1.00 19.21 ? 141 PRO A CD  1 
ATOM   945  N N   . PRO A 1 142 ? 18.255  1.916   4.908   1.00 20.95 ? 142 PRO A N   1 
ATOM   946  C CA  . PRO A 1 142 ? 16.796  1.927   5.038   1.00 20.11 ? 142 PRO A CA  1 
ATOM   947  C C   . PRO A 1 142 ? 16.380  2.040   6.511   1.00 19.58 ? 142 PRO A C   1 
ATOM   948  O O   . PRO A 1 142 ? 17.178  1.769   7.422   1.00 17.82 ? 142 PRO A O   1 
ATOM   949  C CB  . PRO A 1 142 ? 16.378  0.605   4.390   1.00 22.93 ? 142 PRO A CB  1 
ATOM   950  C CG  . PRO A 1 142 ? 17.584  -0.260  4.560   1.00 22.76 ? 142 PRO A CG  1 
ATOM   951  C CD  . PRO A 1 142 ? 18.735  0.660   4.309   1.00 23.08 ? 142 PRO A CD  1 
ATOM   952  N N   . PRO A 1 143 ? 15.141  2.490   6.766   1.00 17.65 ? 143 PRO A N   1 
ATOM   953  C CA  . PRO A 1 143 ? 14.678  2.617   8.149   1.00 18.73 ? 143 PRO A CA  1 
ATOM   954  C C   . PRO A 1 143 ? 14.936  1.298   8.863   1.00 19.51 ? 143 PRO A C   1 
ATOM   955  O O   . PRO A 1 143 ? 14.820  0.229   8.257   1.00 19.59 ? 143 PRO A O   1 
ATOM   956  C CB  . PRO A 1 143 ? 13.186  2.918   7.994   1.00 17.60 ? 143 PRO A CB  1 
ATOM   957  C CG  . PRO A 1 143 ? 13.141  3.705   6.715   1.00 16.20 ? 143 PRO A CG  1 
ATOM   958  C CD  . PRO A 1 143 ? 14.118  2.946   5.807   1.00 15.62 ? 143 PRO A CD  1 
ATOM   959  N N   . SER A 1 144 ? 15.286  1.365   10.141  1.00 20.43 ? 144 SER A N   1 
ATOM   960  C CA  . SER A 1 144 ? 15.578  0.147   10.886  1.00 24.55 ? 144 SER A CA  1 
ATOM   961  C C   . SER A 1 144 ? 14.397  -0.814  10.932  1.00 24.87 ? 144 SER A C   1 
ATOM   962  O O   . SER A 1 144 ? 14.587  -2.025  11.030  1.00 24.29 ? 144 SER A O   1 
ATOM   963  C CB  . SER A 1 144 ? 16.036  0.483   12.310  1.00 26.98 ? 144 SER A CB  1 
ATOM   964  O OG  . SER A 1 144 ? 15.008  1.126   13.042  1.00 28.70 ? 144 SER A OG  1 
ATOM   965  N N   . PHE A 1 145 ? 13.178  -0.288  10.836  1.00 25.25 ? 145 PHE A N   1 
ATOM   966  C CA  . PHE A 1 145 ? 12.019  -1.162  10.882  1.00 24.10 ? 145 PHE A CA  1 
ATOM   967  C C   . PHE A 1 145 ? 11.884  -2.070  9.661   1.00 23.68 ? 145 PHE A C   1 
ATOM   968  O O   . PHE A 1 145 ? 11.051  -2.975  9.644   1.00 24.55 ? 145 PHE A O   1 
ATOM   969  C CB  . PHE A 1 145 ? 10.727  -0.360  11.120  1.00 24.32 ? 145 PHE A CB  1 
ATOM   970  C CG  . PHE A 1 145 ? 10.439  0.704   10.087  1.00 24.43 ? 145 PHE A CG  1 
ATOM   971  C CD1 . PHE A 1 145 ? 10.239  0.376   8.752   1.00 22.25 ? 145 PHE A CD1 1 
ATOM   972  C CD2 . PHE A 1 145 ? 10.302  2.033   10.474  1.00 23.14 ? 145 PHE A CD2 1 
ATOM   973  C CE1 . PHE A 1 145 ? 9.904   1.351   7.813   1.00 22.50 ? 145 PHE A CE1 1 
ATOM   974  C CE2 . PHE A 1 145 ? 9.965   3.016   9.550   1.00 23.67 ? 145 PHE A CE2 1 
ATOM   975  C CZ  . PHE A 1 145 ? 9.765   2.675   8.215   1.00 22.78 ? 145 PHE A CZ  1 
ATOM   976  N N   . CYS A 1 146 ? 12.708  -1.844  8.643   1.00 22.65 ? 146 CYS A N   1 
ATOM   977  C CA  . CYS A 1 146 ? 12.670  -2.682  7.455   1.00 22.76 ? 146 CYS A CA  1 
ATOM   978  C C   . CYS A 1 146 ? 13.318  -4.041  7.737   1.00 25.46 ? 146 CYS A C   1 
ATOM   979  O O   . CYS A 1 146 ? 13.216  -4.954  6.929   1.00 23.95 ? 146 CYS A O   1 
ATOM   980  C CB  . CYS A 1 146 ? 13.412  -2.011  6.304   1.00 25.37 ? 146 CYS A CB  1 
ATOM   981  S SG  . CYS A 1 146 ? 12.469  -0.900  5.197   1.00 23.02 ? 146 CYS A SG  1 
ATOM   982  N N   . THR A 1 147 ? 13.977  -4.164  8.885   1.00 25.90 ? 147 THR A N   1 
ATOM   983  C CA  . THR A 1 147 ? 14.640  -5.413  9.267   1.00 30.39 ? 147 THR A CA  1 
ATOM   984  C C   . THR A 1 147 ? 13.891  -6.232  10.327  1.00 32.81 ? 147 THR A C   1 
ATOM   985  O O   . THR A 1 147 ? 13.543  -5.721  11.389  1.00 33.37 ? 147 THR A O   1 
ATOM   986  C CB  . THR A 1 147 ? 16.070  -5.139  9.781   1.00 27.79 ? 147 THR A CB  1 
ATOM   987  O OG1 . THR A 1 147 ? 16.844  -4.562  8.723   1.00 25.52 ? 147 THR A OG1 1 
ATOM   988  C CG2 . THR A 1 147 ? 16.743  -6.445  10.242  1.00 29.45 ? 147 THR A CG2 1 
ATOM   989  N N   . VAL A 1 148 ? 13.658  -7.507  10.015  1.00 36.71 ? 148 VAL A N   1 
ATOM   990  C CA  . VAL A 1 148 ? 12.962  -8.455  10.896  1.00 39.29 ? 148 VAL A CA  1 
ATOM   991  C C   . VAL A 1 148 ? 11.518  -8.067  11.229  1.00 41.77 ? 148 VAL A C   1 
ATOM   992  O O   . VAL A 1 148 ? 11.144  -6.891  11.190  1.00 44.80 ? 148 VAL A O   1 
ATOM   993  C CB  . VAL A 1 148 ? 13.750  -8.687  12.225  1.00 39.63 ? 148 VAL A CB  1 
ATOM   994  C CG1 . VAL A 1 148 ? 13.108  -7.924  13.380  1.00 40.38 ? 148 VAL A CG1 1 
ATOM   995  C CG2 . VAL A 1 148 ? 13.807  -10.178 12.535  1.00 41.43 ? 148 VAL A CG2 1 
HETATM 996  O O   . HOH B 2 .   ? -11.050 -15.136 -5.042  1.00 42.14 ? 149 HOH A O   1 
HETATM 997  O O   . HOH B 2 .   ? -12.338 -12.427 -4.871  1.00 27.49 ? 150 HOH A O   1 
HETATM 998  O O   . HOH B 2 .   ? -12.706 -13.250 -2.494  1.00 20.27 ? 151 HOH A O   1 
HETATM 999  O O   . HOH B 2 .   ? -14.207 -11.874 -0.466  1.00 15.54 ? 152 HOH A O   1 
HETATM 1000 O O   . HOH B 2 .   ? -14.749 -16.865 0.256   1.00 26.59 ? 153 HOH A O   1 
HETATM 1001 O O   . HOH B 2 .   ? -11.969 -14.334 5.856   1.00 17.24 ? 154 HOH A O   1 
HETATM 1002 O O   . HOH B 2 .   ? -13.236 -15.059 8.494   1.00 28.58 ? 155 HOH A O   1 
HETATM 1003 O O   . HOH B 2 .   ? -15.980 -14.954 8.042   1.00 18.10 ? 156 HOH A O   1 
HETATM 1004 O O   . HOH B 2 .   ? -17.064 -13.663 10.732  1.00 31.01 ? 157 HOH A O   1 
HETATM 1005 O O   . HOH B 2 .   ? -17.938 -10.993 10.228  1.00 32.04 ? 158 HOH A O   1 
HETATM 1006 O O   . HOH B 2 .   ? -20.339 -9.656  8.899   1.00 26.74 ? 159 HOH A O   1 
HETATM 1007 O O   . HOH B 2 .   ? -22.873 -9.949  10.831  1.00 38.96 ? 160 HOH A O   1 
HETATM 1008 O O   . HOH B 2 .   ? -21.569 -12.634 10.327  1.00 45.27 ? 161 HOH A O   1 
HETATM 1009 O O   . HOH B 2 .   ? -19.981 -14.960 4.872   1.00 21.24 ? 162 HOH A O   1 
HETATM 1010 O O   . HOH B 2 .   ? -20.718 -12.415 2.544   1.00 19.66 ? 163 HOH A O   1 
HETATM 1011 O O   . HOH B 2 .   ? -23.472 -12.965 1.907   1.00 50.24 ? 164 HOH A O   1 
HETATM 1012 O O   . HOH B 2 .   ? -23.242 -9.373  1.975   1.00 31.83 ? 165 HOH A O   1 
HETATM 1013 O O   . HOH B 2 .   ? -19.160 -5.031  -4.267  1.00 29.84 ? 166 HOH A O   1 
HETATM 1014 O O   . HOH B 2 .   ? -19.296 -2.432  -2.957  1.00 33.42 ? 167 HOH A O   1 
HETATM 1015 O O   . HOH B 2 .   ? -18.611 0.109   -3.938  1.00 27.32 ? 168 HOH A O   1 
HETATM 1016 O O   . HOH B 2 .   ? -19.011 0.739   -1.308  1.00 36.74 ? 169 HOH A O   1 
HETATM 1017 O O   . HOH B 2 .   ? -18.131 2.948   -0.540  1.00 39.81 ? 170 HOH A O   1 
HETATM 1018 O O   . HOH B 2 .   ? -15.813 4.190   0.014   1.00 48.40 ? 171 HOH A O   1 
HETATM 1019 O O   . HOH B 2 .   ? -13.600 3.789   -1.443  1.00 31.87 ? 172 HOH A O   1 
HETATM 1020 O O   . HOH B 2 .   ? -13.996 6.095   -2.579  1.00 37.16 ? 173 HOH A O   1 
HETATM 1021 O O   . HOH B 2 .   ? -17.269 6.841   -2.388  1.00 52.31 ? 174 HOH A O   1 
HETATM 1022 O O   . HOH B 2 .   ? -16.382 3.548   -4.318  1.00 26.74 ? 175 HOH A O   1 
HETATM 1023 O O   . HOH B 2 .   ? -10.711 5.902   -5.623  1.00 27.65 ? 176 HOH A O   1 
HETATM 1024 O O   . HOH B 2 .   ? -10.027 8.674   -5.585  1.00 50.06 ? 177 HOH A O   1 
HETATM 1025 O O   . HOH B 2 .   ? -4.303  11.265  -7.742  1.00 48.28 ? 178 HOH A O   1 
HETATM 1026 O O   . HOH B 2 .   ? -2.711  12.556  -9.845  1.00 41.74 ? 179 HOH A O   1 
HETATM 1027 O O   . HOH B 2 .   ? 1.917   9.498   -6.663  1.00 46.62 ? 180 HOH A O   1 
HETATM 1028 O O   . HOH B 2 .   ? 8.263   7.037   -8.405  1.00 49.64 ? 181 HOH A O   1 
HETATM 1029 O O   . HOH B 2 .   ? 8.933   8.562   -5.831  1.00 30.19 ? 182 HOH A O   1 
HETATM 1030 O O   . HOH B 2 .   ? 10.325  12.262  0.666   1.00 29.49 ? 183 HOH A O   1 
HETATM 1031 O O   . HOH B 2 .   ? 13.031  13.282  0.408   1.00 29.94 ? 184 HOH A O   1 
HETATM 1032 O O   . HOH B 2 .   ? 13.818  14.684  -1.757  1.00 35.94 ? 185 HOH A O   1 
HETATM 1033 O O   . HOH B 2 .   ? 12.245  16.089  1.323   1.00 30.49 ? 186 HOH A O   1 
HETATM 1034 O O   . HOH B 2 .   ? 9.369   15.313  3.788   1.00 32.84 ? 187 HOH A O   1 
HETATM 1035 O O   . HOH B 2 .   ? 9.028   14.891  -0.505  1.00 38.96 ? 188 HOH A O   1 
HETATM 1036 O O   . HOH B 2 .   ? 15.128  17.919  4.647   1.00 36.86 ? 189 HOH A O   1 
HETATM 1037 O O   . HOH B 2 .   ? 17.728  17.014  4.738   1.00 25.48 ? 190 HOH A O   1 
HETATM 1038 O O   . HOH B 2 .   ? 22.460  13.291  6.034   1.00 32.29 ? 191 HOH A O   1 
HETATM 1039 O O   . HOH B 2 .   ? 22.020  11.867  3.556   1.00 27.63 ? 192 HOH A O   1 
HETATM 1040 O O   . HOH B 2 .   ? 22.893  9.375   4.379   1.00 30.41 ? 193 HOH A O   1 
HETATM 1041 O O   . HOH B 2 .   ? 17.970  6.459   7.381   1.00 22.31 ? 194 HOH A O   1 
HETATM 1042 O O   . HOH B 2 .   ? 19.468  6.395   9.407   1.00 24.25 ? 195 HOH A O   1 
HETATM 1043 O O   . HOH B 2 .   ? 18.129  3.143   9.764   1.00 25.27 ? 196 HOH A O   1 
HETATM 1044 O O   . HOH B 2 .   ? 18.404  -0.580  8.126   1.00 22.42 ? 197 HOH A O   1 
HETATM 1045 O O   . HOH B 2 .   ? 16.352  -2.163  7.075   1.00 26.11 ? 198 HOH A O   1 
HETATM 1046 O O   . HOH B 2 .   ? 16.590  -3.128  4.511   1.00 24.39 ? 199 HOH A O   1 
HETATM 1047 O O   . HOH B 2 .   ? 16.145  -5.829  4.209   1.00 30.30 ? 200 HOH A O   1 
HETATM 1048 O O   . HOH B 2 .   ? 13.619  -6.588  4.691   1.00 24.03 ? 201 HOH A O   1 
HETATM 1049 O O   . HOH B 2 .   ? 7.388   -10.316 6.555   1.00 28.38 ? 202 HOH A O   1 
HETATM 1050 O O   . HOH B 2 .   ? 5.568   -10.930 8.871   1.00 46.73 ? 203 HOH A O   1 
HETATM 1051 O O   . HOH B 2 .   ? 7.792   -10.380 10.968  1.00 46.70 ? 204 HOH A O   1 
HETATM 1052 O O   . HOH B 2 .   ? 4.781   -7.680  14.524  1.00 40.13 ? 205 HOH A O   1 
HETATM 1053 O O   . HOH B 2 .   ? 6.673   -5.619  15.033  1.00 36.98 ? 206 HOH A O   1 
HETATM 1054 O O   . HOH B 2 .   ? 4.956   -5.091  17.243  1.00 44.59 ? 207 HOH A O   1 
HETATM 1055 O O   . HOH B 2 .   ? 6.385   -5.385  19.335  1.00 44.43 ? 208 HOH A O   1 
HETATM 1056 O O   . HOH B 2 .   ? 4.213   -2.660  17.644  1.00 33.55 ? 209 HOH A O   1 
HETATM 1057 O O   . HOH B 2 .   ? 6.557   -1.214  17.699  1.00 48.98 ? 210 HOH A O   1 
HETATM 1058 O O   . HOH B 2 .   ? 8.484   0.891   16.936  1.00 43.17 ? 211 HOH A O   1 
HETATM 1059 O O   . HOH B 2 .   ? 11.475  2.023   14.334  1.00 32.59 ? 212 HOH A O   1 
HETATM 1060 O O   . HOH B 2 .   ? 12.619  6.929   15.677  1.00 31.44 ? 213 HOH A O   1 
HETATM 1061 O O   . HOH B 2 .   ? 14.584  8.322   15.228  1.00 45.21 ? 214 HOH A O   1 
HETATM 1062 O O   . HOH B 2 .   ? 12.135  8.471   17.686  1.00 36.61 ? 215 HOH A O   1 
HETATM 1063 O O   . HOH B 2 .   ? 13.266  12.110  15.596  1.00 44.61 ? 216 HOH A O   1 
HETATM 1064 O O   . HOH B 2 .   ? 12.429  12.217  12.479  1.00 25.99 ? 217 HOH A O   1 
HETATM 1065 O O   . HOH B 2 .   ? 10.205  12.922  14.005  1.00 44.14 ? 218 HOH A O   1 
HETATM 1066 O O   . HOH B 2 .   ? 7.697   11.774  13.241  1.00 33.77 ? 219 HOH A O   1 
HETATM 1067 O O   . HOH B 2 .   ? 5.902   11.795  10.654  1.00 37.53 ? 220 HOH A O   1 
HETATM 1068 O O   . HOH B 2 .   ? 6.257   10.601  8.187   1.00 30.77 ? 221 HOH A O   1 
HETATM 1069 O O   . HOH B 2 .   ? 5.416   8.066   8.109   1.00 29.37 ? 222 HOH A O   1 
HETATM 1070 O O   . HOH B 2 .   ? 3.296   7.373   6.807   1.00 32.77 ? 223 HOH A O   1 
HETATM 1071 O O   . HOH B 2 .   ? 1.130   8.849   6.165   1.00 42.53 ? 224 HOH A O   1 
HETATM 1072 O O   . HOH B 2 .   ? -1.284  7.576   4.724   1.00 28.23 ? 225 HOH A O   1 
HETATM 1073 O O   . HOH B 2 .   ? -4.070  4.294   6.509   1.00 35.58 ? 226 HOH A O   1 
HETATM 1074 O O   . HOH B 2 .   ? -7.780  1.064   6.610   1.00 40.91 ? 227 HOH A O   1 
HETATM 1075 O O   . HOH B 2 .   ? -10.015 2.366   6.129   1.00 27.21 ? 228 HOH A O   1 
HETATM 1076 O O   . HOH B 2 .   ? -11.367 3.365   3.917   1.00 28.01 ? 229 HOH A O   1 
HETATM 1077 O O   . HOH B 2 .   ? -12.037 3.748   0.768   1.00 38.73 ? 230 HOH A O   1 
HETATM 1078 O O   . HOH B 2 .   ? -11.630 -0.285  6.463   1.00 31.58 ? 231 HOH A O   1 
HETATM 1079 O O   . HOH B 2 .   ? -9.573  -1.370  5.213   1.00 29.16 ? 232 HOH A O   1 
HETATM 1080 O O   . HOH B 2 .   ? -7.832  -1.668  7.736   1.00 34.61 ? 233 HOH A O   1 
HETATM 1081 O O   . HOH B 2 .   ? -10.109 -3.670  7.835   1.00 40.29 ? 234 HOH A O   1 
HETATM 1082 O O   . HOH B 2 .   ? -15.164 -7.981  7.133   1.00 19.41 ? 235 HOH A O   1 
HETATM 1083 O O   . HOH B 2 .   ? -16.993 -4.181  7.476   1.00 18.42 ? 236 HOH A O   1 
HETATM 1084 O O   . HOH B 2 .   ? -14.312 -12.756 13.167  1.00 45.22 ? 237 HOH A O   1 
HETATM 1085 O O   . HOH B 2 .   ? -11.031 -16.230 9.833   1.00 20.84 ? 238 HOH A O   1 
HETATM 1086 O O   . HOH B 2 .   ? -6.519  -15.505 1.426   1.00 23.00 ? 239 HOH A O   1 
HETATM 1087 O O   . HOH B 2 .   ? -5.384  -14.410 -1.829  1.00 33.84 ? 240 HOH A O   1 
HETATM 1088 O O   . HOH B 2 .   ? -3.087  -14.228 -0.042  1.00 44.51 ? 241 HOH A O   1 
HETATM 1089 O O   . HOH B 2 .   ? 1.539   -11.249 0.001   1.00 33.07 ? 242 HOH A O   1 
HETATM 1090 O O   . HOH B 2 .   ? 0.301   -10.309 5.517   1.00 17.98 ? 243 HOH A O   1 
HETATM 1091 O O   . HOH B 2 .   ? 6.905   -5.493  1.299   1.00 27.45 ? 244 HOH A O   1 
HETATM 1092 O O   . HOH B 2 .   ? 6.882   -3.980  -0.911  1.00 32.38 ? 245 HOH A O   1 
HETATM 1093 O O   . HOH B 2 .   ? 10.149  -1.528  -1.100  1.00 27.43 ? 246 HOH A O   1 
HETATM 1094 O O   . HOH B 2 .   ? 15.874  2.414   1.312   1.00 18.88 ? 247 HOH A O   1 
HETATM 1095 O O   . HOH B 2 .   ? 18.535  2.714   1.607   1.00 21.89 ? 248 HOH A O   1 
HETATM 1096 O O   . HOH B 2 .   ? 21.999  2.589   1.650   1.00 19.49 ? 249 HOH A O   1 
HETATM 1097 O O   . HOH B 2 .   ? 15.447  6.157   8.829   1.00 20.17 ? 250 HOH A O   1 
HETATM 1098 O O   . HOH B 2 .   ? 14.752  13.655  11.775  1.00 27.21 ? 251 HOH A O   1 
HETATM 1099 O O   . HOH B 2 .   ? 6.823   4.832   19.403  1.00 30.78 ? 252 HOH A O   1 
HETATM 1100 O O   . HOH B 2 .   ? 3.167   4.849   18.838  1.00 35.85 ? 253 HOH A O   1 
HETATM 1101 O O   . HOH B 2 .   ? 2.135   -1.327  15.966  1.00 26.47 ? 254 HOH A O   1 
HETATM 1102 O O   . HOH B 2 .   ? -4.836  0.470   12.509  1.00 36.47 ? 255 HOH A O   1 
HETATM 1103 O O   . HOH B 2 .   ? 10.583  -4.371  12.003  1.00 44.37 ? 256 HOH A O   1 
HETATM 1104 O O   . HOH B 2 .   ? 9.026   -14.098 4.636   1.00 41.77 ? 257 HOH A O   1 
HETATM 1105 O O   . HOH B 2 .   ? -3.730  -6.648  -6.799  1.00 31.87 ? 258 HOH A O   1 
HETATM 1106 O O   . HOH B 2 .   ? -3.399  -4.411  -5.498  1.00 19.60 ? 259 HOH A O   1 
HETATM 1107 O O   . HOH B 2 .   ? -1.977  -4.309  -8.168  1.00 38.52 ? 260 HOH A O   1 
HETATM 1108 O O   . HOH B 2 .   ? -1.669  0.810   -7.504  1.00 30.78 ? 261 HOH A O   1 
HETATM 1109 O O   . HOH B 2 .   ? -2.105  3.043   -9.777  1.00 47.10 ? 262 HOH A O   1 
HETATM 1110 O O   . HOH B 2 .   ? -8.263  -1.104  -10.778 1.00 28.10 ? 263 HOH A O   1 
HETATM 1111 O O   . HOH B 2 .   ? -9.015  -1.433  -8.193  1.00 24.84 ? 264 HOH A O   1 
HETATM 1112 O O   . HOH B 2 .   ? -9.937  2.227   -9.579  1.00 33.74 ? 265 HOH A O   1 
HETATM 1113 O O   . HOH B 2 .   ? -8.821  1.866   -5.882  1.00 28.13 ? 266 HOH A O   1 
HETATM 1114 O O   . HOH B 2 .   ? -6.751  -2.773  -12.265 1.00 28.43 ? 267 HOH A O   1 
HETATM 1115 O O   . HOH B 2 .   ? -6.753  -6.179  -11.924 1.00 40.22 ? 268 HOH A O   1 
HETATM 1116 O O   . HOH B 2 .   ? -5.573  -7.777  -15.003 1.00 38.31 ? 269 HOH A O   1 
HETATM 1117 O O   . HOH B 2 .   ? -3.679  -5.246  -15.087 1.00 37.45 ? 270 HOH A O   1 
HETATM 1118 O O   . HOH B 2 .   ? -9.404  -11.511 -7.687  1.00 41.08 ? 271 HOH A O   1 
HETATM 1119 O O   . HOH B 2 .   ? -15.225 -9.947  -13.977 1.00 27.33 ? 272 HOH A O   1 
HETATM 1120 O O   . HOH B 2 .   ? -14.103 -9.689  -16.568 1.00 32.70 ? 273 HOH A O   1 
HETATM 1121 O O   . HOH B 2 .   ? -16.923 -9.907  -18.104 1.00 23.12 ? 274 HOH A O   1 
HETATM 1122 O O   . HOH B 2 .   ? -19.152 -5.151  -13.804 1.00 29.84 ? 275 HOH A O   1 
HETATM 1123 O O   . HOH B 2 .   ? -19.586 -7.762  -9.748  1.00 28.27 ? 276 HOH A O   1 
HETATM 1124 O O   . HOH B 2 .   ? -20.764 -5.233  -9.152  1.00 27.85 ? 277 HOH A O   1 
HETATM 1125 O O   . HOH B 2 .   ? -22.066 -1.420  -8.059  1.00 43.50 ? 278 HOH A O   1 
HETATM 1126 O O   . HOH B 2 .   ? -23.782 -1.182  -13.352 1.00 47.81 ? 279 HOH A O   1 
HETATM 1127 O O   . HOH B 2 .   ? -22.817 1.573   -13.334 1.00 44.37 ? 280 HOH A O   1 
HETATM 1128 O O   . HOH B 2 .   ? -19.208 -0.321  -12.677 1.00 30.35 ? 281 HOH A O   1 
HETATM 1129 O O   . HOH B 2 .   ? -18.425 -2.939  -21.988 1.00 35.45 ? 282 HOH A O   1 
HETATM 1130 O O   . HOH B 2 .   ? -11.025 -4.725  -24.388 1.00 20.49 ? 283 HOH A O   1 
HETATM 1131 O O   . HOH B 2 .   ? 24.049  17.370  1.494   1.00 29.83 ? 284 HOH A O   1 
# 
